data_1UTX
# 
_entry.id   1UTX 
# 
_audit_conform.dict_name       mmcif_pdbx.dic 
_audit_conform.dict_version    5.391 
_audit_conform.dict_location   http://mmcif.pdb.org/dictionaries/ascii/mmcif_pdbx.dic 
# 
loop_
_database_2.database_id 
_database_2.database_code 
_database_2.pdbx_database_accession 
_database_2.pdbx_DOI 
PDB   1UTX         pdb_00001utx 10.2210/pdb1utx/pdb 
PDBE  EBI-13906    ?            ?                   
WWPDB D_1290013906 ?            ?                   
# 
loop_
_pdbx_audit_revision_history.ordinal 
_pdbx_audit_revision_history.data_content_type 
_pdbx_audit_revision_history.major_revision 
_pdbx_audit_revision_history.minor_revision 
_pdbx_audit_revision_history.revision_date 
1 'Structure model' 1 0 2004-09-16 
2 'Structure model' 1 1 2011-05-08 
3 'Structure model' 1 2 2011-07-13 
4 'Structure model' 1 3 2018-05-30 
5 'Structure model' 1 4 2024-05-08 
# 
_pdbx_audit_revision_details.ordinal             1 
_pdbx_audit_revision_details.revision_ordinal    1 
_pdbx_audit_revision_details.data_content_type   'Structure model' 
_pdbx_audit_revision_details.provider            repository 
_pdbx_audit_revision_details.type                'Initial release' 
_pdbx_audit_revision_details.description         ? 
_pdbx_audit_revision_details.details             ? 
# 
loop_
_pdbx_audit_revision_group.ordinal 
_pdbx_audit_revision_group.revision_ordinal 
_pdbx_audit_revision_group.data_content_type 
_pdbx_audit_revision_group.group 
1 2 'Structure model' 'Version format compliance' 
2 3 'Structure model' 'Version format compliance' 
3 4 'Structure model' 'Data collection'           
4 4 'Structure model' 'Database references'       
5 5 'Structure model' 'Data collection'           
6 5 'Structure model' 'Database references'       
7 5 'Structure model' 'Derived calculations'      
8 5 'Structure model' Other                       
# 
loop_
_pdbx_audit_revision_category.ordinal 
_pdbx_audit_revision_category.revision_ordinal 
_pdbx_audit_revision_category.data_content_type 
_pdbx_audit_revision_category.category 
1 4 'Structure model' citation             
2 5 'Structure model' chem_comp_atom       
3 5 'Structure model' chem_comp_bond       
4 5 'Structure model' database_2           
5 5 'Structure model' pdbx_database_status 
6 5 'Structure model' struct_conn          
# 
loop_
_pdbx_audit_revision_item.ordinal 
_pdbx_audit_revision_item.revision_ordinal 
_pdbx_audit_revision_item.data_content_type 
_pdbx_audit_revision_item.item 
1  4 'Structure model' '_citation.title'                      
2  5 'Structure model' '_database_2.pdbx_DOI'                 
3  5 'Structure model' '_database_2.pdbx_database_accession'  
4  5 'Structure model' '_pdbx_database_status.status_code_sf' 
5  5 'Structure model' '_struct_conn.ptnr1_auth_asym_id'      
6  5 'Structure model' '_struct_conn.ptnr1_auth_comp_id'      
7  5 'Structure model' '_struct_conn.ptnr1_auth_seq_id'       
8  5 'Structure model' '_struct_conn.ptnr1_label_asym_id'     
9  5 'Structure model' '_struct_conn.ptnr1_label_atom_id'     
10 5 'Structure model' '_struct_conn.ptnr1_label_comp_id'     
11 5 'Structure model' '_struct_conn.ptnr1_label_seq_id'      
12 5 'Structure model' '_struct_conn.ptnr2_auth_asym_id'      
13 5 'Structure model' '_struct_conn.ptnr2_auth_comp_id'      
14 5 'Structure model' '_struct_conn.ptnr2_auth_seq_id'       
15 5 'Structure model' '_struct_conn.ptnr2_label_asym_id'     
16 5 'Structure model' '_struct_conn.ptnr2_label_atom_id'     
17 5 'Structure model' '_struct_conn.ptnr2_label_comp_id'     
18 5 'Structure model' '_struct_conn.ptnr2_label_seq_id'      
# 
_pdbx_database_status.status_code                     REL 
_pdbx_database_status.entry_id                        1UTX 
_pdbx_database_status.deposit_site                    PDBE 
_pdbx_database_status.process_site                    PDBE 
_pdbx_database_status.SG_entry                        . 
_pdbx_database_status.recvd_initial_deposition_date   2003-12-12 
_pdbx_database_status.pdb_format_compatible           Y 
_pdbx_database_status.status_code_sf                  REL 
_pdbx_database_status.status_code_mr                  ? 
_pdbx_database_status.status_code_cs                  ? 
_pdbx_database_status.methods_development_category    ? 
_pdbx_database_status.status_code_nmr_data            ? 
# 
loop_
_audit_author.name 
_audit_author.pdbx_ordinal 
_audit_author.identifier_ORCID 
'Razeto, A.'       1 ? 
'Rumpel, S.'       2 ? 
'Pillar, C.M.'     3 ? 
'Gilmore, M.S.'    4 ? 
'Becker, S.'       5 ? 
'Zweckstetter, M.' 6 ? 
# 
_citation.id                        primary 
_citation.title                     
'Structure and DNA-Binding Properties of the Cytolysin Regulator CylR2 from Enterococcus Faecalis' 
_citation.journal_abbrev            'Embo J.' 
_citation.journal_volume            23 
_citation.page_first                3632 
_citation.page_last                 ? 
_citation.year                      2004 
_citation.journal_id_ASTM           EMJODG 
_citation.country                   UK 
_citation.journal_id_ISSN           0261-4189 
_citation.journal_id_CSD            0897 
_citation.book_publisher            ? 
_citation.pdbx_database_id_PubMed   15359276 
_citation.pdbx_database_id_DOI      10.1038/SJ.EMBOJ.7600367 
# 
loop_
_citation_author.citation_id 
_citation_author.name 
_citation_author.ordinal 
_citation_author.identifier_ORCID 
primary 'Rumpel, S.'       1 ? 
primary 'Razeto, A.'       2 ? 
primary 'Pillar, C.M.'     3 ? 
primary 'Vijayan, V.'      4 ? 
primary 'Taylor, A.'       5 ? 
primary 'Giller, K.'       6 ? 
primary 'Gilmore, M.S.'    7 ? 
primary 'Becker, S.'       8 ? 
primary 'Zweckstetter, M.' 9 ? 
# 
loop_
_entity.id 
_entity.type 
_entity.src_method 
_entity.pdbx_description 
_entity.formula_weight 
_entity.pdbx_number_of_molecules 
_entity.pdbx_ec 
_entity.pdbx_mutation 
_entity.pdbx_fragment 
_entity.details 
1 polymer     man CYLR2        7724.988 2   ? ? ? ? 
2 non-polymer syn 'IODIDE ION' 126.904  9   ? ? ? ? 
3 non-polymer syn 'SODIUM ION' 22.990   1   ? ? ? ? 
4 water       nat water        18.015   193 ? ? ? ? 
# 
_entity_poly.entity_id                      1 
_entity_poly.type                           'polypeptide(L)' 
_entity_poly.nstd_linkage                   no 
_entity_poly.nstd_monomer                   no 
_entity_poly.pdbx_seq_one_letter_code       MIINNLKLIREKKKISQSELAALLEVSRQTINGIEKNKYNPSLQLALKIAYYLNTPLEDIFQWQPE 
_entity_poly.pdbx_seq_one_letter_code_can   MIINNLKLIREKKKISQSELAALLEVSRQTINGIEKNKYNPSLQLALKIAYYLNTPLEDIFQWQPE 
_entity_poly.pdbx_strand_id                 A,B 
_entity_poly.pdbx_target_identifier         ? 
# 
loop_
_pdbx_entity_nonpoly.entity_id 
_pdbx_entity_nonpoly.name 
_pdbx_entity_nonpoly.comp_id 
2 'IODIDE ION' IOD 
3 'SODIUM ION' NA  
4 water        HOH 
# 
loop_
_entity_poly_seq.entity_id 
_entity_poly_seq.num 
_entity_poly_seq.mon_id 
_entity_poly_seq.hetero 
1 1  MET n 
1 2  ILE n 
1 3  ILE n 
1 4  ASN n 
1 5  ASN n 
1 6  LEU n 
1 7  LYS n 
1 8  LEU n 
1 9  ILE n 
1 10 ARG n 
1 11 GLU n 
1 12 LYS n 
1 13 LYS n 
1 14 LYS n 
1 15 ILE n 
1 16 SER n 
1 17 GLN n 
1 18 SER n 
1 19 GLU n 
1 20 LEU n 
1 21 ALA n 
1 22 ALA n 
1 23 LEU n 
1 24 LEU n 
1 25 GLU n 
1 26 VAL n 
1 27 SER n 
1 28 ARG n 
1 29 GLN n 
1 30 THR n 
1 31 ILE n 
1 32 ASN n 
1 33 GLY n 
1 34 ILE n 
1 35 GLU n 
1 36 LYS n 
1 37 ASN n 
1 38 LYS n 
1 39 TYR n 
1 40 ASN n 
1 41 PRO n 
1 42 SER n 
1 43 LEU n 
1 44 GLN n 
1 45 LEU n 
1 46 ALA n 
1 47 LEU n 
1 48 LYS n 
1 49 ILE n 
1 50 ALA n 
1 51 TYR n 
1 52 TYR n 
1 53 LEU n 
1 54 ASN n 
1 55 THR n 
1 56 PRO n 
1 57 LEU n 
1 58 GLU n 
1 59 ASP n 
1 60 ILE n 
1 61 PHE n 
1 62 GLN n 
1 63 TRP n 
1 64 GLN n 
1 65 PRO n 
1 66 GLU n 
# 
_entity_src_gen.entity_id                          1 
_entity_src_gen.pdbx_src_id                        1 
_entity_src_gen.pdbx_alt_source_flag               sample 
_entity_src_gen.pdbx_seq_type                      ? 
_entity_src_gen.pdbx_beg_seq_num                   ? 
_entity_src_gen.pdbx_end_seq_num                   ? 
_entity_src_gen.gene_src_common_name               ? 
_entity_src_gen.gene_src_genus                     ? 
_entity_src_gen.pdbx_gene_src_gene                 ? 
_entity_src_gen.gene_src_species                   ? 
_entity_src_gen.gene_src_strain                    'FA2-2(PAM714)' 
_entity_src_gen.gene_src_tissue                    ? 
_entity_src_gen.gene_src_tissue_fraction           ? 
_entity_src_gen.gene_src_details                   ? 
_entity_src_gen.pdbx_gene_src_fragment             ? 
_entity_src_gen.pdbx_gene_src_scientific_name      'ENTEROCOCCUS FAECALIS' 
_entity_src_gen.pdbx_gene_src_ncbi_taxonomy_id     1351 
_entity_src_gen.pdbx_gene_src_variant              ? 
_entity_src_gen.pdbx_gene_src_cell_line            ? 
_entity_src_gen.pdbx_gene_src_atcc                 19433 
_entity_src_gen.pdbx_gene_src_organ                ? 
_entity_src_gen.pdbx_gene_src_organelle            ? 
_entity_src_gen.pdbx_gene_src_cell                 ? 
_entity_src_gen.pdbx_gene_src_cellular_location    ? 
_entity_src_gen.host_org_common_name               ? 
_entity_src_gen.pdbx_host_org_scientific_name      'ESCHERICHIA COLI' 
_entity_src_gen.pdbx_host_org_ncbi_taxonomy_id     469008 
_entity_src_gen.host_org_genus                     ? 
_entity_src_gen.pdbx_host_org_gene                 ? 
_entity_src_gen.pdbx_host_org_organ                ? 
_entity_src_gen.host_org_species                   ? 
_entity_src_gen.pdbx_host_org_tissue               ? 
_entity_src_gen.pdbx_host_org_tissue_fraction      ? 
_entity_src_gen.pdbx_host_org_strain               'BL21(DE3)' 
_entity_src_gen.pdbx_host_org_variant              ? 
_entity_src_gen.pdbx_host_org_cell_line            ? 
_entity_src_gen.pdbx_host_org_atcc                 ? 
_entity_src_gen.pdbx_host_org_culture_collection   ? 
_entity_src_gen.pdbx_host_org_cell                 ? 
_entity_src_gen.pdbx_host_org_organelle            ? 
_entity_src_gen.pdbx_host_org_cellular_location    ? 
_entity_src_gen.pdbx_host_org_vector_type          PLASMID 
_entity_src_gen.pdbx_host_org_vector               ? 
_entity_src_gen.host_org_details                   ? 
_entity_src_gen.expression_system_id               ? 
_entity_src_gen.plasmid_name                       PET32A 
_entity_src_gen.plasmid_details                    ? 
_entity_src_gen.pdbx_description                   'DSM 20478, NCDO 581, NCIB 775, NCTC 775' 
# 
loop_
_chem_comp.id 
_chem_comp.type 
_chem_comp.mon_nstd_flag 
_chem_comp.name 
_chem_comp.pdbx_synonyms 
_chem_comp.formula 
_chem_comp.formula_weight 
ALA 'L-peptide linking' y ALANINE         ? 'C3 H7 N O2'     89.093  
ARG 'L-peptide linking' y ARGININE        ? 'C6 H15 N4 O2 1' 175.209 
ASN 'L-peptide linking' y ASPARAGINE      ? 'C4 H8 N2 O3'    132.118 
ASP 'L-peptide linking' y 'ASPARTIC ACID' ? 'C4 H7 N O4'     133.103 
GLN 'L-peptide linking' y GLUTAMINE       ? 'C5 H10 N2 O3'   146.144 
GLU 'L-peptide linking' y 'GLUTAMIC ACID' ? 'C5 H9 N O4'     147.129 
GLY 'peptide linking'   y GLYCINE         ? 'C2 H5 N O2'     75.067  
HOH non-polymer         . WATER           ? 'H2 O'           18.015  
ILE 'L-peptide linking' y ISOLEUCINE      ? 'C6 H13 N O2'    131.173 
IOD non-polymer         . 'IODIDE ION'    ? 'I -1'           126.904 
LEU 'L-peptide linking' y LEUCINE         ? 'C6 H13 N O2'    131.173 
LYS 'L-peptide linking' y LYSINE          ? 'C6 H15 N2 O2 1' 147.195 
MET 'L-peptide linking' y METHIONINE      ? 'C5 H11 N O2 S'  149.211 
NA  non-polymer         . 'SODIUM ION'    ? 'Na 1'           22.990  
PHE 'L-peptide linking' y PHENYLALANINE   ? 'C9 H11 N O2'    165.189 
PRO 'L-peptide linking' y PROLINE         ? 'C5 H9 N O2'     115.130 
SER 'L-peptide linking' y SERINE          ? 'C3 H7 N O3'     105.093 
THR 'L-peptide linking' y THREONINE       ? 'C4 H9 N O3'     119.119 
TRP 'L-peptide linking' y TRYPTOPHAN      ? 'C11 H12 N2 O2'  204.225 
TYR 'L-peptide linking' y TYROSINE        ? 'C9 H11 N O3'    181.189 
VAL 'L-peptide linking' y VALINE          ? 'C5 H11 N O2'    117.146 
# 
loop_
_pdbx_poly_seq_scheme.asym_id 
_pdbx_poly_seq_scheme.entity_id 
_pdbx_poly_seq_scheme.seq_id 
_pdbx_poly_seq_scheme.mon_id 
_pdbx_poly_seq_scheme.ndb_seq_num 
_pdbx_poly_seq_scheme.pdb_seq_num 
_pdbx_poly_seq_scheme.auth_seq_num 
_pdbx_poly_seq_scheme.pdb_mon_id 
_pdbx_poly_seq_scheme.auth_mon_id 
_pdbx_poly_seq_scheme.pdb_strand_id 
_pdbx_poly_seq_scheme.pdb_ins_code 
_pdbx_poly_seq_scheme.hetero 
A 1 1  MET 1  1  1  MET MET A . n 
A 1 2  ILE 2  2  2  ILE ILE A . n 
A 1 3  ILE 3  3  3  ILE ILE A . n 
A 1 4  ASN 4  4  4  ASN ASN A . n 
A 1 5  ASN 5  5  5  ASN ASN A . n 
A 1 6  LEU 6  6  6  LEU LEU A . n 
A 1 7  LYS 7  7  7  LYS LYS A . n 
A 1 8  LEU 8  8  8  LEU LEU A . n 
A 1 9  ILE 9  9  9  ILE ILE A . n 
A 1 10 ARG 10 10 10 ARG ARG A . n 
A 1 11 GLU 11 11 11 GLU GLU A . n 
A 1 12 LYS 12 12 12 LYS LYS A . n 
A 1 13 LYS 13 13 13 LYS LYS A . n 
A 1 14 LYS 14 14 14 LYS LYS A . n 
A 1 15 ILE 15 15 15 ILE ILE A . n 
A 1 16 SER 16 16 16 SER SER A . n 
A 1 17 GLN 17 17 17 GLN GLN A . n 
A 1 18 SER 18 18 18 SER SER A . n 
A 1 19 GLU 19 19 19 GLU GLU A . n 
A 1 20 LEU 20 20 20 LEU LEU A . n 
A 1 21 ALA 21 21 21 ALA ALA A . n 
A 1 22 ALA 22 22 22 ALA ALA A . n 
A 1 23 LEU 23 23 23 LEU LEU A . n 
A 1 24 LEU 24 24 24 LEU LEU A . n 
A 1 25 GLU 25 25 25 GLU GLU A . n 
A 1 26 VAL 26 26 26 VAL VAL A . n 
A 1 27 SER 27 27 27 SER SER A . n 
A 1 28 ARG 28 28 28 ARG ARG A . n 
A 1 29 GLN 29 29 29 GLN GLN A . n 
A 1 30 THR 30 30 30 THR THR A . n 
A 1 31 ILE 31 31 31 ILE ILE A . n 
A 1 32 ASN 32 32 32 ASN ASN A . n 
A 1 33 GLY 33 33 33 GLY GLY A . n 
A 1 34 ILE 34 34 34 ILE ILE A . n 
A 1 35 GLU 35 35 35 GLU GLU A . n 
A 1 36 LYS 36 36 36 LYS LYS A . n 
A 1 37 ASN 37 37 37 ASN ASN A . n 
A 1 38 LYS 38 38 38 LYS LYS A . n 
A 1 39 TYR 39 39 39 TYR TYR A . n 
A 1 40 ASN 40 40 40 ASN ASN A . n 
A 1 41 PRO 41 41 41 PRO PRO A . n 
A 1 42 SER 42 42 42 SER SER A . n 
A 1 43 LEU 43 43 43 LEU LEU A . n 
A 1 44 GLN 44 44 44 GLN GLN A . n 
A 1 45 LEU 45 45 45 LEU LEU A . n 
A 1 46 ALA 46 46 46 ALA ALA A . n 
A 1 47 LEU 47 47 47 LEU LEU A . n 
A 1 48 LYS 48 48 48 LYS LYS A . n 
A 1 49 ILE 49 49 49 ILE ILE A . n 
A 1 50 ALA 50 50 50 ALA ALA A . n 
A 1 51 TYR 51 51 51 TYR TYR A . n 
A 1 52 TYR 52 52 52 TYR TYR A . n 
A 1 53 LEU 53 53 53 LEU LEU A . n 
A 1 54 ASN 54 54 54 ASN ASN A . n 
A 1 55 THR 55 55 55 THR THR A . n 
A 1 56 PRO 56 56 56 PRO PRO A . n 
A 1 57 LEU 57 57 57 LEU LEU A . n 
A 1 58 GLU 58 58 58 GLU GLU A . n 
A 1 59 ASP 59 59 59 ASP ASP A . n 
A 1 60 ILE 60 60 60 ILE ILE A . n 
A 1 61 PHE 61 61 61 PHE PHE A . n 
A 1 62 GLN 62 62 62 GLN GLN A . n 
A 1 63 TRP 63 63 63 TRP TRP A . n 
A 1 64 GLN 64 64 64 GLN GLN A . n 
A 1 65 PRO 65 65 65 PRO PRO A . n 
A 1 66 GLU 66 66 66 GLU GLU A . n 
B 1 1  MET 1  1  1  MET MET B . n 
B 1 2  ILE 2  2  2  ILE ILE B . n 
B 1 3  ILE 3  3  3  ILE ILE B . n 
B 1 4  ASN 4  4  4  ASN ASN B . n 
B 1 5  ASN 5  5  5  ASN ASN B . n 
B 1 6  LEU 6  6  6  LEU LEU B . n 
B 1 7  LYS 7  7  7  LYS LYS B . n 
B 1 8  LEU 8  8  8  LEU LEU B . n 
B 1 9  ILE 9  9  9  ILE ILE B . n 
B 1 10 ARG 10 10 10 ARG ARG B . n 
B 1 11 GLU 11 11 11 GLU GLU B . n 
B 1 12 LYS 12 12 12 LYS LYS B . n 
B 1 13 LYS 13 13 13 LYS LYS B . n 
B 1 14 LYS 14 14 14 LYS LYS B . n 
B 1 15 ILE 15 15 15 ILE ILE B . n 
B 1 16 SER 16 16 16 SER SER B . n 
B 1 17 GLN 17 17 17 GLN GLN B . n 
B 1 18 SER 18 18 18 SER SER B . n 
B 1 19 GLU 19 19 19 GLU GLU B . n 
B 1 20 LEU 20 20 20 LEU LEU B . n 
B 1 21 ALA 21 21 21 ALA ALA B . n 
B 1 22 ALA 22 22 22 ALA ALA B . n 
B 1 23 LEU 23 23 23 LEU LEU B . n 
B 1 24 LEU 24 24 24 LEU LEU B . n 
B 1 25 GLU 25 25 25 GLU GLU B . n 
B 1 26 VAL 26 26 26 VAL VAL B . n 
B 1 27 SER 27 27 27 SER SER B . n 
B 1 28 ARG 28 28 28 ARG ARG B . n 
B 1 29 GLN 29 29 29 GLN GLN B . n 
B 1 30 THR 30 30 30 THR THR B . n 
B 1 31 ILE 31 31 31 ILE ILE B . n 
B 1 32 ASN 32 32 32 ASN ASN B . n 
B 1 33 GLY 33 33 33 GLY GLY B . n 
B 1 34 ILE 34 34 34 ILE ILE B . n 
B 1 35 GLU 35 35 35 GLU GLU B . n 
B 1 36 LYS 36 36 36 LYS LYS B . n 
B 1 37 ASN 37 37 37 ASN ASN B . n 
B 1 38 LYS 38 38 38 LYS LYS B . n 
B 1 39 TYR 39 39 39 TYR TYR B . n 
B 1 40 ASN 40 40 40 ASN ASN B . n 
B 1 41 PRO 41 41 41 PRO PRO B . n 
B 1 42 SER 42 42 42 SER SER B . n 
B 1 43 LEU 43 43 43 LEU LEU B . n 
B 1 44 GLN 44 44 44 GLN GLN B . n 
B 1 45 LEU 45 45 45 LEU LEU B . n 
B 1 46 ALA 46 46 46 ALA ALA B . n 
B 1 47 LEU 47 47 47 LEU LEU B . n 
B 1 48 LYS 48 48 48 LYS LYS B . n 
B 1 49 ILE 49 49 49 ILE ILE B . n 
B 1 50 ALA 50 50 50 ALA ALA B . n 
B 1 51 TYR 51 51 51 TYR TYR B . n 
B 1 52 TYR 52 52 52 TYR TYR B . n 
B 1 53 LEU 53 53 53 LEU LEU B . n 
B 1 54 ASN 54 54 54 ASN ASN B . n 
B 1 55 THR 55 55 55 THR THR B . n 
B 1 56 PRO 56 56 56 PRO PRO B . n 
B 1 57 LEU 57 57 57 LEU LEU B . n 
B 1 58 GLU 58 58 58 GLU GLU B . n 
B 1 59 ASP 59 59 59 ASP ASP B . n 
B 1 60 ILE 60 60 60 ILE ILE B . n 
B 1 61 PHE 61 61 61 PHE PHE B . n 
B 1 62 GLN 62 62 62 GLN GLN B . n 
B 1 63 TRP 63 63 63 TRP TRP B . n 
B 1 64 GLN 64 64 64 GLN GLN B . n 
B 1 65 PRO 65 65 65 PRO PRO B . n 
B 1 66 GLU 66 66 66 GLU GLU B . n 
# 
loop_
_pdbx_nonpoly_scheme.asym_id 
_pdbx_nonpoly_scheme.entity_id 
_pdbx_nonpoly_scheme.mon_id 
_pdbx_nonpoly_scheme.ndb_seq_num 
_pdbx_nonpoly_scheme.pdb_seq_num 
_pdbx_nonpoly_scheme.auth_seq_num 
_pdbx_nonpoly_scheme.pdb_mon_id 
_pdbx_nonpoly_scheme.auth_mon_id 
_pdbx_nonpoly_scheme.pdb_strand_id 
_pdbx_nonpoly_scheme.pdb_ins_code 
C 2 IOD 1   1067 1067 IOD IOD A . 
D 2 IOD 1   1068 1068 IOD IOD A . 
E 2 IOD 1   1069 1069 IOD IOD A . 
F 2 IOD 1   1070 1070 IOD IOD A . 
G 2 IOD 1   1072 1072 IOD IOD A . 
H 2 IOD 1   1067 1067 IOD IOD B . 
I 2 IOD 1   1068 1068 IOD IOD B . 
J 2 IOD 1   1069 1069 IOD IOD B . 
K 3 NA  1   1074 1074 NA  NA  B . 
L 2 IOD 1   1075 1075 IOD IOD B . 
M 4 HOH 1   2001 2001 HOH HOH A . 
M 4 HOH 2   2002 2002 HOH HOH A . 
M 4 HOH 3   2003 2003 HOH HOH A . 
M 4 HOH 4   2004 2004 HOH HOH A . 
M 4 HOH 5   2005 2005 HOH HOH A . 
M 4 HOH 6   2006 2006 HOH HOH A . 
M 4 HOH 7   2007 2007 HOH HOH A . 
M 4 HOH 8   2008 2008 HOH HOH A . 
M 4 HOH 9   2009 2009 HOH HOH A . 
M 4 HOH 10  2010 2010 HOH HOH A . 
M 4 HOH 11  2011 2011 HOH HOH A . 
M 4 HOH 12  2012 2012 HOH HOH A . 
M 4 HOH 13  2013 2013 HOH HOH A . 
M 4 HOH 14  2014 2014 HOH HOH A . 
M 4 HOH 15  2015 2015 HOH HOH A . 
M 4 HOH 16  2016 2016 HOH HOH A . 
M 4 HOH 17  2017 2017 HOH HOH A . 
M 4 HOH 18  2018 2018 HOH HOH A . 
M 4 HOH 19  2019 2019 HOH HOH A . 
M 4 HOH 20  2020 2020 HOH HOH A . 
M 4 HOH 21  2021 2021 HOH HOH A . 
M 4 HOH 22  2022 2022 HOH HOH A . 
M 4 HOH 23  2023 2023 HOH HOH A . 
M 4 HOH 24  2024 2024 HOH HOH A . 
M 4 HOH 25  2025 2025 HOH HOH A . 
M 4 HOH 26  2026 2026 HOH HOH A . 
M 4 HOH 27  2027 2027 HOH HOH A . 
M 4 HOH 28  2028 2028 HOH HOH A . 
M 4 HOH 29  2029 2029 HOH HOH A . 
M 4 HOH 30  2030 2030 HOH HOH A . 
M 4 HOH 31  2031 2031 HOH HOH A . 
M 4 HOH 32  2032 2032 HOH HOH A . 
M 4 HOH 33  2033 2033 HOH HOH A . 
M 4 HOH 34  2034 2034 HOH HOH A . 
M 4 HOH 35  2035 2035 HOH HOH A . 
M 4 HOH 36  2036 2036 HOH HOH A . 
M 4 HOH 37  2037 2037 HOH HOH A . 
M 4 HOH 38  2038 2038 HOH HOH A . 
M 4 HOH 39  2039 2039 HOH HOH A . 
M 4 HOH 40  2040 2040 HOH HOH A . 
M 4 HOH 41  2041 2041 HOH HOH A . 
M 4 HOH 42  2042 2042 HOH HOH A . 
M 4 HOH 43  2043 2043 HOH HOH A . 
M 4 HOH 44  2044 2044 HOH HOH A . 
M 4 HOH 45  2045 2045 HOH HOH A . 
M 4 HOH 46  2046 2046 HOH HOH A . 
M 4 HOH 47  2047 2047 HOH HOH A . 
M 4 HOH 48  2048 2048 HOH HOH A . 
M 4 HOH 49  2049 2049 HOH HOH A . 
M 4 HOH 50  2050 2050 HOH HOH A . 
M 4 HOH 51  2051 2051 HOH HOH A . 
M 4 HOH 52  2052 2052 HOH HOH A . 
M 4 HOH 53  2053 2053 HOH HOH A . 
M 4 HOH 54  2054 2054 HOH HOH A . 
M 4 HOH 55  2055 2055 HOH HOH A . 
M 4 HOH 56  2056 2056 HOH HOH A . 
M 4 HOH 57  2057 2057 HOH HOH A . 
M 4 HOH 58  2058 2058 HOH HOH A . 
M 4 HOH 59  2059 2059 HOH HOH A . 
M 4 HOH 60  2060 2060 HOH HOH A . 
M 4 HOH 61  2061 2061 HOH HOH A . 
M 4 HOH 62  2062 2062 HOH HOH A . 
M 4 HOH 63  2063 2063 HOH HOH A . 
M 4 HOH 64  2064 2064 HOH HOH A . 
M 4 HOH 65  2065 2065 HOH HOH A . 
M 4 HOH 66  2066 2066 HOH HOH A . 
M 4 HOH 67  2067 2067 HOH HOH A . 
M 4 HOH 68  2068 2068 HOH HOH A . 
M 4 HOH 69  2069 2069 HOH HOH A . 
M 4 HOH 70  2070 2070 HOH HOH A . 
M 4 HOH 71  2071 2071 HOH HOH A . 
M 4 HOH 72  2072 2072 HOH HOH A . 
M 4 HOH 73  2073 2073 HOH HOH A . 
M 4 HOH 74  2074 2074 HOH HOH A . 
M 4 HOH 75  2075 2075 HOH HOH A . 
M 4 HOH 76  2076 2076 HOH HOH A . 
M 4 HOH 77  2077 2077 HOH HOH A . 
M 4 HOH 78  2078 2078 HOH HOH A . 
M 4 HOH 79  2079 2079 HOH HOH A . 
M 4 HOH 80  2080 2080 HOH HOH A . 
M 4 HOH 81  2081 2081 HOH HOH A . 
M 4 HOH 82  2082 2082 HOH HOH A . 
M 4 HOH 83  2083 2083 HOH HOH A . 
M 4 HOH 84  2084 2084 HOH HOH A . 
M 4 HOH 85  2085 2085 HOH HOH A . 
M 4 HOH 86  2086 2086 HOH HOH A . 
M 4 HOH 87  2087 2087 HOH HOH A . 
M 4 HOH 88  2088 2088 HOH HOH A . 
M 4 HOH 89  2089 2089 HOH HOH A . 
M 4 HOH 90  2090 2090 HOH HOH A . 
M 4 HOH 91  2091 2091 HOH HOH A . 
M 4 HOH 92  2092 2092 HOH HOH A . 
M 4 HOH 93  2093 2093 HOH HOH A . 
M 4 HOH 94  2094 2094 HOH HOH A . 
M 4 HOH 95  2095 2095 HOH HOH A . 
M 4 HOH 96  2096 2096 HOH HOH A . 
M 4 HOH 97  2097 2097 HOH HOH A . 
M 4 HOH 98  2098 2098 HOH HOH A . 
M 4 HOH 99  2099 2099 HOH HOH A . 
M 4 HOH 100 2100 2100 HOH HOH A . 
M 4 HOH 101 2101 2101 HOH HOH A . 
M 4 HOH 102 2102 2102 HOH HOH A . 
N 4 HOH 1   2001 2001 HOH HOH B . 
N 4 HOH 2   2002 2002 HOH HOH B . 
N 4 HOH 3   2003 2003 HOH HOH B . 
N 4 HOH 4   2004 2004 HOH HOH B . 
N 4 HOH 5   2005 2005 HOH HOH B . 
N 4 HOH 6   2006 2006 HOH HOH B . 
N 4 HOH 7   2007 2007 HOH HOH B . 
N 4 HOH 8   2008 2008 HOH HOH B . 
N 4 HOH 9   2009 2009 HOH HOH B . 
N 4 HOH 10  2010 2010 HOH HOH B . 
N 4 HOH 11  2011 2011 HOH HOH B . 
N 4 HOH 12  2012 2012 HOH HOH B . 
N 4 HOH 13  2013 2013 HOH HOH B . 
N 4 HOH 14  2014 2014 HOH HOH B . 
N 4 HOH 15  2015 2015 HOH HOH B . 
N 4 HOH 16  2016 2016 HOH HOH B . 
N 4 HOH 17  2017 2017 HOH HOH B . 
N 4 HOH 18  2018 2018 HOH HOH B . 
N 4 HOH 19  2019 2019 HOH HOH B . 
N 4 HOH 20  2020 2020 HOH HOH B . 
N 4 HOH 21  2021 2021 HOH HOH B . 
N 4 HOH 22  2022 2022 HOH HOH B . 
N 4 HOH 23  2023 2023 HOH HOH B . 
N 4 HOH 24  2024 2024 HOH HOH B . 
N 4 HOH 25  2025 2025 HOH HOH B . 
N 4 HOH 26  2026 2026 HOH HOH B . 
N 4 HOH 27  2027 2027 HOH HOH B . 
N 4 HOH 28  2028 2028 HOH HOH B . 
N 4 HOH 29  2029 2029 HOH HOH B . 
N 4 HOH 30  2030 2030 HOH HOH B . 
N 4 HOH 31  2031 2031 HOH HOH B . 
N 4 HOH 32  2032 2032 HOH HOH B . 
N 4 HOH 33  2033 2033 HOH HOH B . 
N 4 HOH 34  2034 2034 HOH HOH B . 
N 4 HOH 35  2035 2035 HOH HOH B . 
N 4 HOH 36  2036 2036 HOH HOH B . 
N 4 HOH 37  2037 2037 HOH HOH B . 
N 4 HOH 38  2038 2038 HOH HOH B . 
N 4 HOH 39  2039 2039 HOH HOH B . 
N 4 HOH 40  2040 2040 HOH HOH B . 
N 4 HOH 41  2041 2041 HOH HOH B . 
N 4 HOH 42  2042 2042 HOH HOH B . 
N 4 HOH 43  2043 2043 HOH HOH B . 
N 4 HOH 44  2044 2044 HOH HOH B . 
N 4 HOH 45  2045 2045 HOH HOH B . 
N 4 HOH 46  2046 2046 HOH HOH B . 
N 4 HOH 47  2047 2047 HOH HOH B . 
N 4 HOH 48  2048 2048 HOH HOH B . 
N 4 HOH 49  2049 2049 HOH HOH B . 
N 4 HOH 50  2050 2050 HOH HOH B . 
N 4 HOH 51  2051 2051 HOH HOH B . 
N 4 HOH 52  2052 2052 HOH HOH B . 
N 4 HOH 53  2053 2053 HOH HOH B . 
N 4 HOH 54  2054 2054 HOH HOH B . 
N 4 HOH 55  2055 2055 HOH HOH B . 
N 4 HOH 56  2056 2056 HOH HOH B . 
N 4 HOH 57  2057 2057 HOH HOH B . 
N 4 HOH 58  2058 2058 HOH HOH B . 
N 4 HOH 59  2059 2059 HOH HOH B . 
N 4 HOH 60  2060 2060 HOH HOH B . 
N 4 HOH 61  2061 2061 HOH HOH B . 
N 4 HOH 62  2062 2062 HOH HOH B . 
N 4 HOH 63  2063 2063 HOH HOH B . 
N 4 HOH 64  2064 2064 HOH HOH B . 
N 4 HOH 65  2065 2065 HOH HOH B . 
N 4 HOH 66  2066 2066 HOH HOH B . 
N 4 HOH 67  2067 2067 HOH HOH B . 
N 4 HOH 68  2068 2068 HOH HOH B . 
N 4 HOH 69  2069 2069 HOH HOH B . 
N 4 HOH 70  2070 2070 HOH HOH B . 
N 4 HOH 71  2071 2071 HOH HOH B . 
N 4 HOH 72  2072 2072 HOH HOH B . 
N 4 HOH 73  2073 2073 HOH HOH B . 
N 4 HOH 74  2074 2074 HOH HOH B . 
N 4 HOH 75  2075 2075 HOH HOH B . 
N 4 HOH 76  2076 2076 HOH HOH B . 
N 4 HOH 77  2077 2077 HOH HOH B . 
N 4 HOH 78  2078 2078 HOH HOH B . 
N 4 HOH 79  2079 2079 HOH HOH B . 
N 4 HOH 80  2080 2080 HOH HOH B . 
N 4 HOH 81  2081 2081 HOH HOH B . 
N 4 HOH 82  2082 2082 HOH HOH B . 
N 4 HOH 83  2083 2083 HOH HOH B . 
N 4 HOH 84  2084 2084 HOH HOH B . 
N 4 HOH 85  2085 2085 HOH HOH B . 
N 4 HOH 86  2086 2086 HOH HOH B . 
N 4 HOH 87  2087 2087 HOH HOH B . 
N 4 HOH 88  2088 2088 HOH HOH B . 
N 4 HOH 89  2089 2089 HOH HOH B . 
N 4 HOH 90  2090 2090 HOH HOH B . 
N 4 HOH 91  2091 2091 HOH HOH B . 
# 
loop_
_pdbx_unobs_or_zero_occ_atoms.id 
_pdbx_unobs_or_zero_occ_atoms.PDB_model_num 
_pdbx_unobs_or_zero_occ_atoms.polymer_flag 
_pdbx_unobs_or_zero_occ_atoms.occupancy_flag 
_pdbx_unobs_or_zero_occ_atoms.auth_asym_id 
_pdbx_unobs_or_zero_occ_atoms.auth_comp_id 
_pdbx_unobs_or_zero_occ_atoms.auth_seq_id 
_pdbx_unobs_or_zero_occ_atoms.PDB_ins_code 
_pdbx_unobs_or_zero_occ_atoms.auth_atom_id 
_pdbx_unobs_or_zero_occ_atoms.label_alt_id 
_pdbx_unobs_or_zero_occ_atoms.label_asym_id 
_pdbx_unobs_or_zero_occ_atoms.label_comp_id 
_pdbx_unobs_or_zero_occ_atoms.label_seq_id 
_pdbx_unobs_or_zero_occ_atoms.label_atom_id 
1  1 Y 1 A MET 1  ? CE ? A MET 1  CE 
2  1 Y 1 A LYS 12 ? CD ? A LYS 12 CD 
3  1 Y 1 A LYS 12 ? CE ? A LYS 12 CE 
4  1 Y 1 A LYS 12 ? NZ ? A LYS 12 NZ 
5  1 Y 1 B MET 1  ? CG ? B MET 1  CG 
6  1 Y 1 B MET 1  ? SD ? B MET 1  SD 
7  1 Y 1 B MET 1  ? CE ? B MET 1  CE 
8  1 Y 1 B LYS 12 ? CG ? B LYS 12 CG 
9  1 Y 1 B LYS 12 ? CD ? B LYS 12 CD 
10 1 Y 1 B LYS 12 ? CE ? B LYS 12 CE 
11 1 Y 1 B LYS 12 ? NZ ? B LYS 12 NZ 
12 1 Y 1 B LYS 14 ? CD ? B LYS 14 CD 
13 1 Y 1 B LYS 14 ? CE ? B LYS 14 CE 
14 1 Y 1 B LYS 14 ? NZ ? B LYS 14 NZ 
15 1 Y 1 B LYS 36 ? CE ? B LYS 36 CE 
16 1 Y 1 B LYS 36 ? NZ ? B LYS 36 NZ 
# 
loop_
_software.name 
_software.classification 
_software.version 
_software.citation_id 
_software.pdbx_ordinal 
_software.date 
_software.type 
_software.location 
_software.language 
DENZO     'data reduction' .      ? 1 ? ? ? ? 
SCALEPACK 'data scaling'   .      ? 2 ? ? ? ? 
SHELXD    phasing          .      ? 3 ? ? ? ? 
SHELXE    phasing          .      ? 4 ? ? ? ? 
REFMAC    refinement       5.1.24 ? 5 ? ? ? ? 
# 
_cell.entry_id           1UTX 
_cell.length_a           63.679 
_cell.length_b           63.679 
_cell.length_c           41.187 
_cell.angle_alpha        90.00 
_cell.angle_beta         90.00 
_cell.angle_gamma        90.00 
_cell.Z_PDB              8 
_cell.pdbx_unique_axis   ? 
# 
_symmetry.entry_id                         1UTX 
_symmetry.space_group_name_H-M             'P 41' 
_symmetry.pdbx_full_space_group_name_H-M   ? 
_symmetry.cell_setting                     ? 
_symmetry.Int_Tables_number                76 
# 
_exptl.entry_id          1UTX 
_exptl.method            'X-RAY DIFFRACTION' 
_exptl.crystals_number   1 
# 
_exptl_crystal.id                    1 
_exptl_crystal.density_meas          ? 
_exptl_crystal.density_Matthews      2.7 
_exptl_crystal.density_percent_sol   54.3 
_exptl_crystal.description           ? 
# 
_exptl_crystal_grow.crystal_id      1 
_exptl_crystal_grow.method          ? 
_exptl_crystal_grow.temp            ? 
_exptl_crystal_grow.temp_details    ? 
_exptl_crystal_grow.pH              7.00 
_exptl_crystal_grow.pdbx_pH_range   ? 
_exptl_crystal_grow.pdbx_details    'SALTING-IN BY DIALYSIS AGAINST 0.2 M NAI, 10 % GLYCEROL, 50 MM HEPES PH 7.0' 
# 
_diffrn.id                     1 
_diffrn.ambient_temp           100.0 
_diffrn.ambient_temp_details   ? 
_diffrn.crystal_id             1 
# 
_diffrn_detector.diffrn_id              1 
_diffrn_detector.detector               'IMAGE PLATE' 
_diffrn_detector.type                   'MAR scanner 345 mm plate' 
_diffrn_detector.pdbx_collection_date   2003-01-15 
_diffrn_detector.details                'COSMIC MIRRORS CMF12-38CU6' 
# 
_diffrn_radiation.diffrn_id                        1 
_diffrn_radiation.wavelength_id                    1 
_diffrn_radiation.pdbx_monochromatic_or_laue_m_l   M 
_diffrn_radiation.monochromator                    ? 
_diffrn_radiation.pdbx_diffrn_protocol             'SINGLE WAVELENGTH' 
_diffrn_radiation.pdbx_scattering_type             x-ray 
# 
_diffrn_radiation_wavelength.id           1 
_diffrn_radiation_wavelength.wavelength   1.5418 
_diffrn_radiation_wavelength.wt           1.0 
# 
_diffrn_source.diffrn_id                   1 
_diffrn_source.source                      'ROTATING ANODE' 
_diffrn_source.type                        'SIEMENS M18X' 
_diffrn_source.pdbx_synchrotron_site       ? 
_diffrn_source.pdbx_synchrotron_beamline   ? 
_diffrn_source.pdbx_wavelength             1.5418 
_diffrn_source.pdbx_wavelength_list        ? 
# 
_reflns.pdbx_diffrn_id               1 
_reflns.pdbx_ordinal                 1 
_reflns.entry_id                     1UTX 
_reflns.observed_criterion_sigma_I   ? 
_reflns.observed_criterion_sigma_F   ? 
_reflns.d_resolution_low             20.000 
_reflns.d_resolution_high            1.900 
_reflns.number_obs                   13086 
_reflns.number_all                   ? 
_reflns.percent_possible_obs         99.2 
_reflns.pdbx_Rmerge_I_obs            0.10400 
_reflns.pdbx_Rsym_value              ? 
_reflns.pdbx_netI_over_sigmaI        19.0000 
_reflns.B_iso_Wilson_estimate        25.00 
_reflns.pdbx_redundancy              14.800 
_reflns.pdbx_CC_half                 ? 
_reflns.pdbx_Rpim_I_all              ? 
_reflns.pdbx_Rrim_I_all              ? 
# 
_reflns_shell.pdbx_diffrn_id         1 
_reflns_shell.pdbx_ordinal           1 
_reflns_shell.d_res_high             1.90 
_reflns_shell.d_res_low              2.00 
_reflns_shell.percent_possible_all   99.9 
_reflns_shell.Rmerge_I_obs           0.44000 
_reflns_shell.pdbx_Rsym_value        ? 
_reflns_shell.meanI_over_sigI_obs    5.800 
_reflns_shell.pdbx_redundancy        13.20 
_reflns_shell.number_measured_obs    ? 
_reflns_shell.number_unique_all      ? 
_reflns_shell.number_unique_obs      ? 
_reflns_shell.pdbx_CC_half           ? 
_reflns_shell.pdbx_Rpim_I_all        ? 
_reflns_shell.pdbx_Rrim_I_all        ? 
# 
_refine.pdbx_refine_id                           'X-RAY DIFFRACTION' 
_refine.entry_id                                 1UTX 
_refine.pdbx_diffrn_id                           1 
_refine.pdbx_TLS_residual_ADP_flag               ? 
_refine.ls_number_reflns_obs                     13208 
_refine.ls_number_reflns_all                     ? 
_refine.pdbx_ls_sigma_I                          ? 
_refine.pdbx_ls_sigma_F                          ? 
_refine.pdbx_data_cutoff_high_absF               ? 
_refine.pdbx_data_cutoff_low_absF                ? 
_refine.pdbx_data_cutoff_high_rms_absF           ? 
_refine.ls_d_res_low                             19.76 
_refine.ls_d_res_high                            1.90 
_refine.ls_percent_reflns_obs                    100.0 
_refine.ls_R_factor_obs                          0.155 
_refine.ls_R_factor_all                          ? 
_refine.ls_R_factor_R_work                       0.153 
_refine.ls_R_factor_R_free                       0.193 
_refine.ls_R_factor_R_free_error                 ? 
_refine.ls_R_factor_R_free_error_details         ? 
_refine.ls_percent_reflns_R_free                 5.000 
_refine.ls_number_reflns_R_free                  651 
_refine.ls_number_parameters                     ? 
_refine.ls_number_restraints                     ? 
_refine.occupancy_min                            ? 
_refine.occupancy_max                            ? 
_refine.correlation_coeff_Fo_to_Fc               0.964 
_refine.correlation_coeff_Fo_to_Fc_free          0.951 
_refine.B_iso_mean                               25.00 
_refine.aniso_B[1][1]                            -0.19000 
_refine.aniso_B[2][2]                            -0.19000 
_refine.aniso_B[3][3]                            0.38000 
_refine.aniso_B[1][2]                            0.00000 
_refine.aniso_B[1][3]                            0.00000 
_refine.aniso_B[2][3]                            0.00000 
_refine.solvent_model_details                    'BABINET MODEL PLUS MASK' 
_refine.solvent_model_param_ksol                 ? 
_refine.solvent_model_param_bsol                 ? 
_refine.pdbx_solvent_vdw_probe_radii             1.40 
_refine.pdbx_solvent_ion_probe_radii             0.80 
_refine.pdbx_solvent_shrinkage_radii             0.80 
_refine.pdbx_ls_cross_valid_method               THROUGHOUT 
_refine.details                                  'HYDROGENS HAVE BEEN ADDED IN THE RIDING POSITIONS' 
_refine.pdbx_starting_model                      ? 
_refine.pdbx_method_to_determine_struct          OTHER 
_refine.pdbx_isotropic_thermal_model             ? 
_refine.pdbx_stereochemistry_target_values       'MAXIMUM LIKELIHOOD' 
_refine.pdbx_stereochem_target_val_spec_case     ? 
_refine.pdbx_R_Free_selection_details            RANDOM 
_refine.pdbx_overall_ESU_R                       0.117 
_refine.pdbx_overall_ESU_R_Free                  0.119 
_refine.overall_SU_ML                            0.058 
_refine.pdbx_overall_phase_error                 ? 
_refine.overall_SU_B                             1.982 
_refine.overall_SU_R_Cruickshank_DPI             ? 
_refine.pdbx_overall_SU_R_free_Cruickshank_DPI   ? 
_refine.pdbx_overall_SU_R_Blow_DPI               ? 
_refine.pdbx_overall_SU_R_free_Blow_DPI          ? 
# 
_refine_hist.pdbx_refine_id                   'X-RAY DIFFRACTION' 
_refine_hist.cycle_id                         LAST 
_refine_hist.pdbx_number_atoms_protein        1071 
_refine_hist.pdbx_number_atoms_nucleic_acid   0 
_refine_hist.pdbx_number_atoms_ligand         10 
_refine_hist.number_atoms_solvent             193 
_refine_hist.number_atoms_total               1274 
_refine_hist.d_res_high                       1.90 
_refine_hist.d_res_low                        19.76 
# 
loop_
_refine_ls_restr.type 
_refine_ls_restr.dev_ideal 
_refine_ls_restr.dev_ideal_target 
_refine_ls_restr.weight 
_refine_ls_restr.number 
_refine_ls_restr.pdbx_refine_id 
_refine_ls_restr.pdbx_restraint_function 
r_bond_refined_d             0.012 0.022 ? 1090 'X-RAY DIFFRACTION' ? 
r_bond_other_d               0.002 0.020 ? 1020 'X-RAY DIFFRACTION' ? 
r_angle_refined_deg          1.219 1.981 ? 1475 'X-RAY DIFFRACTION' ? 
r_angle_other_deg            0.812 3.000 ? 2392 'X-RAY DIFFRACTION' ? 
r_dihedral_angle_1_deg       4.857 5.000 ? 130  'X-RAY DIFFRACTION' ? 
r_dihedral_angle_2_deg       ?     ?     ? ?    'X-RAY DIFFRACTION' ? 
r_dihedral_angle_3_deg       ?     ?     ? ?    'X-RAY DIFFRACTION' ? 
r_dihedral_angle_4_deg       ?     ?     ? ?    'X-RAY DIFFRACTION' ? 
r_chiral_restr               0.079 0.200 ? 173  'X-RAY DIFFRACTION' ? 
r_gen_planes_refined         0.005 0.020 ? 1166 'X-RAY DIFFRACTION' ? 
r_gen_planes_other           0.001 0.020 ? 184  'X-RAY DIFFRACTION' ? 
r_nbd_refined                0.231 0.200 ? 328  'X-RAY DIFFRACTION' ? 
r_nbd_other                  0.246 0.200 ? 1178 'X-RAY DIFFRACTION' ? 
r_nbtor_refined              ?     ?     ? ?    'X-RAY DIFFRACTION' ? 
r_nbtor_other                0.121 0.200 ? 739  'X-RAY DIFFRACTION' ? 
r_xyhbond_nbd_refined        0.222 0.200 ? 117  'X-RAY DIFFRACTION' ? 
r_xyhbond_nbd_other          ?     ?     ? ?    'X-RAY DIFFRACTION' ? 
r_metal_ion_refined          0.087 0.200 ? 1    'X-RAY DIFFRACTION' ? 
r_metal_ion_other            ?     ?     ? ?    'X-RAY DIFFRACTION' ? 
r_symmetry_vdw_refined       0.124 0.200 ? 7    'X-RAY DIFFRACTION' ? 
r_symmetry_vdw_other         0.384 0.200 ? 30   'X-RAY DIFFRACTION' ? 
r_symmetry_hbond_refined     0.333 0.200 ? 24   'X-RAY DIFFRACTION' ? 
r_symmetry_hbond_other       ?     ?     ? ?    'X-RAY DIFFRACTION' ? 
r_symmetry_metal_ion_refined ?     ?     ? ?    'X-RAY DIFFRACTION' ? 
r_symmetry_metal_ion_other   ?     ?     ? ?    'X-RAY DIFFRACTION' ? 
r_mcbond_it                  0.725 1.500 ? 664  'X-RAY DIFFRACTION' ? 
r_mcbond_other               ?     ?     ? ?    'X-RAY DIFFRACTION' ? 
r_mcangle_it                 1.327 2.000 ? 1078 'X-RAY DIFFRACTION' ? 
r_mcangle_other              ?     ?     ? ?    'X-RAY DIFFRACTION' ? 
r_scbond_it                  2.028 3.000 ? 426  'X-RAY DIFFRACTION' ? 
r_scbond_other               ?     ?     ? ?    'X-RAY DIFFRACTION' ? 
r_scangle_it                 3.284 4.500 ? 397  'X-RAY DIFFRACTION' ? 
r_scangle_other              ?     ?     ? ?    'X-RAY DIFFRACTION' ? 
r_long_range_B_refined       ?     ?     ? ?    'X-RAY DIFFRACTION' ? 
r_long_range_B_other         ?     ?     ? ?    'X-RAY DIFFRACTION' ? 
r_rigid_bond_restr           ?     ?     ? ?    'X-RAY DIFFRACTION' ? 
r_sphericity_free            ?     ?     ? ?    'X-RAY DIFFRACTION' ? 
r_sphericity_bonded          ?     ?     ? ?    'X-RAY DIFFRACTION' ? 
# 
_refine_ls_shell.pdbx_refine_id                   'X-RAY DIFFRACTION' 
_refine_ls_shell.pdbx_total_number_of_bins_used   20 
_refine_ls_shell.d_res_high                       1.90 
_refine_ls_shell.d_res_low                        1.94 
_refine_ls_shell.number_reflns_R_work             896 
_refine_ls_shell.R_factor_R_work                  0.2200 
_refine_ls_shell.percent_reflns_obs               ? 
_refine_ls_shell.R_factor_R_free                  0.2840 
_refine_ls_shell.R_factor_R_free_error            ? 
_refine_ls_shell.percent_reflns_R_free            ? 
_refine_ls_shell.number_reflns_R_free             42 
_refine_ls_shell.number_reflns_all                ? 
_refine_ls_shell.R_factor_all                     ? 
_refine_ls_shell.R_factor_obs                     ? 
_refine_ls_shell.number_reflns_obs                ? 
# 
_struct_ncs_oper.id             1 
_struct_ncs_oper.code           given 
_struct_ncs_oper.details        ? 
_struct_ncs_oper.matrix[1][1]   0.41411478 
_struct_ncs_oper.matrix[1][2]   0.35353466 
_struct_ncs_oper.matrix[1][3]   -0.83910233 
_struct_ncs_oper.matrix[2][1]   0.35290213 
_struct_ncs_oper.matrix[2][2]   -0.91115208 
_struct_ncs_oper.matrix[2][3]   -0.20966060 
_struct_ncs_oper.matrix[3][1]   -0.83885973 
_struct_ncs_oper.matrix[3][2]   -0.20892504 
_struct_ncs_oper.matrix[3][3]   -0.50196270 
_struct_ncs_oper.vector[1]      -0.32144 
_struct_ncs_oper.vector[2]      -0.09070 
_struct_ncs_oper.vector[3]      0.18839 
# 
_struct.entry_id                  1UTX 
_struct.title                     'Regulation of Cytolysin Expression by Enterococcus faecalis: Role of CylR2' 
_struct.pdbx_model_details        ? 
_struct.pdbx_CASP_flag            ? 
_struct.pdbx_model_type_details   ? 
# 
_struct_keywords.entry_id        1UTX 
_struct_keywords.pdbx_keywords   'DNA BINDING PROTEIN' 
_struct_keywords.text            
'DNA-BINDING PROTEIN, TRANSCRIPTIONAL REPRESSOR, REGULATION OF CYTOLYSIN OPERON, HELIX-TURN-HELIX, DNA BINDING PROTEIN' 
# 
loop_
_struct_asym.id 
_struct_asym.pdbx_blank_PDB_chainid_flag 
_struct_asym.pdbx_modified 
_struct_asym.entity_id 
_struct_asym.details 
A N N 1 ? 
B N N 1 ? 
C N N 2 ? 
D N N 2 ? 
E N N 2 ? 
F N N 2 ? 
G N N 2 ? 
H N N 2 ? 
I N N 2 ? 
J N N 2 ? 
K N N 3 ? 
L N N 2 ? 
M N N 4 ? 
N N N 4 ? 
# 
_struct_ref.id                         1 
_struct_ref.db_name                    UNP 
_struct_ref.db_code                    Q8VL32 
_struct_ref.entity_id                  1 
_struct_ref.pdbx_seq_one_letter_code   ? 
_struct_ref.pdbx_align_begin           ? 
_struct_ref.pdbx_db_accession          Q8VL32 
_struct_ref.pdbx_db_isoform            ? 
# 
loop_
_struct_ref_seq.align_id 
_struct_ref_seq.ref_id 
_struct_ref_seq.pdbx_PDB_id_code 
_struct_ref_seq.pdbx_strand_id 
_struct_ref_seq.seq_align_beg 
_struct_ref_seq.pdbx_seq_align_beg_ins_code 
_struct_ref_seq.seq_align_end 
_struct_ref_seq.pdbx_seq_align_end_ins_code 
_struct_ref_seq.pdbx_db_accession 
_struct_ref_seq.db_align_beg 
_struct_ref_seq.pdbx_db_align_beg_ins_code 
_struct_ref_seq.db_align_end 
_struct_ref_seq.pdbx_db_align_end_ins_code 
_struct_ref_seq.pdbx_auth_seq_align_beg 
_struct_ref_seq.pdbx_auth_seq_align_end 
1 1 1UTX A 1 ? 66 ? Q8VL32 1 ? 66 ? 1 66 
2 1 1UTX B 1 ? 66 ? Q8VL32 1 ? 66 ? 1 66 
# 
_pdbx_struct_assembly.id                   1 
_pdbx_struct_assembly.details              author_and_software_defined_assembly 
_pdbx_struct_assembly.method_details       PQS 
_pdbx_struct_assembly.oligomeric_details   dimeric 
_pdbx_struct_assembly.oligomeric_count     2 
# 
_pdbx_struct_assembly_gen.assembly_id       1 
_pdbx_struct_assembly_gen.oper_expression   1 
_pdbx_struct_assembly_gen.asym_id_list      A,B,C,D,E,F,G,H,I,J,K,L,M,N 
# 
_pdbx_struct_oper_list.id                   1 
_pdbx_struct_oper_list.type                 'identity operation' 
_pdbx_struct_oper_list.name                 1_555 
_pdbx_struct_oper_list.symmetry_operation   x,y,z 
_pdbx_struct_oper_list.matrix[1][1]         1.0000000000 
_pdbx_struct_oper_list.matrix[1][2]         0.0000000000 
_pdbx_struct_oper_list.matrix[1][3]         0.0000000000 
_pdbx_struct_oper_list.vector[1]            0.0000000000 
_pdbx_struct_oper_list.matrix[2][1]         0.0000000000 
_pdbx_struct_oper_list.matrix[2][2]         1.0000000000 
_pdbx_struct_oper_list.matrix[2][3]         0.0000000000 
_pdbx_struct_oper_list.vector[2]            0.0000000000 
_pdbx_struct_oper_list.matrix[3][1]         0.0000000000 
_pdbx_struct_oper_list.matrix[3][2]         0.0000000000 
_pdbx_struct_oper_list.matrix[3][3]         1.0000000000 
_pdbx_struct_oper_list.vector[3]            0.0000000000 
# 
loop_
_struct_conf.conf_type_id 
_struct_conf.id 
_struct_conf.pdbx_PDB_helix_id 
_struct_conf.beg_label_comp_id 
_struct_conf.beg_label_asym_id 
_struct_conf.beg_label_seq_id 
_struct_conf.pdbx_beg_PDB_ins_code 
_struct_conf.end_label_comp_id 
_struct_conf.end_label_asym_id 
_struct_conf.end_label_seq_id 
_struct_conf.pdbx_end_PDB_ins_code 
_struct_conf.beg_auth_comp_id 
_struct_conf.beg_auth_asym_id 
_struct_conf.beg_auth_seq_id 
_struct_conf.end_auth_comp_id 
_struct_conf.end_auth_asym_id 
_struct_conf.end_auth_seq_id 
_struct_conf.pdbx_PDB_helix_class 
_struct_conf.details 
_struct_conf.pdbx_PDB_helix_length 
HELX_P HELX_P1  1  ASN A 5  ? LYS A 13 ? ASN A 5  LYS A 13 1 ? 9  
HELX_P HELX_P2  2  SER A 16 ? GLU A 25 ? SER A 16 GLU A 25 1 ? 10 
HELX_P HELX_P3  3  ARG A 28 ? LYS A 36 ? ARG A 28 LYS A 36 1 ? 9  
HELX_P HELX_P4  4  SER A 42 ? LEU A 53 ? SER A 42 LEU A 53 1 ? 12 
HELX_P HELX_P5  5  LEU A 57 ? ILE A 60 ? LEU A 57 ILE A 60 1 ? 4  
HELX_P HELX_P6  6  ASN B 5  ? LYS B 13 ? ASN B 5  LYS B 13 1 ? 9  
HELX_P HELX_P7  7  SER B 16 ? GLU B 25 ? SER B 16 GLU B 25 1 ? 10 
HELX_P HELX_P8  8  ARG B 28 ? LYS B 36 ? ARG B 28 LYS B 36 1 ? 9  
HELX_P HELX_P9  9  SER B 42 ? LEU B 53 ? SER B 42 LEU B 53 1 ? 12 
HELX_P HELX_P10 10 LEU B 57 ? ILE B 60 ? LEU B 57 ILE B 60 1 ? 4  
# 
_struct_conf_type.id          HELX_P 
_struct_conf_type.criteria    ? 
_struct_conf_type.reference   ? 
# 
loop_
_struct_conn.id 
_struct_conn.conn_type_id 
_struct_conn.pdbx_leaving_atom_flag 
_struct_conn.pdbx_PDB_id 
_struct_conn.ptnr1_label_asym_id 
_struct_conn.ptnr1_label_comp_id 
_struct_conn.ptnr1_label_seq_id 
_struct_conn.ptnr1_label_atom_id 
_struct_conn.pdbx_ptnr1_label_alt_id 
_struct_conn.pdbx_ptnr1_PDB_ins_code 
_struct_conn.pdbx_ptnr1_standard_comp_id 
_struct_conn.ptnr1_symmetry 
_struct_conn.ptnr2_label_asym_id 
_struct_conn.ptnr2_label_comp_id 
_struct_conn.ptnr2_label_seq_id 
_struct_conn.ptnr2_label_atom_id 
_struct_conn.pdbx_ptnr2_label_alt_id 
_struct_conn.pdbx_ptnr2_PDB_ins_code 
_struct_conn.ptnr1_auth_asym_id 
_struct_conn.ptnr1_auth_comp_id 
_struct_conn.ptnr1_auth_seq_id 
_struct_conn.ptnr2_auth_asym_id 
_struct_conn.ptnr2_auth_comp_id 
_struct_conn.ptnr2_auth_seq_id 
_struct_conn.ptnr2_symmetry 
_struct_conn.pdbx_ptnr3_label_atom_id 
_struct_conn.pdbx_ptnr3_label_seq_id 
_struct_conn.pdbx_ptnr3_label_comp_id 
_struct_conn.pdbx_ptnr3_label_asym_id 
_struct_conn.pdbx_ptnr3_label_alt_id 
_struct_conn.pdbx_ptnr3_PDB_ins_code 
_struct_conn.details 
_struct_conn.pdbx_dist_value 
_struct_conn.pdbx_value_order 
_struct_conn.pdbx_role 
metalc1 metalc ? ? A GLU 58 OE2 ? ? ? 1_555 K NA . NA ? ? A GLU 58 B NA 1074 1_555 ? ? ? ? ? ? ? 2.585 ? ? 
metalc2 metalc ? ? B GLU 58 OE1 ? ? ? 1_555 K NA . NA ? ? B GLU 58 B NA 1074 1_555 ? ? ? ? ? ? ? 2.323 ? ? 
# 
_struct_conn_type.id          metalc 
_struct_conn_type.criteria    ? 
_struct_conn_type.reference   ? 
# 
_pdbx_struct_conn_angle.id                    1 
_pdbx_struct_conn_angle.ptnr1_label_atom_id   OE2 
_pdbx_struct_conn_angle.ptnr1_label_alt_id    ? 
_pdbx_struct_conn_angle.ptnr1_label_asym_id   A 
_pdbx_struct_conn_angle.ptnr1_label_comp_id   GLU 
_pdbx_struct_conn_angle.ptnr1_label_seq_id    58 
_pdbx_struct_conn_angle.ptnr1_auth_atom_id    ? 
_pdbx_struct_conn_angle.ptnr1_auth_asym_id    A 
_pdbx_struct_conn_angle.ptnr1_auth_comp_id    GLU 
_pdbx_struct_conn_angle.ptnr1_auth_seq_id     58 
_pdbx_struct_conn_angle.ptnr1_PDB_ins_code    ? 
_pdbx_struct_conn_angle.ptnr1_symmetry        1_555 
_pdbx_struct_conn_angle.ptnr2_label_atom_id   NA 
_pdbx_struct_conn_angle.ptnr2_label_alt_id    ? 
_pdbx_struct_conn_angle.ptnr2_label_asym_id   K 
_pdbx_struct_conn_angle.ptnr2_label_comp_id   NA 
_pdbx_struct_conn_angle.ptnr2_label_seq_id    . 
_pdbx_struct_conn_angle.ptnr2_auth_atom_id    ? 
_pdbx_struct_conn_angle.ptnr2_auth_asym_id    B 
_pdbx_struct_conn_angle.ptnr2_auth_comp_id    NA 
_pdbx_struct_conn_angle.ptnr2_auth_seq_id     1074 
_pdbx_struct_conn_angle.ptnr2_PDB_ins_code    ? 
_pdbx_struct_conn_angle.ptnr2_symmetry        1_555 
_pdbx_struct_conn_angle.ptnr3_label_atom_id   OE1 
_pdbx_struct_conn_angle.ptnr3_label_alt_id    ? 
_pdbx_struct_conn_angle.ptnr3_label_asym_id   B 
_pdbx_struct_conn_angle.ptnr3_label_comp_id   GLU 
_pdbx_struct_conn_angle.ptnr3_label_seq_id    58 
_pdbx_struct_conn_angle.ptnr3_auth_atom_id    ? 
_pdbx_struct_conn_angle.ptnr3_auth_asym_id    B 
_pdbx_struct_conn_angle.ptnr3_auth_comp_id    GLU 
_pdbx_struct_conn_angle.ptnr3_auth_seq_id     58 
_pdbx_struct_conn_angle.ptnr3_PDB_ins_code    ? 
_pdbx_struct_conn_angle.ptnr3_symmetry        1_555 
_pdbx_struct_conn_angle.value                 117.9 
_pdbx_struct_conn_angle.value_esd             ? 
# 
loop_
_struct_sheet.id 
_struct_sheet.type 
_struct_sheet.number_strands 
_struct_sheet.details 
AA ? 2 ? 
BA ? 2 ? 
# 
loop_
_struct_sheet_order.sheet_id 
_struct_sheet_order.range_id_1 
_struct_sheet_order.range_id_2 
_struct_sheet_order.offset 
_struct_sheet_order.sense 
AA 1 2 ? anti-parallel 
BA 1 2 ? anti-parallel 
# 
loop_
_struct_sheet_range.sheet_id 
_struct_sheet_range.id 
_struct_sheet_range.beg_label_comp_id 
_struct_sheet_range.beg_label_asym_id 
_struct_sheet_range.beg_label_seq_id 
_struct_sheet_range.pdbx_beg_PDB_ins_code 
_struct_sheet_range.end_label_comp_id 
_struct_sheet_range.end_label_asym_id 
_struct_sheet_range.end_label_seq_id 
_struct_sheet_range.pdbx_end_PDB_ins_code 
_struct_sheet_range.beg_auth_comp_id 
_struct_sheet_range.beg_auth_asym_id 
_struct_sheet_range.beg_auth_seq_id 
_struct_sheet_range.end_auth_comp_id 
_struct_sheet_range.end_auth_asym_id 
_struct_sheet_range.end_auth_seq_id 
AA 1 MET A 1  ? ASN A 4  ? MET A 1  ASN A 4  
AA 2 PHE A 61 ? GLN A 64 ? PHE A 61 GLN A 64 
BA 1 MET B 1  ? ASN B 4  ? MET B 1  ASN B 4  
BA 2 PHE B 61 ? GLN B 64 ? PHE B 61 GLN B 64 
# 
loop_
_pdbx_struct_sheet_hbond.sheet_id 
_pdbx_struct_sheet_hbond.range_id_1 
_pdbx_struct_sheet_hbond.range_id_2 
_pdbx_struct_sheet_hbond.range_1_label_atom_id 
_pdbx_struct_sheet_hbond.range_1_label_comp_id 
_pdbx_struct_sheet_hbond.range_1_label_asym_id 
_pdbx_struct_sheet_hbond.range_1_label_seq_id 
_pdbx_struct_sheet_hbond.range_1_PDB_ins_code 
_pdbx_struct_sheet_hbond.range_1_auth_atom_id 
_pdbx_struct_sheet_hbond.range_1_auth_comp_id 
_pdbx_struct_sheet_hbond.range_1_auth_asym_id 
_pdbx_struct_sheet_hbond.range_1_auth_seq_id 
_pdbx_struct_sheet_hbond.range_2_label_atom_id 
_pdbx_struct_sheet_hbond.range_2_label_comp_id 
_pdbx_struct_sheet_hbond.range_2_label_asym_id 
_pdbx_struct_sheet_hbond.range_2_label_seq_id 
_pdbx_struct_sheet_hbond.range_2_PDB_ins_code 
_pdbx_struct_sheet_hbond.range_2_auth_atom_id 
_pdbx_struct_sheet_hbond.range_2_auth_comp_id 
_pdbx_struct_sheet_hbond.range_2_auth_asym_id 
_pdbx_struct_sheet_hbond.range_2_auth_seq_id 
AA 1 2 N ILE A 3 ? N ILE A 3 O GLN A 62 ? O GLN A 62 
BA 1 2 N ILE B 3 ? N ILE B 3 O GLN B 62 ? O GLN B 62 
# 
loop_
_struct_site.id 
_struct_site.pdbx_evidence_code 
_struct_site.pdbx_auth_asym_id 
_struct_site.pdbx_auth_comp_id 
_struct_site.pdbx_auth_seq_id 
_struct_site.pdbx_auth_ins_code 
_struct_site.pdbx_num_residues 
_struct_site.details 
AC1 Software ? ? ? ? 3 'BINDING SITE FOR RESIDUE IOD A1067' 
AC2 Software ? ? ? ? 2 'BINDING SITE FOR RESIDUE IOD A1068' 
AC3 Software ? ? ? ? 2 'BINDING SITE FOR RESIDUE IOD A1069' 
AC4 Software ? ? ? ? 2 'BINDING SITE FOR RESIDUE IOD A1070' 
AC5 Software ? ? ? ? 1 'BINDING SITE FOR RESIDUE IOD A1072' 
AC6 Software ? ? ? ? 4 'BINDING SITE FOR RESIDUE IOD B1067' 
AC7 Software ? ? ? ? 3 'BINDING SITE FOR RESIDUE IOD B1068' 
AC8 Software ? ? ? ? 2 'BINDING SITE FOR RESIDUE IOD B1069' 
AC9 Software ? ? ? ? 3 'BINDING SITE FOR RESIDUE NA B1074'  
BC1 Software ? ? ? ? 1 'BINDING SITE FOR RESIDUE IOD B1075' 
# 
loop_
_struct_site_gen.id 
_struct_site_gen.site_id 
_struct_site_gen.pdbx_num_res 
_struct_site_gen.label_comp_id 
_struct_site_gen.label_asym_id 
_struct_site_gen.label_seq_id 
_struct_site_gen.pdbx_auth_ins_code 
_struct_site_gen.auth_comp_id 
_struct_site_gen.auth_asym_id 
_struct_site_gen.auth_seq_id 
_struct_site_gen.label_atom_id 
_struct_site_gen.label_alt_id 
_struct_site_gen.symmetry 
_struct_site_gen.details 
1  AC1 3 ASN A 32 ? ASN A 32   . ? 1_555 ? 
2  AC1 3 LYS A 38 ? LYS A 38   . ? 1_555 ? 
3  AC1 3 HOH M .  ? HOH A 2055 . ? 1_555 ? 
4  AC2 2 HOH M .  ? HOH A 2025 . ? 1_555 ? 
5  AC2 2 HOH M .  ? HOH A 2055 . ? 1_555 ? 
6  AC3 2 GLN A 44 ? GLN A 44   . ? 1_555 ? 
7  AC3 2 LYS A 48 ? LYS A 48   . ? 1_555 ? 
8  AC4 2 HOH M .  ? HOH A 2014 . ? 1_555 ? 
9  AC4 2 HOH M .  ? HOH A 2087 . ? 1_555 ? 
10 AC5 1 IOD L .  ? IOD B 1075 . ? 1_555 ? 
11 AC6 4 SER B 16 ? SER B 16   . ? 1_555 ? 
12 AC6 4 GLN B 17 ? GLN B 17   . ? 1_555 ? 
13 AC6 4 HOH N .  ? HOH B 2023 . ? 1_555 ? 
14 AC6 4 HOH N .  ? HOH B 2027 . ? 1_555 ? 
15 AC7 3 LYS B 14 ? LYS B 14   . ? 1_555 ? 
16 AC7 3 ILE B 15 ? ILE B 15   . ? 1_555 ? 
17 AC7 3 HOH N .  ? HOH B 2020 . ? 1_555 ? 
18 AC8 2 GLN B 44 ? GLN B 44   . ? 1_555 ? 
19 AC8 2 HOH N .  ? HOH B 2029 . ? 1_555 ? 
20 AC9 3 GLU A 58 ? GLU A 58   . ? 1_555 ? 
21 AC9 3 LEU B 57 ? LEU B 57   . ? 1_555 ? 
22 AC9 3 GLU B 58 ? GLU B 58   . ? 1_555 ? 
23 BC1 1 IOD G .  ? IOD A 1072 . ? 1_555 ? 
# 
loop_
_pdbx_validate_close_contact.id 
_pdbx_validate_close_contact.PDB_model_num 
_pdbx_validate_close_contact.auth_atom_id_1 
_pdbx_validate_close_contact.auth_asym_id_1 
_pdbx_validate_close_contact.auth_comp_id_1 
_pdbx_validate_close_contact.auth_seq_id_1 
_pdbx_validate_close_contact.PDB_ins_code_1 
_pdbx_validate_close_contact.label_alt_id_1 
_pdbx_validate_close_contact.auth_atom_id_2 
_pdbx_validate_close_contact.auth_asym_id_2 
_pdbx_validate_close_contact.auth_comp_id_2 
_pdbx_validate_close_contact.auth_seq_id_2 
_pdbx_validate_close_contact.PDB_ins_code_2 
_pdbx_validate_close_contact.label_alt_id_2 
_pdbx_validate_close_contact.dist 
1 1 O   A HOH 2064 ? ? O A HOH 2065 ? ? 1.76 
2 1 I   B IOD 1067 ? C O B HOH 2027 ? ? 2.02 
3 1 OE1 A GLN 44   ? ? O A HOH 2076 ? ? 2.17 
# 
loop_
_pdbx_database_remark.id 
_pdbx_database_remark.text 
650 
;
HELIX
DETERMINATION METHOD: AUTHOR PROVIDED.
;
700 
;
SHEET
DETERMINATION METHOD: AUTHOR PROVIDED.
;
# 
loop_
_chem_comp_atom.comp_id 
_chem_comp_atom.atom_id 
_chem_comp_atom.type_symbol 
_chem_comp_atom.pdbx_aromatic_flag 
_chem_comp_atom.pdbx_stereo_config 
_chem_comp_atom.pdbx_ordinal 
ALA N    N  N N 1   
ALA CA   C  N S 2   
ALA C    C  N N 3   
ALA O    O  N N 4   
ALA CB   C  N N 5   
ALA OXT  O  N N 6   
ALA H    H  N N 7   
ALA H2   H  N N 8   
ALA HA   H  N N 9   
ALA HB1  H  N N 10  
ALA HB2  H  N N 11  
ALA HB3  H  N N 12  
ALA HXT  H  N N 13  
ARG N    N  N N 14  
ARG CA   C  N S 15  
ARG C    C  N N 16  
ARG O    O  N N 17  
ARG CB   C  N N 18  
ARG CG   C  N N 19  
ARG CD   C  N N 20  
ARG NE   N  N N 21  
ARG CZ   C  N N 22  
ARG NH1  N  N N 23  
ARG NH2  N  N N 24  
ARG OXT  O  N N 25  
ARG H    H  N N 26  
ARG H2   H  N N 27  
ARG HA   H  N N 28  
ARG HB2  H  N N 29  
ARG HB3  H  N N 30  
ARG HG2  H  N N 31  
ARG HG3  H  N N 32  
ARG HD2  H  N N 33  
ARG HD3  H  N N 34  
ARG HE   H  N N 35  
ARG HH11 H  N N 36  
ARG HH12 H  N N 37  
ARG HH21 H  N N 38  
ARG HH22 H  N N 39  
ARG HXT  H  N N 40  
ASN N    N  N N 41  
ASN CA   C  N S 42  
ASN C    C  N N 43  
ASN O    O  N N 44  
ASN CB   C  N N 45  
ASN CG   C  N N 46  
ASN OD1  O  N N 47  
ASN ND2  N  N N 48  
ASN OXT  O  N N 49  
ASN H    H  N N 50  
ASN H2   H  N N 51  
ASN HA   H  N N 52  
ASN HB2  H  N N 53  
ASN HB3  H  N N 54  
ASN HD21 H  N N 55  
ASN HD22 H  N N 56  
ASN HXT  H  N N 57  
ASP N    N  N N 58  
ASP CA   C  N S 59  
ASP C    C  N N 60  
ASP O    O  N N 61  
ASP CB   C  N N 62  
ASP CG   C  N N 63  
ASP OD1  O  N N 64  
ASP OD2  O  N N 65  
ASP OXT  O  N N 66  
ASP H    H  N N 67  
ASP H2   H  N N 68  
ASP HA   H  N N 69  
ASP HB2  H  N N 70  
ASP HB3  H  N N 71  
ASP HD2  H  N N 72  
ASP HXT  H  N N 73  
GLN N    N  N N 74  
GLN CA   C  N S 75  
GLN C    C  N N 76  
GLN O    O  N N 77  
GLN CB   C  N N 78  
GLN CG   C  N N 79  
GLN CD   C  N N 80  
GLN OE1  O  N N 81  
GLN NE2  N  N N 82  
GLN OXT  O  N N 83  
GLN H    H  N N 84  
GLN H2   H  N N 85  
GLN HA   H  N N 86  
GLN HB2  H  N N 87  
GLN HB3  H  N N 88  
GLN HG2  H  N N 89  
GLN HG3  H  N N 90  
GLN HE21 H  N N 91  
GLN HE22 H  N N 92  
GLN HXT  H  N N 93  
GLU N    N  N N 94  
GLU CA   C  N S 95  
GLU C    C  N N 96  
GLU O    O  N N 97  
GLU CB   C  N N 98  
GLU CG   C  N N 99  
GLU CD   C  N N 100 
GLU OE1  O  N N 101 
GLU OE2  O  N N 102 
GLU OXT  O  N N 103 
GLU H    H  N N 104 
GLU H2   H  N N 105 
GLU HA   H  N N 106 
GLU HB2  H  N N 107 
GLU HB3  H  N N 108 
GLU HG2  H  N N 109 
GLU HG3  H  N N 110 
GLU HE2  H  N N 111 
GLU HXT  H  N N 112 
GLY N    N  N N 113 
GLY CA   C  N N 114 
GLY C    C  N N 115 
GLY O    O  N N 116 
GLY OXT  O  N N 117 
GLY H    H  N N 118 
GLY H2   H  N N 119 
GLY HA2  H  N N 120 
GLY HA3  H  N N 121 
GLY HXT  H  N N 122 
HOH O    O  N N 123 
HOH H1   H  N N 124 
HOH H2   H  N N 125 
ILE N    N  N N 126 
ILE CA   C  N S 127 
ILE C    C  N N 128 
ILE O    O  N N 129 
ILE CB   C  N S 130 
ILE CG1  C  N N 131 
ILE CG2  C  N N 132 
ILE CD1  C  N N 133 
ILE OXT  O  N N 134 
ILE H    H  N N 135 
ILE H2   H  N N 136 
ILE HA   H  N N 137 
ILE HB   H  N N 138 
ILE HG12 H  N N 139 
ILE HG13 H  N N 140 
ILE HG21 H  N N 141 
ILE HG22 H  N N 142 
ILE HG23 H  N N 143 
ILE HD11 H  N N 144 
ILE HD12 H  N N 145 
ILE HD13 H  N N 146 
ILE HXT  H  N N 147 
IOD I    I  N N 148 
LEU N    N  N N 149 
LEU CA   C  N S 150 
LEU C    C  N N 151 
LEU O    O  N N 152 
LEU CB   C  N N 153 
LEU CG   C  N N 154 
LEU CD1  C  N N 155 
LEU CD2  C  N N 156 
LEU OXT  O  N N 157 
LEU H    H  N N 158 
LEU H2   H  N N 159 
LEU HA   H  N N 160 
LEU HB2  H  N N 161 
LEU HB3  H  N N 162 
LEU HG   H  N N 163 
LEU HD11 H  N N 164 
LEU HD12 H  N N 165 
LEU HD13 H  N N 166 
LEU HD21 H  N N 167 
LEU HD22 H  N N 168 
LEU HD23 H  N N 169 
LEU HXT  H  N N 170 
LYS N    N  N N 171 
LYS CA   C  N S 172 
LYS C    C  N N 173 
LYS O    O  N N 174 
LYS CB   C  N N 175 
LYS CG   C  N N 176 
LYS CD   C  N N 177 
LYS CE   C  N N 178 
LYS NZ   N  N N 179 
LYS OXT  O  N N 180 
LYS H    H  N N 181 
LYS H2   H  N N 182 
LYS HA   H  N N 183 
LYS HB2  H  N N 184 
LYS HB3  H  N N 185 
LYS HG2  H  N N 186 
LYS HG3  H  N N 187 
LYS HD2  H  N N 188 
LYS HD3  H  N N 189 
LYS HE2  H  N N 190 
LYS HE3  H  N N 191 
LYS HZ1  H  N N 192 
LYS HZ2  H  N N 193 
LYS HZ3  H  N N 194 
LYS HXT  H  N N 195 
MET N    N  N N 196 
MET CA   C  N S 197 
MET C    C  N N 198 
MET O    O  N N 199 
MET CB   C  N N 200 
MET CG   C  N N 201 
MET SD   S  N N 202 
MET CE   C  N N 203 
MET OXT  O  N N 204 
MET H    H  N N 205 
MET H2   H  N N 206 
MET HA   H  N N 207 
MET HB2  H  N N 208 
MET HB3  H  N N 209 
MET HG2  H  N N 210 
MET HG3  H  N N 211 
MET HE1  H  N N 212 
MET HE2  H  N N 213 
MET HE3  H  N N 214 
MET HXT  H  N N 215 
NA  NA   NA N N 216 
PHE N    N  N N 217 
PHE CA   C  N S 218 
PHE C    C  N N 219 
PHE O    O  N N 220 
PHE CB   C  N N 221 
PHE CG   C  Y N 222 
PHE CD1  C  Y N 223 
PHE CD2  C  Y N 224 
PHE CE1  C  Y N 225 
PHE CE2  C  Y N 226 
PHE CZ   C  Y N 227 
PHE OXT  O  N N 228 
PHE H    H  N N 229 
PHE H2   H  N N 230 
PHE HA   H  N N 231 
PHE HB2  H  N N 232 
PHE HB3  H  N N 233 
PHE HD1  H  N N 234 
PHE HD2  H  N N 235 
PHE HE1  H  N N 236 
PHE HE2  H  N N 237 
PHE HZ   H  N N 238 
PHE HXT  H  N N 239 
PRO N    N  N N 240 
PRO CA   C  N S 241 
PRO C    C  N N 242 
PRO O    O  N N 243 
PRO CB   C  N N 244 
PRO CG   C  N N 245 
PRO CD   C  N N 246 
PRO OXT  O  N N 247 
PRO H    H  N N 248 
PRO HA   H  N N 249 
PRO HB2  H  N N 250 
PRO HB3  H  N N 251 
PRO HG2  H  N N 252 
PRO HG3  H  N N 253 
PRO HD2  H  N N 254 
PRO HD3  H  N N 255 
PRO HXT  H  N N 256 
SER N    N  N N 257 
SER CA   C  N S 258 
SER C    C  N N 259 
SER O    O  N N 260 
SER CB   C  N N 261 
SER OG   O  N N 262 
SER OXT  O  N N 263 
SER H    H  N N 264 
SER H2   H  N N 265 
SER HA   H  N N 266 
SER HB2  H  N N 267 
SER HB3  H  N N 268 
SER HG   H  N N 269 
SER HXT  H  N N 270 
THR N    N  N N 271 
THR CA   C  N S 272 
THR C    C  N N 273 
THR O    O  N N 274 
THR CB   C  N R 275 
THR OG1  O  N N 276 
THR CG2  C  N N 277 
THR OXT  O  N N 278 
THR H    H  N N 279 
THR H2   H  N N 280 
THR HA   H  N N 281 
THR HB   H  N N 282 
THR HG1  H  N N 283 
THR HG21 H  N N 284 
THR HG22 H  N N 285 
THR HG23 H  N N 286 
THR HXT  H  N N 287 
TRP N    N  N N 288 
TRP CA   C  N S 289 
TRP C    C  N N 290 
TRP O    O  N N 291 
TRP CB   C  N N 292 
TRP CG   C  Y N 293 
TRP CD1  C  Y N 294 
TRP CD2  C  Y N 295 
TRP NE1  N  Y N 296 
TRP CE2  C  Y N 297 
TRP CE3  C  Y N 298 
TRP CZ2  C  Y N 299 
TRP CZ3  C  Y N 300 
TRP CH2  C  Y N 301 
TRP OXT  O  N N 302 
TRP H    H  N N 303 
TRP H2   H  N N 304 
TRP HA   H  N N 305 
TRP HB2  H  N N 306 
TRP HB3  H  N N 307 
TRP HD1  H  N N 308 
TRP HE1  H  N N 309 
TRP HE3  H  N N 310 
TRP HZ2  H  N N 311 
TRP HZ3  H  N N 312 
TRP HH2  H  N N 313 
TRP HXT  H  N N 314 
TYR N    N  N N 315 
TYR CA   C  N S 316 
TYR C    C  N N 317 
TYR O    O  N N 318 
TYR CB   C  N N 319 
TYR CG   C  Y N 320 
TYR CD1  C  Y N 321 
TYR CD2  C  Y N 322 
TYR CE1  C  Y N 323 
TYR CE2  C  Y N 324 
TYR CZ   C  Y N 325 
TYR OH   O  N N 326 
TYR OXT  O  N N 327 
TYR H    H  N N 328 
TYR H2   H  N N 329 
TYR HA   H  N N 330 
TYR HB2  H  N N 331 
TYR HB3  H  N N 332 
TYR HD1  H  N N 333 
TYR HD2  H  N N 334 
TYR HE1  H  N N 335 
TYR HE2  H  N N 336 
TYR HH   H  N N 337 
TYR HXT  H  N N 338 
VAL N    N  N N 339 
VAL CA   C  N S 340 
VAL C    C  N N 341 
VAL O    O  N N 342 
VAL CB   C  N N 343 
VAL CG1  C  N N 344 
VAL CG2  C  N N 345 
VAL OXT  O  N N 346 
VAL H    H  N N 347 
VAL H2   H  N N 348 
VAL HA   H  N N 349 
VAL HB   H  N N 350 
VAL HG11 H  N N 351 
VAL HG12 H  N N 352 
VAL HG13 H  N N 353 
VAL HG21 H  N N 354 
VAL HG22 H  N N 355 
VAL HG23 H  N N 356 
VAL HXT  H  N N 357 
# 
loop_
_chem_comp_bond.comp_id 
_chem_comp_bond.atom_id_1 
_chem_comp_bond.atom_id_2 
_chem_comp_bond.value_order 
_chem_comp_bond.pdbx_aromatic_flag 
_chem_comp_bond.pdbx_stereo_config 
_chem_comp_bond.pdbx_ordinal 
ALA N   CA   sing N N 1   
ALA N   H    sing N N 2   
ALA N   H2   sing N N 3   
ALA CA  C    sing N N 4   
ALA CA  CB   sing N N 5   
ALA CA  HA   sing N N 6   
ALA C   O    doub N N 7   
ALA C   OXT  sing N N 8   
ALA CB  HB1  sing N N 9   
ALA CB  HB2  sing N N 10  
ALA CB  HB3  sing N N 11  
ALA OXT HXT  sing N N 12  
ARG N   CA   sing N N 13  
ARG N   H    sing N N 14  
ARG N   H2   sing N N 15  
ARG CA  C    sing N N 16  
ARG CA  CB   sing N N 17  
ARG CA  HA   sing N N 18  
ARG C   O    doub N N 19  
ARG C   OXT  sing N N 20  
ARG CB  CG   sing N N 21  
ARG CB  HB2  sing N N 22  
ARG CB  HB3  sing N N 23  
ARG CG  CD   sing N N 24  
ARG CG  HG2  sing N N 25  
ARG CG  HG3  sing N N 26  
ARG CD  NE   sing N N 27  
ARG CD  HD2  sing N N 28  
ARG CD  HD3  sing N N 29  
ARG NE  CZ   sing N N 30  
ARG NE  HE   sing N N 31  
ARG CZ  NH1  sing N N 32  
ARG CZ  NH2  doub N N 33  
ARG NH1 HH11 sing N N 34  
ARG NH1 HH12 sing N N 35  
ARG NH2 HH21 sing N N 36  
ARG NH2 HH22 sing N N 37  
ARG OXT HXT  sing N N 38  
ASN N   CA   sing N N 39  
ASN N   H    sing N N 40  
ASN N   H2   sing N N 41  
ASN CA  C    sing N N 42  
ASN CA  CB   sing N N 43  
ASN CA  HA   sing N N 44  
ASN C   O    doub N N 45  
ASN C   OXT  sing N N 46  
ASN CB  CG   sing N N 47  
ASN CB  HB2  sing N N 48  
ASN CB  HB3  sing N N 49  
ASN CG  OD1  doub N N 50  
ASN CG  ND2  sing N N 51  
ASN ND2 HD21 sing N N 52  
ASN ND2 HD22 sing N N 53  
ASN OXT HXT  sing N N 54  
ASP N   CA   sing N N 55  
ASP N   H    sing N N 56  
ASP N   H2   sing N N 57  
ASP CA  C    sing N N 58  
ASP CA  CB   sing N N 59  
ASP CA  HA   sing N N 60  
ASP C   O    doub N N 61  
ASP C   OXT  sing N N 62  
ASP CB  CG   sing N N 63  
ASP CB  HB2  sing N N 64  
ASP CB  HB3  sing N N 65  
ASP CG  OD1  doub N N 66  
ASP CG  OD2  sing N N 67  
ASP OD2 HD2  sing N N 68  
ASP OXT HXT  sing N N 69  
GLN N   CA   sing N N 70  
GLN N   H    sing N N 71  
GLN N   H2   sing N N 72  
GLN CA  C    sing N N 73  
GLN CA  CB   sing N N 74  
GLN CA  HA   sing N N 75  
GLN C   O    doub N N 76  
GLN C   OXT  sing N N 77  
GLN CB  CG   sing N N 78  
GLN CB  HB2  sing N N 79  
GLN CB  HB3  sing N N 80  
GLN CG  CD   sing N N 81  
GLN CG  HG2  sing N N 82  
GLN CG  HG3  sing N N 83  
GLN CD  OE1  doub N N 84  
GLN CD  NE2  sing N N 85  
GLN NE2 HE21 sing N N 86  
GLN NE2 HE22 sing N N 87  
GLN OXT HXT  sing N N 88  
GLU N   CA   sing N N 89  
GLU N   H    sing N N 90  
GLU N   H2   sing N N 91  
GLU CA  C    sing N N 92  
GLU CA  CB   sing N N 93  
GLU CA  HA   sing N N 94  
GLU C   O    doub N N 95  
GLU C   OXT  sing N N 96  
GLU CB  CG   sing N N 97  
GLU CB  HB2  sing N N 98  
GLU CB  HB3  sing N N 99  
GLU CG  CD   sing N N 100 
GLU CG  HG2  sing N N 101 
GLU CG  HG3  sing N N 102 
GLU CD  OE1  doub N N 103 
GLU CD  OE2  sing N N 104 
GLU OE2 HE2  sing N N 105 
GLU OXT HXT  sing N N 106 
GLY N   CA   sing N N 107 
GLY N   H    sing N N 108 
GLY N   H2   sing N N 109 
GLY CA  C    sing N N 110 
GLY CA  HA2  sing N N 111 
GLY CA  HA3  sing N N 112 
GLY C   O    doub N N 113 
GLY C   OXT  sing N N 114 
GLY OXT HXT  sing N N 115 
HOH O   H1   sing N N 116 
HOH O   H2   sing N N 117 
ILE N   CA   sing N N 118 
ILE N   H    sing N N 119 
ILE N   H2   sing N N 120 
ILE CA  C    sing N N 121 
ILE CA  CB   sing N N 122 
ILE CA  HA   sing N N 123 
ILE C   O    doub N N 124 
ILE C   OXT  sing N N 125 
ILE CB  CG1  sing N N 126 
ILE CB  CG2  sing N N 127 
ILE CB  HB   sing N N 128 
ILE CG1 CD1  sing N N 129 
ILE CG1 HG12 sing N N 130 
ILE CG1 HG13 sing N N 131 
ILE CG2 HG21 sing N N 132 
ILE CG2 HG22 sing N N 133 
ILE CG2 HG23 sing N N 134 
ILE CD1 HD11 sing N N 135 
ILE CD1 HD12 sing N N 136 
ILE CD1 HD13 sing N N 137 
ILE OXT HXT  sing N N 138 
LEU N   CA   sing N N 139 
LEU N   H    sing N N 140 
LEU N   H2   sing N N 141 
LEU CA  C    sing N N 142 
LEU CA  CB   sing N N 143 
LEU CA  HA   sing N N 144 
LEU C   O    doub N N 145 
LEU C   OXT  sing N N 146 
LEU CB  CG   sing N N 147 
LEU CB  HB2  sing N N 148 
LEU CB  HB3  sing N N 149 
LEU CG  CD1  sing N N 150 
LEU CG  CD2  sing N N 151 
LEU CG  HG   sing N N 152 
LEU CD1 HD11 sing N N 153 
LEU CD1 HD12 sing N N 154 
LEU CD1 HD13 sing N N 155 
LEU CD2 HD21 sing N N 156 
LEU CD2 HD22 sing N N 157 
LEU CD2 HD23 sing N N 158 
LEU OXT HXT  sing N N 159 
LYS N   CA   sing N N 160 
LYS N   H    sing N N 161 
LYS N   H2   sing N N 162 
LYS CA  C    sing N N 163 
LYS CA  CB   sing N N 164 
LYS CA  HA   sing N N 165 
LYS C   O    doub N N 166 
LYS C   OXT  sing N N 167 
LYS CB  CG   sing N N 168 
LYS CB  HB2  sing N N 169 
LYS CB  HB3  sing N N 170 
LYS CG  CD   sing N N 171 
LYS CG  HG2  sing N N 172 
LYS CG  HG3  sing N N 173 
LYS CD  CE   sing N N 174 
LYS CD  HD2  sing N N 175 
LYS CD  HD3  sing N N 176 
LYS CE  NZ   sing N N 177 
LYS CE  HE2  sing N N 178 
LYS CE  HE3  sing N N 179 
LYS NZ  HZ1  sing N N 180 
LYS NZ  HZ2  sing N N 181 
LYS NZ  HZ3  sing N N 182 
LYS OXT HXT  sing N N 183 
MET N   CA   sing N N 184 
MET N   H    sing N N 185 
MET N   H2   sing N N 186 
MET CA  C    sing N N 187 
MET CA  CB   sing N N 188 
MET CA  HA   sing N N 189 
MET C   O    doub N N 190 
MET C   OXT  sing N N 191 
MET CB  CG   sing N N 192 
MET CB  HB2  sing N N 193 
MET CB  HB3  sing N N 194 
MET CG  SD   sing N N 195 
MET CG  HG2  sing N N 196 
MET CG  HG3  sing N N 197 
MET SD  CE   sing N N 198 
MET CE  HE1  sing N N 199 
MET CE  HE2  sing N N 200 
MET CE  HE3  sing N N 201 
MET OXT HXT  sing N N 202 
PHE N   CA   sing N N 203 
PHE N   H    sing N N 204 
PHE N   H2   sing N N 205 
PHE CA  C    sing N N 206 
PHE CA  CB   sing N N 207 
PHE CA  HA   sing N N 208 
PHE C   O    doub N N 209 
PHE C   OXT  sing N N 210 
PHE CB  CG   sing N N 211 
PHE CB  HB2  sing N N 212 
PHE CB  HB3  sing N N 213 
PHE CG  CD1  doub Y N 214 
PHE CG  CD2  sing Y N 215 
PHE CD1 CE1  sing Y N 216 
PHE CD1 HD1  sing N N 217 
PHE CD2 CE2  doub Y N 218 
PHE CD2 HD2  sing N N 219 
PHE CE1 CZ   doub Y N 220 
PHE CE1 HE1  sing N N 221 
PHE CE2 CZ   sing Y N 222 
PHE CE2 HE2  sing N N 223 
PHE CZ  HZ   sing N N 224 
PHE OXT HXT  sing N N 225 
PRO N   CA   sing N N 226 
PRO N   CD   sing N N 227 
PRO N   H    sing N N 228 
PRO CA  C    sing N N 229 
PRO CA  CB   sing N N 230 
PRO CA  HA   sing N N 231 
PRO C   O    doub N N 232 
PRO C   OXT  sing N N 233 
PRO CB  CG   sing N N 234 
PRO CB  HB2  sing N N 235 
PRO CB  HB3  sing N N 236 
PRO CG  CD   sing N N 237 
PRO CG  HG2  sing N N 238 
PRO CG  HG3  sing N N 239 
PRO CD  HD2  sing N N 240 
PRO CD  HD3  sing N N 241 
PRO OXT HXT  sing N N 242 
SER N   CA   sing N N 243 
SER N   H    sing N N 244 
SER N   H2   sing N N 245 
SER CA  C    sing N N 246 
SER CA  CB   sing N N 247 
SER CA  HA   sing N N 248 
SER C   O    doub N N 249 
SER C   OXT  sing N N 250 
SER CB  OG   sing N N 251 
SER CB  HB2  sing N N 252 
SER CB  HB3  sing N N 253 
SER OG  HG   sing N N 254 
SER OXT HXT  sing N N 255 
THR N   CA   sing N N 256 
THR N   H    sing N N 257 
THR N   H2   sing N N 258 
THR CA  C    sing N N 259 
THR CA  CB   sing N N 260 
THR CA  HA   sing N N 261 
THR C   O    doub N N 262 
THR C   OXT  sing N N 263 
THR CB  OG1  sing N N 264 
THR CB  CG2  sing N N 265 
THR CB  HB   sing N N 266 
THR OG1 HG1  sing N N 267 
THR CG2 HG21 sing N N 268 
THR CG2 HG22 sing N N 269 
THR CG2 HG23 sing N N 270 
THR OXT HXT  sing N N 271 
TRP N   CA   sing N N 272 
TRP N   H    sing N N 273 
TRP N   H2   sing N N 274 
TRP CA  C    sing N N 275 
TRP CA  CB   sing N N 276 
TRP CA  HA   sing N N 277 
TRP C   O    doub N N 278 
TRP C   OXT  sing N N 279 
TRP CB  CG   sing N N 280 
TRP CB  HB2  sing N N 281 
TRP CB  HB3  sing N N 282 
TRP CG  CD1  doub Y N 283 
TRP CG  CD2  sing Y N 284 
TRP CD1 NE1  sing Y N 285 
TRP CD1 HD1  sing N N 286 
TRP CD2 CE2  doub Y N 287 
TRP CD2 CE3  sing Y N 288 
TRP NE1 CE2  sing Y N 289 
TRP NE1 HE1  sing N N 290 
TRP CE2 CZ2  sing Y N 291 
TRP CE3 CZ3  doub Y N 292 
TRP CE3 HE3  sing N N 293 
TRP CZ2 CH2  doub Y N 294 
TRP CZ2 HZ2  sing N N 295 
TRP CZ3 CH2  sing Y N 296 
TRP CZ3 HZ3  sing N N 297 
TRP CH2 HH2  sing N N 298 
TRP OXT HXT  sing N N 299 
TYR N   CA   sing N N 300 
TYR N   H    sing N N 301 
TYR N   H2   sing N N 302 
TYR CA  C    sing N N 303 
TYR CA  CB   sing N N 304 
TYR CA  HA   sing N N 305 
TYR C   O    doub N N 306 
TYR C   OXT  sing N N 307 
TYR CB  CG   sing N N 308 
TYR CB  HB2  sing N N 309 
TYR CB  HB3  sing N N 310 
TYR CG  CD1  doub Y N 311 
TYR CG  CD2  sing Y N 312 
TYR CD1 CE1  sing Y N 313 
TYR CD1 HD1  sing N N 314 
TYR CD2 CE2  doub Y N 315 
TYR CD2 HD2  sing N N 316 
TYR CE1 CZ   doub Y N 317 
TYR CE1 HE1  sing N N 318 
TYR CE2 CZ   sing Y N 319 
TYR CE2 HE2  sing N N 320 
TYR CZ  OH   sing N N 321 
TYR OH  HH   sing N N 322 
TYR OXT HXT  sing N N 323 
VAL N   CA   sing N N 324 
VAL N   H    sing N N 325 
VAL N   H2   sing N N 326 
VAL CA  C    sing N N 327 
VAL CA  CB   sing N N 328 
VAL CA  HA   sing N N 329 
VAL C   O    doub N N 330 
VAL C   OXT  sing N N 331 
VAL CB  CG1  sing N N 332 
VAL CB  CG2  sing N N 333 
VAL CB  HB   sing N N 334 
VAL CG1 HG11 sing N N 335 
VAL CG1 HG12 sing N N 336 
VAL CG1 HG13 sing N N 337 
VAL CG2 HG21 sing N N 338 
VAL CG2 HG22 sing N N 339 
VAL CG2 HG23 sing N N 340 
VAL OXT HXT  sing N N 341 
# 
_atom_sites.entry_id                    1UTX 
_atom_sites.fract_transf_matrix[1][1]   0.00005698 
_atom_sites.fract_transf_matrix[1][2]   -0.01464022 
_atom_sites.fract_transf_matrix[1][3]   0.00568122 
_atom_sites.fract_transf_matrix[2][1]   0.01063875 
_atom_sites.fract_transf_matrix[2][2]   0.00421490 
_atom_sites.fract_transf_matrix[2][3]   0.01075487 
_atom_sites.fract_transf_matrix[3][1]   -0.01785856 
_atom_sites.fract_transf_matrix[3][2]   0.00589002 
_atom_sites.fract_transf_matrix[3][3]   0.01535739 
_atom_sites.fract_transf_vector[1]      0.417977 
_atom_sites.fract_transf_vector[2]      0.085599 
_atom_sites.fract_transf_vector[3]      0.154271 
# 
loop_
_atom_type.symbol 
C  
I  
N  
NA 
O  
S  
# 
loop_
_atom_site.group_PDB 
_atom_site.id 
_atom_site.type_symbol 
_atom_site.label_atom_id 
_atom_site.label_alt_id 
_atom_site.label_comp_id 
_atom_site.label_asym_id 
_atom_site.label_entity_id 
_atom_site.label_seq_id 
_atom_site.pdbx_PDB_ins_code 
_atom_site.Cartn_x 
_atom_site.Cartn_y 
_atom_site.Cartn_z 
_atom_site.occupancy 
_atom_site.B_iso_or_equiv 
_atom_site.pdbx_formal_charge 
_atom_site.auth_seq_id 
_atom_site.auth_comp_id 
_atom_site.auth_asym_id 
_atom_site.auth_atom_id 
_atom_site.pdbx_PDB_model_num 
ATOM   1    N  N   . MET A 1 1  ? -4.572  11.750  4.348   1.00 22.99 ? 1    MET A N   1 
ATOM   2    C  CA  . MET A 1 1  ? -5.170  11.847  2.989   1.00 23.58 ? 1    MET A CA  1 
ATOM   3    C  C   . MET A 1 1  ? -4.199  11.272  1.956   1.00 22.38 ? 1    MET A C   1 
ATOM   4    O  O   . MET A 1 1  ? -3.015  11.573  1.982   1.00 21.24 ? 1    MET A O   1 
ATOM   5    C  CB  A MET A 1 1  ? -5.497  13.301  2.641   0.50 23.74 ? 1    MET A CB  1 
ATOM   6    C  CB  B MET A 1 1  ? -5.483  13.301  2.660   0.50 23.93 ? 1    MET A CB  1 
ATOM   7    C  CG  A MET A 1 1  ? -5.741  13.583  1.153   0.50 25.95 ? 1    MET A CG  1 
ATOM   8    C  CG  B MET A 1 1  ? -6.519  13.490  1.573   0.50 26.69 ? 1    MET A CG  1 
ATOM   9    S  SD  A MET A 1 1  ? -7.355  12.984  0.553   0.50 31.26 ? 1    MET A SD  1 
ATOM   10   S  SD  B MET A 1 1  ? -5.936  14.599  0.272   0.50 33.28 ? 1    MET A SD  1 
ATOM   11   N  N   . ILE A 1 2  ? -4.738  10.466  1.046   1.00 21.44 ? 2    ILE A N   1 
ATOM   12   C  CA  . ILE A 1 2  ? -4.013  9.914   -0.091  1.00 21.09 ? 2    ILE A CA  1 
ATOM   13   C  C   . ILE A 1 2  ? -4.561  10.540  -1.383  1.00 20.73 ? 2    ILE A C   1 
ATOM   14   O  O   . ILE A 1 2  ? -5.771  10.573  -1.608  1.00 19.87 ? 2    ILE A O   1 
ATOM   15   C  CB  . ILE A 1 2  ? -4.241  8.371   -0.134  1.00 21.53 ? 2    ILE A CB  1 
ATOM   16   C  CG1 . ILE A 1 2  ? -3.669  7.737   1.146   1.00 22.61 ? 2    ILE A CG1 1 
ATOM   17   C  CG2 . ILE A 1 2  ? -3.632  7.761   -1.433  1.00 20.67 ? 2    ILE A CG2 1 
ATOM   18   C  CD1 . ILE A 1 2  ? -4.043  6.315   1.383   1.00 24.94 ? 2    ILE A CD1 1 
ATOM   19   N  N   . ILE A 1 3  ? -3.670  11.041  -2.222  1.00 20.68 ? 3    ILE A N   1 
ATOM   20   C  CA  . ILE A 1 3  ? -4.015  11.465  -3.571  1.00 21.12 ? 3    ILE A CA  1 
ATOM   21   C  C   . ILE A 1 3  ? -3.628  10.330  -4.495  1.00 20.44 ? 3    ILE A C   1 
ATOM   22   O  O   . ILE A 1 3  ? -2.523  9.826   -4.399  1.00 20.18 ? 3    ILE A O   1 
ATOM   23   C  CB  . ILE A 1 3  ? -3.239  12.743  -3.933  1.00 21.90 ? 3    ILE A CB  1 
ATOM   24   C  CG1 . ILE A 1 3  ? -3.852  13.931  -3.150  1.00 24.48 ? 3    ILE A CG1 1 
ATOM   25   C  CG2 . ILE A 1 3  ? -3.260  12.999  -5.452  1.00 23.57 ? 3    ILE A CG2 1 
ATOM   26   C  CD1 . ILE A 1 3  ? -2.952  15.148  -3.057  1.00 27.17 ? 3    ILE A CD1 1 
ATOM   27   N  N   . ASN A 1 4  ? -4.519  9.908   -5.383  1.00 19.93 ? 4    ASN A N   1 
ATOM   28   C  CA  . ASN A 1 4  ? -4.159  8.842   -6.324  1.00 19.21 ? 4    ASN A CA  1 
ATOM   29   C  C   . ASN A 1 4  ? -4.129  9.283   -7.790  1.00 18.60 ? 4    ASN A C   1 
ATOM   30   O  O   . ASN A 1 4  ? -4.858  10.187  -8.210  1.00 17.55 ? 4    ASN A O   1 
ATOM   31   C  CB  . ASN A 1 4  ? -5.038  7.599   -6.109  1.00 19.83 ? 4    ASN A CB  1 
ATOM   32   C  CG  . ASN A 1 4  ? -6.341  7.652   -6.853  1.00 18.97 ? 4    ASN A CG  1 
ATOM   33   O  OD1 . ASN A 1 4  ? -6.394  7.415   -8.066  1.00 17.32 ? 4    ASN A OD1 1 
ATOM   34   N  ND2 . ASN A 1 4  ? -7.416  7.961   -6.138  1.00 16.67 ? 4    ASN A ND2 1 
ATOM   35   N  N   . ASN A 1 5  ? -3.282  8.607   -8.557  1.00 17.40 ? 5    ASN A N   1 
ATOM   36   C  CA  . ASN A 1 5  ? -3.101  8.872   -9.963  1.00 17.67 ? 5    ASN A CA  1 
ATOM   37   C  C   . ASN A 1 5  ? -3.546  7.699   -10.841 1.00 17.88 ? 5    ASN A C   1 
ATOM   38   O  O   . ASN A 1 5  ? -3.048  7.514   -11.945 1.00 17.04 ? 5    ASN A O   1 
ATOM   39   C  CB  . ASN A 1 5  ? -1.617  9.125   -10.188 1.00 17.85 ? 5    ASN A CB  1 
ATOM   40   C  CG  . ASN A 1 5  ? -1.141  10.385  -9.520  0.50 17.34 ? 5    ASN A CG  1 
ATOM   41   O  OD1 . ASN A 1 5  ? -1.780  11.411  -9.625  0.50 17.22 ? 5    ASN A OD1 1 
ATOM   42   N  ND2 . ASN A 1 5  ? -0.004  10.313  -8.836  0.50 19.77 ? 5    ASN A ND2 1 
ATOM   43   N  N   . LEU A 1 6  ? -4.443  6.865   -10.324 1.00 17.42 ? 6    LEU A N   1 
ATOM   44   C  CA  . LEU A 1 6  ? -4.799  5.637   -11.028 1.00 16.75 ? 6    LEU A CA  1 
ATOM   45   C  C   . LEU A 1 6  ? -5.445  5.923   -12.393 1.00 16.95 ? 6    LEU A C   1 
ATOM   46   O  O   . LEU A 1 6  ? -5.092  5.293   -13.360 1.00 16.07 ? 6    LEU A O   1 
ATOM   47   C  CB  . LEU A 1 6  ? -5.735  4.771   -10.178 1.00 16.54 ? 6    LEU A CB  1 
ATOM   48   C  CG  . LEU A 1 6  ? -6.218  3.452   -10.771 1.00 16.10 ? 6    LEU A CG  1 
ATOM   49   C  CD1 . LEU A 1 6  ? -5.063  2.550   -11.197 1.00 16.36 ? 6    LEU A CD1 1 
ATOM   50   C  CD2 . LEU A 1 6  ? -7.161  2.735   -9.746  1.00 16.70 ? 6    LEU A CD2 1 
ATOM   51   N  N   . LYS A 1 7  ? -6.412  6.839   -12.449 1.00 17.61 ? 7    LYS A N   1 
ATOM   52   C  CA  . LYS A 1 7  ? -7.075  7.179   -13.709 1.00 17.78 ? 7    LYS A CA  1 
ATOM   53   C  C   . LYS A 1 7  ? -6.054  7.525   -14.795 1.00 18.28 ? 7    LYS A C   1 
ATOM   54   O  O   . LYS A 1 7  ? -6.087  6.949   -15.878 1.00 17.09 ? 7    LYS A O   1 
ATOM   55   C  CB  . LYS A 1 7  ? -8.070  8.322   -13.530 1.00 18.39 ? 7    LYS A CB  1 
ATOM   56   C  CG  . LYS A 1 7  ? -8.912  8.651   -14.785 1.00 19.36 ? 7    LYS A CG  1 
ATOM   57   C  CD  . LYS A 1 7  ? -9.902  9.789   -14.509 1.00 22.18 ? 7    LYS A CD  1 
ATOM   58   C  CE  . LYS A 1 7  ? -10.660 10.176  -15.768 1.00 24.63 ? 7    LYS A CE  1 
ATOM   59   N  NZ  . LYS A 1 7  ? -11.592 9.097   -16.243 0.50 23.91 ? 7    LYS A NZ  1 
ATOM   60   N  N   . LEU A 1 8  ? -5.122  8.426   -14.482 1.00 18.51 ? 8    LEU A N   1 
ATOM   61   C  CA  . LEU A 1 8  ? -4.194  8.922   -15.486 1.00 18.94 ? 8    LEU A CA  1 
ATOM   62   C  C   . LEU A 1 8  ? -3.238  7.835   -15.968 1.00 18.36 ? 8    LEU A C   1 
ATOM   63   O  O   . LEU A 1 8  ? -2.967  7.729   -17.173 1.00 16.87 ? 8    LEU A O   1 
ATOM   64   C  CB  . LEU A 1 8  ? -3.414  10.143  -14.949 1.00 20.13 ? 8    LEU A CB  1 
ATOM   65   C  CG  . LEU A 1 8  ? -4.175  11.491  -14.876 0.50 20.57 ? 8    LEU A CG  1 
ATOM   66   C  CD1 . LEU A 1 8  ? -3.232  12.631  -14.435 0.50 22.02 ? 8    LEU A CD1 1 
ATOM   67   C  CD2 . LEU A 1 8  ? -4.879  11.868  -16.190 0.50 21.29 ? 8    LEU A CD2 1 
ATOM   68   N  N   . ILE A 1 9  ? -2.748  7.015   -15.037 1.00 17.38 ? 9    ILE A N   1 
ATOM   69   C  CA  . ILE A 1 9  ? -1.813  5.952   -15.385 1.00 17.27 ? 9    ILE A CA  1 
ATOM   70   C  C   . ILE A 1 9  ? -2.522  4.881   -16.213 1.00 16.78 ? 9    ILE A C   1 
ATOM   71   O  O   . ILE A 1 9  ? -2.002  4.420   -17.221 1.00 16.85 ? 9    ILE A O   1 
ATOM   72   C  CB  . ILE A 1 9  ? -1.151  5.348   -14.123 1.00 17.03 ? 9    ILE A CB  1 
ATOM   73   C  CG1 . ILE A 1 9  ? -0.257  6.421   -13.470 1.00 18.42 ? 9    ILE A CG1 1 
ATOM   74   C  CG2 . ILE A 1 9  ? -0.363  4.090   -14.486 1.00 16.70 ? 9    ILE A CG2 1 
ATOM   75   C  CD1 . ILE A 1 9  ? 0.140   6.135   -12.030 1.00 19.44 ? 9    ILE A CD1 1 
ATOM   76   N  N   . ARG A 1 10 ? -3.702  4.488   -15.771 1.00 16.47 ? 10   ARG A N   1 
ATOM   77   C  CA  . ARG A 1 10 ? -4.504  3.506   -16.484 1.00 16.59 ? 10   ARG A CA  1 
ATOM   78   C  C   . ARG A 1 10 ? -4.805  3.972   -17.918 1.00 17.08 ? 10   ARG A C   1 
ATOM   79   O  O   . ARG A 1 10 ? -4.627  3.224   -18.884 1.00 17.53 ? 10   ARG A O   1 
ATOM   80   C  CB  . ARG A 1 10 ? -5.807  3.237   -15.717 1.00 16.11 ? 10   ARG A CB  1 
ATOM   81   C  CG  . ARG A 1 10 ? -6.665  2.167   -16.347 1.00 15.98 ? 10   ARG A CG  1 
ATOM   82   C  CD  . ARG A 1 10 ? -8.041  1.960   -15.729 1.00 16.79 ? 10   ARG A CD  1 
ATOM   83   N  NE  . ARG A 1 10 ? -8.760  3.203   -15.537 1.00 16.73 ? 10   ARG A NE  1 
ATOM   84   C  CZ  . ARG A 1 10 ? -9.279  3.932   -16.524 1.00 17.16 ? 10   ARG A CZ  1 
ATOM   85   N  NH1 . ARG A 1 10 ? -9.131  3.571   -17.782 1.00 16.02 ? 10   ARG A NH1 1 
ATOM   86   N  NH2 . ARG A 1 10 ? -9.939  5.042   -16.252 1.00 16.34 ? 10   ARG A NH2 1 
ATOM   87   N  N   . GLU A 1 11 ? -5.258  5.206   -18.045 1.00 17.49 ? 11   GLU A N   1 
ATOM   88   C  CA  . GLU A 1 11 ? -5.610  5.762   -19.351 1.00 18.56 ? 11   GLU A CA  1 
ATOM   89   C  C   . GLU A 1 11 ? -4.401  5.881   -20.251 1.00 17.86 ? 11   GLU A C   1 
ATOM   90   O  O   . GLU A 1 11 ? -4.488  5.560   -21.425 1.00 16.91 ? 11   GLU A O   1 
ATOM   91   C  CB  . GLU A 1 11 ? -6.225  7.138   -19.203 1.00 19.15 ? 11   GLU A CB  1 
ATOM   92   C  CG  . GLU A 1 11 ? -7.605  7.110   -18.668 1.00 22.31 ? 11   GLU A CG  1 
ATOM   93   C  CD  . GLU A 1 11 ? -8.176  8.507   -18.517 1.00 24.99 ? 11   GLU A CD  1 
ATOM   94   O  OE1 . GLU A 1 11 ? -9.382  8.592   -18.377 1.00 28.71 ? 11   GLU A OE1 1 
ATOM   95   O  OE2 . GLU A 1 11 ? -7.435  9.495   -18.527 1.00 28.26 ? 11   GLU A OE2 1 
ATOM   96   N  N   . LYS A 1 12 ? -3.281  6.307   -19.692 1.00 17.54 ? 12   LYS A N   1 
ATOM   97   C  CA  . LYS A 1 12 ? -2.039  6.420   -20.445 1.00 18.59 ? 12   LYS A CA  1 
ATOM   98   C  C   . LYS A 1 12 ? -1.623  5.089   -21.051 1.00 18.64 ? 12   LYS A C   1 
ATOM   99   O  O   . LYS A 1 12 ? -1.157  5.047   -22.187 1.00 19.03 ? 12   LYS A O   1 
ATOM   100  C  CB  . LYS A 1 12 ? -0.911  6.978   -19.580 1.00 18.83 ? 12   LYS A CB  1 
ATOM   101  C  CG  . LYS A 1 12 ? 0.272   7.463   -20.367 1.00 21.89 ? 12   LYS A CG  1 
ATOM   102  N  N   . LYS A 1 13 ? -1.804  4.005   -20.296 1.00 17.59 ? 13   LYS A N   1 
ATOM   103  C  CA  . LYS A 1 13 ? -1.487  2.669   -20.755 1.00 17.13 ? 13   LYS A CA  1 
ATOM   104  C  C   . LYS A 1 13 ? -2.559  2.080   -21.686 1.00 17.05 ? 13   LYS A C   1 
ATOM   105  O  O   . LYS A 1 13 ? -2.418  0.959   -22.132 1.00 16.43 ? 13   LYS A O   1 
ATOM   106  C  CB  . LYS A 1 13 ? -1.277  1.759   -19.536 1.00 17.26 ? 13   LYS A CB  1 
ATOM   107  C  CG  . LYS A 1 13 ? -0.051  2.137   -18.706 1.00 17.87 ? 13   LYS A CG  1 
ATOM   108  C  CD  . LYS A 1 13 ? 0.065   1.304   -17.424 1.00 17.35 ? 13   LYS A CD  1 
ATOM   109  C  CE  . LYS A 1 13 ? 1.446   1.539   -16.762 1.00 17.57 ? 13   LYS A CE  1 
ATOM   110  N  NZ  . LYS A 1 13 ? 2.507   0.688   -17.383 1.00 16.92 ? 13   LYS A NZ  1 
ATOM   111  N  N   . LYS A 1 14 ? -3.633  2.836   -21.972 1.00 17.48 ? 14   LYS A N   1 
ATOM   112  C  CA  . LYS A 1 14 ? -4.730  2.403   -22.853 1.00 17.27 ? 14   LYS A CA  1 
ATOM   113  C  C   . LYS A 1 14 ? -5.511  1.194   -22.315 1.00 16.53 ? 14   LYS A C   1 
ATOM   114  O  O   . LYS A 1 14 ? -6.017  0.366   -23.065 1.00 16.59 ? 14   LYS A O   1 
ATOM   115  C  CB  . LYS A 1 14 ? -4.229  2.134   -24.294 1.00 18.41 ? 14   LYS A CB  1 
ATOM   116  C  CG  . LYS A 1 14 ? -3.389  3.265   -24.888 1.00 20.86 ? 14   LYS A CG  1 
ATOM   117  C  CD  . LYS A 1 14 ? -4.193  4.537   -25.024 1.00 22.69 ? 14   LYS A CD  1 
ATOM   118  C  CE  . LYS A 1 14 ? -3.465  5.608   -25.842 1.00 24.94 ? 14   LYS A CE  1 
ATOM   119  N  NZ  . LYS A 1 14 ? -4.276  6.853   -25.944 1.00 23.16 ? 14   LYS A NZ  1 
ATOM   120  N  N   . ILE A 1 15 ? -5.624  1.123   -20.999 1.00 15.07 ? 15   ILE A N   1 
ATOM   121  C  CA  . ILE A 1 15 ? -6.332  0.036   -20.327 1.00 15.26 ? 15   ILE A CA  1 
ATOM   122  C  C   . ILE A 1 15 ? -7.689  0.565   -19.923 1.00 15.48 ? 15   ILE A C   1 
ATOM   123  O  O   . ILE A 1 15 ? -7.751  1.579   -19.248 1.00 15.50 ? 15   ILE A O   1 
ATOM   124  C  CB  . ILE A 1 15 ? -5.534  -0.394  -19.088 1.00 14.92 ? 15   ILE A CB  1 
ATOM   125  C  CG1 . ILE A 1 15 ? -4.133  -0.892  -19.491 1.00 13.42 ? 15   ILE A CG1 1 
ATOM   126  C  CG2 . ILE A 1 15 ? -6.289  -1.442  -18.283 1.00 14.61 ? 15   ILE A CG2 1 
ATOM   127  C  CD1 . ILE A 1 15 ? -3.194  -1.101  -18.294 1.00 15.08 ? 15   ILE A CD1 1 
ATOM   128  N  N   . SER A 1 16 ? -8.774  -0.104  -20.312 1.00 16.03 ? 16   SER A N   1 
ATOM   129  C  CA  . SER A 1 16 ? -10.108 0.352   -19.880 1.00 16.82 ? 16   SER A CA  1 
ATOM   130  C  C   . SER A 1 16 ? -10.370 -0.086  -18.452 1.00 15.95 ? 16   SER A C   1 
ATOM   131  O  O   . SER A 1 16 ? -9.679  -0.951  -17.929 1.00 16.12 ? 16   SER A O   1 
ATOM   132  C  CB  . SER A 1 16 ? -11.210 -0.202  -20.780 1.00 16.35 ? 16   SER A CB  1 
ATOM   133  O  OG  . SER A 1 16 ? -11.258 -1.612  -20.677 1.00 17.93 ? 16   SER A OG  1 
ATOM   134  N  N   . GLN A 1 17 ? -11.392 0.488   -17.829 1.00 15.75 ? 17   GLN A N   1 
ATOM   135  C  CA  . GLN A 1 17 ? -11.765 0.082   -16.477 1.00 15.78 ? 17   GLN A CA  1 
ATOM   136  C  C   . GLN A 1 17 ? -12.117 -1.400  -16.412 1.00 15.90 ? 17   GLN A C   1 
ATOM   137  O  O   . GLN A 1 17 ? -11.677 -2.080  -15.491 1.00 15.06 ? 17   GLN A O   1 
ATOM   138  C  CB  . GLN A 1 17 ? -12.925 0.928   -15.929 1.00 15.75 ? 17   GLN A CB  1 
ATOM   139  C  CG  . GLN A 1 17 ? -12.557 2.372   -15.702 1.00 17.60 ? 17   GLN A CG  1 
ATOM   140  C  CD  . GLN A 1 17 ? -13.615 3.126   -14.928 1.00 19.85 ? 17   GLN A CD  1 
ATOM   141  O  OE1 . GLN A 1 17 ? -14.792 2.802   -15.040 1.00 20.10 ? 17   GLN A OE1 1 
ATOM   142  N  NE2 . GLN A 1 17 ? -13.200 4.114   -14.136 1.00 17.79 ? 17   GLN A NE2 1 
ATOM   143  N  N   . SER A 1 18 ? -12.901 -1.917  -17.368 1.00 16.10 ? 18   SER A N   1 
ATOM   144  C  CA  . SER A 1 18 ? -13.274 -3.332  -17.351 1.00 16.15 ? 18   SER A CA  1 
ATOM   145  C  C   . SER A 1 18 ? -12.055 -4.206  -17.564 1.00 15.97 ? 18   SER A C   1 
ATOM   146  O  O   . SER A 1 18 ? -11.968 -5.288  -17.012 1.00 15.72 ? 18   SER A O   1 
ATOM   147  C  CB  . SER A 1 18 ? -14.328 -3.691  -18.415 1.00 16.76 ? 18   SER A CB  1 
ATOM   148  O  OG  . SER A 1 18 ? -13.901 -3.336  -19.730 1.00 19.01 ? 18   SER A OG  1 
ATOM   149  N  N   . GLU A 1 19 ? -11.124 -3.752  -18.382 1.00 16.30 ? 19   GLU A N   1 
ATOM   150  C  CA  . GLU A 1 19 ? -9.885  -4.516  -18.612 1.00 16.31 ? 19   GLU A CA  1 
ATOM   151  C  C   . GLU A 1 19 ? -9.072  -4.677  -17.317 1.00 16.51 ? 19   GLU A C   1 
ATOM   152  O  O   . GLU A 1 19 ? -8.623  -5.783  -16.971 1.00 16.26 ? 19   GLU A O   1 
ATOM   153  C  CB  . GLU A 1 19 ? -9.033  -3.837  -19.677 1.00 16.03 ? 19   GLU A CB  1 
ATOM   154  C  CG  . GLU A 1 19 ? -7.737  -4.580  -19.991 1.00 17.29 ? 19   GLU A CG  1 
ATOM   155  C  CD  . GLU A 1 19 ? -6.918  -3.912  -21.066 1.00 18.62 ? 19   GLU A CD  1 
ATOM   156  O  OE1 . GLU A 1 19 ? -7.352  -2.869  -21.615 1.00 18.59 ? 19   GLU A OE1 1 
ATOM   157  O  OE2 . GLU A 1 19 ? -5.832  -4.438  -21.369 1.00 20.14 ? 19   GLU A OE2 1 
ATOM   158  N  N   . LEU A 1 20 ? -8.892  -3.569  -16.602 1.00 16.10 ? 20   LEU A N   1 
ATOM   159  C  CA  . LEU A 1 20 ? -8.157  -3.597  -15.338 1.00 16.05 ? 20   LEU A CA  1 
ATOM   160  C  C   . LEU A 1 20 ? -8.867  -4.442  -14.291 1.00 16.47 ? 20   LEU A C   1 
ATOM   161  O  O   . LEU A 1 20 ? -8.233  -5.217  -13.597 1.00 17.12 ? 20   LEU A O   1 
ATOM   162  C  CB  . LEU A 1 20 ? -7.912  -2.176  -14.799 1.00 15.62 ? 20   LEU A CB  1 
ATOM   163  C  CG  . LEU A 1 20 ? -6.945  -2.068  -13.612 1.00 16.42 ? 20   LEU A CG  1 
ATOM   164  C  CD1 . LEU A 1 20 ? -5.544  -2.605  -13.963 1.00 16.88 ? 20   LEU A CD1 1 
ATOM   165  C  CD2 . LEU A 1 20 ? -6.859  -0.643  -13.042 1.00 17.22 ? 20   LEU A CD2 1 
ATOM   166  N  N   . ALA A 1 21 ? -10.183 -4.288  -14.186 1.00 17.70 ? 21   ALA A N   1 
ATOM   167  C  CA  . ALA A 1 21 ? -11.007 -5.041  -13.235 1.00 18.16 ? 21   ALA A CA  1 
ATOM   168  C  C   . ALA A 1 21 ? -10.850 -6.562  -13.457 1.00 18.89 ? 21   ALA A C   1 
ATOM   169  O  O   . ALA A 1 21 ? -10.687 -7.338  -12.508 1.00 19.23 ? 21   ALA A O   1 
ATOM   170  C  CB  . ALA A 1 21 ? -12.487 -4.631  -13.392 1.00 17.85 ? 21   ALA A CB  1 
ATOM   171  N  N   . ALA A 1 22 ? -10.909 -6.968  -14.721 1.00 19.25 ? 22   ALA A N   1 
ATOM   172  C  CA  . ALA A 1 22 ? -10.744 -8.362  -15.095 1.00 19.13 ? 22   ALA A CA  1 
ATOM   173  C  C   . ALA A 1 22 ? -9.354  -8.888  -14.692 1.00 19.19 ? 22   ALA A C   1 
ATOM   174  O  O   . ALA A 1 22 ? -9.245  -9.955  -14.110 1.00 18.22 ? 22   ALA A O   1 
ATOM   175  C  CB  . ALA A 1 22 ? -10.966 -8.523  -16.596 1.00 19.17 ? 22   ALA A CB  1 
ATOM   176  N  N   . LEU A 1 23 ? -8.300  -8.110  -14.952 1.00 19.20 ? 23   LEU A N   1 
ATOM   177  C  CA  . LEU A 1 23 ? -6.941  -8.536  -14.607 1.00 19.17 ? 23   LEU A CA  1 
ATOM   178  C  C   . LEU A 1 23 ? -6.779  -8.690  -13.084 1.00 19.72 ? 23   LEU A C   1 
ATOM   179  O  O   . LEU A 1 23 ? -6.152  -9.650  -12.597 1.00 19.54 ? 23   LEU A O   1 
ATOM   180  C  CB  . LEU A 1 23 ? -5.910  -7.545  -15.173 1.00 19.34 ? 23   LEU A CB  1 
ATOM   181  C  CG  . LEU A 1 23 ? -4.407  -7.769  -14.901 1.00 19.53 ? 23   LEU A CG  1 
ATOM   182  C  CD1 . LEU A 1 23 ? -3.903  -9.041  -15.573 1.00 21.17 ? 23   LEU A CD1 1 
ATOM   183  C  CD2 . LEU A 1 23 ? -3.562  -6.574  -15.351 1.00 21.39 ? 23   LEU A CD2 1 
ATOM   184  N  N   . LEU A 1 24 ? -7.367  -7.767  -12.340 1.00 19.46 ? 24   LEU A N   1 
ATOM   185  C  CA  . LEU A 1 24 ? -7.210  -7.728  -10.892 1.00 20.02 ? 24   LEU A CA  1 
ATOM   186  C  C   . LEU A 1 24 ? -8.247  -8.571  -10.165 1.00 20.66 ? 24   LEU A C   1 
ATOM   187  O  O   . LEU A 1 24 ? -8.205  -8.679  -8.940  1.00 20.08 ? 24   LEU A O   1 
ATOM   188  C  CB  . LEU A 1 24 ? -7.317  -6.297  -10.395 1.00 20.12 ? 24   LEU A CB  1 
ATOM   189  C  CG  . LEU A 1 24 ? -6.296  -5.273  -10.926 1.00 21.50 ? 24   LEU A CG  1 
ATOM   190  C  CD1 . LEU A 1 24 ? -6.667  -3.912  -10.401 1.00 22.12 ? 24   LEU A CD1 1 
ATOM   191  C  CD2 . LEU A 1 24 ? -4.884  -5.644  -10.521 1.00 24.24 ? 24   LEU A CD2 1 
ATOM   192  N  N   . GLU A 1 25 ? -9.172  -9.151  -10.916 1.00 21.24 ? 25   GLU A N   1 
ATOM   193  C  CA  . GLU A 1 25 ? -10.287 -9.900  -10.347 1.00 22.35 ? 25   GLU A CA  1 
ATOM   194  C  C   . GLU A 1 25 ? -11.087 -9.101  -9.314  1.00 22.17 ? 25   GLU A C   1 
ATOM   195  O  O   . GLU A 1 25 ? -11.361 -9.583  -8.212  1.00 21.58 ? 25   GLU A O   1 
ATOM   196  C  CB  . GLU A 1 25 ? -9.760  -11.208 -9.753  1.00 23.18 ? 25   GLU A CB  1 
ATOM   197  C  CG  . GLU A 1 25 ? -9.116  -12.081 -10.810 1.00 24.66 ? 25   GLU A CG  1 
ATOM   198  C  CD  . GLU A 1 25 ? -8.467  -13.313 -10.212 1.00 29.92 ? 25   GLU A CD  1 
ATOM   199  O  OE1 . GLU A 1 25 ? -9.141  -14.365 -10.193 1.00 31.53 ? 25   GLU A OE1 1 
ATOM   200  O  OE2 . GLU A 1 25 ? -7.302  -13.213 -9.756  1.00 32.04 ? 25   GLU A OE2 1 
ATOM   201  N  N   . VAL A 1 26 ? -11.421 -7.854  -9.665  1.00 21.47 ? 26   VAL A N   1 
ATOM   202  C  CA  . VAL A 1 26 ? -12.356 -7.047  -8.902  1.00 21.10 ? 26   VAL A CA  1 
ATOM   203  C  C   . VAL A 1 26 ? -13.420 -6.491  -9.852  1.00 21.08 ? 26   VAL A C   1 
ATOM   204  O  O   . VAL A 1 26 ? -13.340 -6.669  -11.070 1.00 21.24 ? 26   VAL A O   1 
ATOM   205  C  CB  . VAL A 1 26 ? -11.658 -5.864  -8.123  1.00 21.65 ? 26   VAL A CB  1 
ATOM   206  C  CG1 . VAL A 1 26 ? -10.602 -6.391  -7.127  1.00 22.36 ? 26   VAL A CG1 1 
ATOM   207  C  CG2 . VAL A 1 26 ? -11.057 -4.801  -9.091  1.00 21.77 ? 26   VAL A CG2 1 
ATOM   208  N  N   . SER A 1 27 ? -14.403 -5.798  -9.299  1.00 20.80 ? 27   SER A N   1 
ATOM   209  C  CA  . SER A 1 27 ? -15.456 -5.206  -10.101 1.00 20.69 ? 27   SER A CA  1 
ATOM   210  C  C   . SER A 1 27 ? -15.005 -3.909  -10.747 1.00 20.31 ? 27   SER A C   1 
ATOM   211  O  O   . SER A 1 27 ? -14.132 -3.217  -10.240 1.00 19.49 ? 27   SER A O   1 
ATOM   212  C  CB  . SER A 1 27 ? -16.719 -4.966  -9.254  1.00 21.14 ? 27   SER A CB  1 
ATOM   213  O  OG  . SER A 1 27 ? -16.563 -3.882  -8.357  1.00 22.19 ? 27   SER A OG  1 
ATOM   214  N  N   . ARG A 1 28 ? -15.619 -3.577  -11.874 1.00 19.90 ? 28   ARG A N   1 
ATOM   215  C  CA  . ARG A 1 28 ? -15.402 -2.286  -12.487 1.00 20.27 ? 28   ARG A CA  1 
ATOM   216  C  C   . ARG A 1 28 ? -15.776 -1.159  -11.533 1.00 19.81 ? 28   ARG A C   1 
ATOM   217  O  O   . ARG A 1 28 ? -15.088 -0.156  -11.488 1.00 19.53 ? 28   ARG A O   1 
ATOM   218  C  CB  . ARG A 1 28 ? -16.181 -2.167  -13.783 1.00 20.45 ? 28   ARG A CB  1 
ATOM   219  C  CG  . ARG A 1 28 ? -15.815 -0.935  -14.570 1.00 22.18 ? 28   ARG A CG  1 
ATOM   220  C  CD  . ARG A 1 28 ? -16.751 -0.641  -15.676 1.00 25.08 ? 28   ARG A CD  1 
ATOM   221  N  NE  . ARG A 1 28 ? -16.612 0.731   -16.114 1.00 27.13 ? 28   ARG A NE  1 
ATOM   222  C  CZ  . ARG A 1 28 ? -17.094 1.190   -17.268 1.00 30.06 ? 28   ARG A CZ  1 
ATOM   223  N  NH1 . ARG A 1 28 ? -17.776 0.387   -18.075 1.00 29.97 ? 28   ARG A NH1 1 
ATOM   224  N  NH2 . ARG A 1 28 ? -16.905 2.459   -17.607 1.00 30.29 ? 28   ARG A NH2 1 
ATOM   225  N  N   . GLN A 1 29 ? -16.853 -1.341  -10.765 1.00 20.16 ? 29   GLN A N   1 
ATOM   226  C  CA  . GLN A 1 29 ? -17.293 -0.356  -9.764  1.00 19.66 ? 29   GLN A CA  1 
ATOM   227  C  C   . GLN A 1 29 ? -16.179 -0.055  -8.771  1.00 19.59 ? 29   GLN A C   1 
ATOM   228  O  O   . GLN A 1 29 ? -15.987 1.081   -8.379  1.00 19.33 ? 29   GLN A O   1 
ATOM   229  C  CB  . GLN A 1 29 ? -18.534 -0.878  -9.000  1.00 20.21 ? 29   GLN A CB  1 
ATOM   230  C  CG  . GLN A 1 29 ? -19.094 0.060   -7.932  0.50 18.56 ? 29   GLN A CG  1 
ATOM   231  C  CD  . GLN A 1 29 ? -20.211 -0.593  -7.119  0.50 18.81 ? 29   GLN A CD  1 
ATOM   232  O  OE1 . GLN A 1 29 ? -21.331 -0.748  -7.610  0.50 19.09 ? 29   GLN A OE1 1 
ATOM   233  N  NE2 . GLN A 1 29 ? -19.901 -0.987  -5.889  0.50 15.97 ? 29   GLN A NE2 1 
ATOM   234  N  N   . THR A 1 30 ? -15.441 -1.076  -8.359  1.00 19.86 ? 30   THR A N   1 
ATOM   235  C  CA  . THR A 1 30 ? -14.298 -0.861  -7.470  1.00 20.35 ? 30   THR A CA  1 
ATOM   236  C  C   . THR A 1 30 ? -13.230 0.041   -8.078  1.00 20.19 ? 30   THR A C   1 
ATOM   237  O  O   . THR A 1 30 ? -12.745 0.944   -7.415  1.00 20.27 ? 30   THR A O   1 
ATOM   238  C  CB  . THR A 1 30 ? -13.676 -2.211  -7.086  1.00 20.88 ? 30   THR A CB  1 
ATOM   239  O  OG1 . THR A 1 30 ? -14.592 -2.904  -6.242  1.00 22.15 ? 30   THR A OG1 1 
ATOM   240  C  CG2 . THR A 1 30 ? -12.415 -2.033  -6.230  1.00 21.73 ? 30   THR A CG2 1 
ATOM   241  N  N   . ILE A 1 31 ? -12.855 -0.228  -9.326  1.00 19.74 ? 31   ILE A N   1 
ATOM   242  C  CA  . ILE A 1 31 ? -11.851 0.577   -10.008 1.00 19.76 ? 31   ILE A CA  1 
ATOM   243  C  C   . ILE A 1 31 ? -12.367 2.015   -10.138 1.00 19.61 ? 31   ILE A C   1 
ATOM   244  O  O   . ILE A 1 31 ? -11.648 2.969   -9.823  1.00 18.44 ? 31   ILE A O   1 
ATOM   245  C  CB  . ILE A 1 31 ? -11.498 -0.050  -11.396 1.00 20.16 ? 31   ILE A CB  1 
ATOM   246  C  CG1 . ILE A 1 31 ? -10.859 -1.451  -11.233 1.00 21.16 ? 31   ILE A CG1 1 
ATOM   247  C  CG2 . ILE A 1 31 ? -10.612 0.878   -12.233 1.00 21.35 ? 31   ILE A CG2 1 
ATOM   248  C  CD1 . ILE A 1 31 ? -9.625  -1.532  -10.346 1.00 22.12 ? 31   ILE A CD1 1 
ATOM   249  N  N   . ASN A 1 32 ? -13.619 2.168   -10.565 1.00 19.48 ? 32   ASN A N   1 
ATOM   250  C  CA  . ASN A 1 32 ? -14.192 3.489   -10.770 1.00 19.86 ? 32   ASN A CA  1 
ATOM   251  C  C   . ASN A 1 32 ? -14.267 4.276   -9.448  1.00 19.86 ? 32   ASN A C   1 
ATOM   252  O  O   . ASN A 1 32 ? -13.946 5.456   -9.414  1.00 20.33 ? 32   ASN A O   1 
ATOM   253  C  CB  . ASN A 1 32 ? -15.567 3.383   -11.423 1.00 20.43 ? 32   ASN A CB  1 
ATOM   254  C  CG  . ASN A 1 32 ? -16.082 4.726   -11.874 1.00 22.11 ? 32   ASN A CG  1 
ATOM   255  O  OD1 . ASN A 1 32 ? -15.385 5.456   -12.592 1.00 22.50 ? 32   ASN A OD1 1 
ATOM   256  N  ND2 . ASN A 1 32 ? -17.287 5.090   -11.414 1.00 24.10 ? 32   ASN A ND2 1 
ATOM   257  N  N   . GLY A 1 33 ? -14.634 3.585   -8.366  1.00 19.19 ? 33   GLY A N   1 
ATOM   258  C  CA  . GLY A 1 33 ? -14.697 4.159   -7.039  1.00 18.99 ? 33   GLY A CA  1 
ATOM   259  C  C   . GLY A 1 33 ? -13.372 4.717   -6.563  1.00 18.62 ? 33   GLY A C   1 
ATOM   260  O  O   . GLY A 1 33 ? -13.335 5.796   -5.993  1.00 18.91 ? 33   GLY A O   1 
ATOM   261  N  N   . ILE A 1 34 ? -12.287 3.992   -6.803  1.00 18.35 ? 34   ILE A N   1 
ATOM   262  C  CA  . ILE A 1 34 ? -10.968 4.468   -6.453  1.00 19.05 ? 34   ILE A CA  1 
ATOM   263  C  C   . ILE A 1 34 ? -10.663 5.738   -7.233  1.00 19.82 ? 34   ILE A C   1 
ATOM   264  O  O   . ILE A 1 34 ? -10.196 6.729   -6.667  1.00 19.53 ? 34   ILE A O   1 
ATOM   265  C  CB  . ILE A 1 34 ? -9.883  3.380   -6.728  1.00 19.15 ? 34   ILE A CB  1 
ATOM   266  C  CG1 . ILE A 1 34 ? -10.068 2.191   -5.780  1.00 20.33 ? 34   ILE A CG1 1 
ATOM   267  C  CG2 . ILE A 1 34 ? -8.473  3.966   -6.556  1.00 19.52 ? 34   ILE A CG2 1 
ATOM   268  C  CD1 . ILE A 1 34 ? -9.424  0.835   -6.293  1.00 21.89 ? 34   ILE A CD1 1 
ATOM   269  N  N   . GLU A 1 35 ? -10.941 5.707   -8.531  1.00 20.77 ? 35   GLU A N   1 
ATOM   270  C  CA  . GLU A 1 35 ? -10.647 6.846   -9.402  1.00 22.17 ? 35   GLU A CA  1 
ATOM   271  C  C   . GLU A 1 35 ? -11.506 8.073   -9.098  1.00 23.79 ? 35   GLU A C   1 
ATOM   272  O  O   . GLU A 1 35 ? -11.062 9.196   -9.298  1.00 25.87 ? 35   GLU A O   1 
ATOM   273  C  CB  . GLU A 1 35 ? -10.793 6.441   -10.869 1.00 21.88 ? 35   GLU A CB  1 
ATOM   274  C  CG  . GLU A 1 35 ? -9.651  5.543   -11.332 1.00 20.45 ? 35   GLU A CG  1 
ATOM   275  C  CD  . GLU A 1 35 ? -9.825  4.977   -12.735 1.00 20.80 ? 35   GLU A CD  1 
ATOM   276  O  OE1 . GLU A 1 35 ? -9.038  4.080   -13.076 1.00 17.68 ? 35   GLU A OE1 1 
ATOM   277  O  OE2 . GLU A 1 35 ? -10.720 5.417   -13.498 1.00 18.93 ? 35   GLU A OE2 1 
ATOM   278  N  N   . LYS A 1 36 ? -12.718 7.869   -8.614  1.00 25.03 ? 36   LYS A N   1 
ATOM   279  C  CA  . LYS A 1 36 ? -13.592 8.986   -8.228  1.00 26.52 ? 36   LYS A CA  1 
ATOM   280  C  C   . LYS A 1 36 ? -13.372 9.386   -6.752  1.00 27.80 ? 36   LYS A C   1 
ATOM   281  O  O   . LYS A 1 36 ? -14.116 10.197  -6.211  1.00 27.93 ? 36   LYS A O   1 
ATOM   282  C  CB  . LYS A 1 36 ? -15.057 8.627   -8.474  1.00 26.56 ? 36   LYS A CB  1 
ATOM   283  C  CG  . LYS A 1 36 ? -15.401 8.315   -9.950  1.00 27.03 ? 36   LYS A CG  1 
ATOM   284  C  CD  . LYS A 1 36 ? -15.505 9.554   -10.821 0.50 27.04 ? 36   LYS A CD  1 
ATOM   285  C  CE  . LYS A 1 36 ? -15.974 9.203   -12.245 0.50 26.39 ? 36   LYS A CE  1 
ATOM   286  N  NZ  . LYS A 1 36 ? -15.036 8.281   -12.960 0.50 25.26 ? 36   LYS A NZ  1 
ATOM   287  N  N   . ASN A 1 37 ? -12.344 8.818   -6.114  1.00 28.88 ? 37   ASN A N   1 
ATOM   288  C  CA  . ASN A 1 37 ? -11.964 9.169   -4.744  1.00 30.23 ? 37   ASN A CA  1 
ATOM   289  C  C   . ASN A 1 37 ? -13.084 8.934   -3.733  1.00 31.26 ? 37   ASN A C   1 
ATOM   290  O  O   . ASN A 1 37 ? -13.233 9.685   -2.768  1.00 31.80 ? 37   ASN A O   1 
ATOM   291  C  CB  . ASN A 1 37 ? -11.498 10.635  -4.658  1.00 30.59 ? 37   ASN A CB  1 
ATOM   292  C  CG  . ASN A 1 37 ? -10.343 10.946  -5.588  1.00 31.93 ? 37   ASN A CG  1 
ATOM   293  O  OD1 . ASN A 1 37 ? -9.269  10.352  -5.471  1.00 35.95 ? 37   ASN A OD1 1 
ATOM   294  N  ND2 . ASN A 1 37 ? -10.544 11.905  -6.504  1.00 31.53 ? 37   ASN A ND2 1 
ATOM   295  N  N   . LYS A 1 38 ? -13.887 7.913   -3.960  1.00 31.74 ? 38   LYS A N   1 
ATOM   296  C  CA  . LYS A 1 38 ? -14.917 7.566   -3.009  1.00 33.17 ? 38   LYS A CA  1 
ATOM   297  C  C   . LYS A 1 38 ? -14.290 6.840   -1.814  1.00 33.71 ? 38   LYS A C   1 
ATOM   298  O  O   . LYS A 1 38 ? -14.866 6.825   -0.730  1.00 34.43 ? 38   LYS A O   1 
ATOM   299  C  CB  . LYS A 1 38 ? -16.002 6.718   -3.673  1.00 33.60 ? 38   LYS A CB  1 
ATOM   300  C  CG  . LYS A 1 38 ? -16.916 7.506   -4.621  1.00 35.45 ? 38   LYS A CG  1 
ATOM   301  C  CD  . LYS A 1 38 ? -17.758 6.577   -5.517  1.00 38.91 ? 38   LYS A CD  1 
ATOM   302  C  CE  . LYS A 1 38 ? -18.228 7.271   -6.806  1.00 40.33 ? 38   LYS A CE  1 
ATOM   303  N  NZ  . LYS A 1 38 ? -18.588 6.319   -7.906  1.00 40.21 ? 38   LYS A NZ  1 
ATOM   304  N  N   . TYR A 1 39 ? -13.116 6.239   -2.018  1.00 33.61 ? 39   TYR A N   1 
ATOM   305  C  CA  . TYR A 1 39 ? -12.416 5.488   -0.970  1.00 33.43 ? 39   TYR A CA  1 
ATOM   306  C  C   . TYR A 1 39 ? -11.064 4.962   -1.435  1.00 32.42 ? 39   TYR A C   1 
ATOM   307  O  O   . TYR A 1 39 ? -10.789 4.846   -2.635  1.00 31.18 ? 39   TYR A O   1 
ATOM   308  C  CB  . TYR A 1 39 ? -13.234 4.273   -0.557  1.00 34.08 ? 39   TYR A CB  1 
ATOM   309  C  CG  . TYR A 1 39 ? -13.674 3.472   -1.746  1.00 37.02 ? 39   TYR A CG  1 
ATOM   310  C  CD1 . TYR A 1 39 ? -12.848 2.516   -2.314  1.00 40.11 ? 39   TYR A CD1 1 
ATOM   311  C  CD2 . TYR A 1 39 ? -14.916 3.690   -2.319  1.00 41.66 ? 39   TYR A CD2 1 
ATOM   312  C  CE1 . TYR A 1 39 ? -13.256 1.790   -3.414  1.00 40.20 ? 39   TYR A CE1 1 
ATOM   313  C  CE2 . TYR A 1 39 ? -15.326 2.969   -3.402  1.00 42.40 ? 39   TYR A CE2 1 
ATOM   314  C  CZ  . TYR A 1 39 ? -14.492 2.026   -3.947  1.00 41.97 ? 39   TYR A CZ  1 
ATOM   315  O  OH  . TYR A 1 39 ? -14.924 1.317   -5.037  1.00 46.14 ? 39   TYR A OH  1 
ATOM   316  N  N   . ASN A 1 40 ? -10.243 4.586   -0.462  1.00 31.08 ? 40   ASN A N   1 
ATOM   317  C  CA  . ASN A 1 40 ? -8.980  3.946   -0.765  1.00 29.97 ? 40   ASN A CA  1 
ATOM   318  C  C   . ASN A 1 40 ? -9.123  2.422   -0.837  1.00 27.66 ? 40   ASN A C   1 
ATOM   319  O  O   . ASN A 1 40 ? -9.915  1.807   -0.121  1.00 28.23 ? 40   ASN A O   1 
ATOM   320  C  CB  . ASN A 1 40 ? -7.911  4.347   0.255   1.00 30.57 ? 40   ASN A CB  1 
ATOM   321  C  CG  . ASN A 1 40 ? -7.643  5.834   0.248   1.00 32.28 ? 40   ASN A CG  1 
ATOM   322  O  OD1 . ASN A 1 40 ? -7.289  6.403   -0.785  1.00 34.22 ? 40   ASN A OD1 1 
ATOM   323  N  ND2 . ASN A 1 40 ? -7.823  6.481   1.401   1.00 36.37 ? 40   ASN A ND2 1 
ATOM   324  N  N   . PRO A 1 41 ? -8.330  1.819   -1.698  1.00 24.72 ? 41   PRO A N   1 
ATOM   325  C  CA  . PRO A 1 41 ? -8.242  0.361   -1.753  1.00 23.14 ? 41   PRO A CA  1 
ATOM   326  C  C   . PRO A 1 41 ? -7.564  -0.223  -0.510  1.00 20.99 ? 41   PRO A C   1 
ATOM   327  O  O   . PRO A 1 41 ? -6.833  0.473   0.186   1.00 19.88 ? 41   PRO A O   1 
ATOM   328  C  CB  . PRO A 1 41 ? -7.348  0.122   -2.972  1.00 23.46 ? 41   PRO A CB  1 
ATOM   329  C  CG  . PRO A 1 41 ? -6.562  1.358   -3.123  1.00 24.13 ? 41   PRO A CG  1 
ATOM   330  C  CD  . PRO A 1 41 ? -7.385  2.475   -2.617  1.00 24.11 ? 41   PRO A CD  1 
ATOM   331  N  N   . SER A 1 42 ? -7.789  -1.508  -0.279  1.00 19.59 ? 42   SER A N   1 
ATOM   332  C  CA  . SER A 1 42 ? -7.027  -2.282  0.687   1.00 18.39 ? 42   SER A CA  1 
ATOM   333  C  C   . SER A 1 42 ? -5.550  -2.270  0.299   1.00 18.05 ? 42   SER A C   1 
ATOM   334  O  O   . SER A 1 42 ? -5.183  -2.003  -0.856  1.00 17.01 ? 42   SER A O   1 
ATOM   335  C  CB  . SER A 1 42 ? -7.530  -3.732  0.743   1.00 18.52 ? 42   SER A CB  1 
ATOM   336  O  OG  . SER A 1 42 ? -7.236  -4.421  -0.476  1.00 16.98 ? 42   SER A OG  1 
ATOM   337  N  N   . LEU A 1 43 ? -4.694  -2.565  1.267   1.00 16.65 ? 43   LEU A N   1 
ATOM   338  C  CA  . LEU A 1 43 ? -3.283  -2.723  0.987   1.00 17.25 ? 43   LEU A CA  1 
ATOM   339  C  C   . LEU A 1 43 ? -3.062  -3.759  -0.100  1.00 17.06 ? 43   LEU A C   1 
ATOM   340  O  O   . LEU A 1 43 ? -2.298  -3.524  -1.040  1.00 16.90 ? 43   LEU A O   1 
ATOM   341  C  CB  . LEU A 1 43 ? -2.519  -3.127  2.254   1.00 17.47 ? 43   LEU A CB  1 
ATOM   342  C  CG  . LEU A 1 43 ? -1.043  -3.419  2.058   1.00 17.29 ? 43   LEU A CG  1 
ATOM   343  C  CD1 . LEU A 1 43 ? -0.303  -2.203  1.465   1.00 17.87 ? 43   LEU A CD1 1 
ATOM   344  C  CD2 . LEU A 1 43 ? -0.400  -3.895  3.394   1.00 19.28 ? 43   LEU A CD2 1 
ATOM   345  N  N   . GLN A 1 44 ? -3.736  -4.902  0.008   1.00 16.92 ? 44   GLN A N   1 
ATOM   346  C  CA  . GLN A 1 44 ? -3.520  -5.962  -0.986  1.00 17.74 ? 44   GLN A CA  1 
ATOM   347  C  C   . GLN A 1 44 ? -3.888  -5.519  -2.408  1.00 17.05 ? 44   GLN A C   1 
ATOM   348  O  O   . GLN A 1 44 ? -3.174  -5.809  -3.357  1.00 17.33 ? 44   GLN A O   1 
ATOM   349  C  CB  . GLN A 1 44 ? -4.283  -7.234  -0.645  1.00 17.77 ? 44   GLN A CB  1 
ATOM   350  C  CG  . GLN A 1 44 ? -4.019  -8.327  -1.691  1.00 20.86 ? 44   GLN A CG  1 
ATOM   351  C  CD  . GLN A 1 44 ? -4.373  -9.704  -1.208  0.50 21.22 ? 44   GLN A CD  1 
ATOM   352  O  OE1 . GLN A 1 44 ? -3.556  -10.367 -0.576  0.50 21.65 ? 44   GLN A OE1 1 
ATOM   353  N  NE2 . GLN A 1 44 ? -5.588  -10.144 -1.511  0.50 21.56 ? 44   GLN A NE2 1 
ATOM   354  N  N   . LEU A 1 45 ? -4.999  -4.816  -2.561  1.00 17.39 ? 45   LEU A N   1 
ATOM   355  C  CA  . LEU A 1 45 ? -5.425  -4.370  -3.887  1.00 17.25 ? 45   LEU A CA  1 
ATOM   356  C  C   . LEU A 1 45 ? -4.475  -3.307  -4.440  1.00 17.04 ? 45   LEU A C   1 
ATOM   357  O  O   . LEU A 1 45 ? -4.122  -3.343  -5.636  1.00 16.87 ? 45   LEU A O   1 
ATOM   358  C  CB  . LEU A 1 45 ? -6.866  -3.862  -3.866  1.00 17.65 ? 45   LEU A CB  1 
ATOM   359  C  CG  . LEU A 1 45 ? -7.403  -3.371  -5.231  1.00 18.30 ? 45   LEU A CG  1 
ATOM   360  C  CD1 . LEU A 1 45 ? -7.300  -4.443  -6.305  1.00 18.28 ? 45   LEU A CD1 1 
ATOM   361  C  CD2 . LEU A 1 45 ? -8.835  -2.881  -5.062  1.00 18.73 ? 45   LEU A CD2 1 
ATOM   362  N  N   . ALA A 1 46 ? -4.054  -2.374  -3.587  1.00 15.52 ? 46   ALA A N   1 
ATOM   363  C  CA  . ALA A 1 46 ? -3.034  -1.391  -3.961  1.00 15.61 ? 46   ALA A CA  1 
ATOM   364  C  C   . ALA A 1 46 ? -1.784  -2.083  -4.491  1.00 15.67 ? 46   ALA A C   1 
ATOM   365  O  O   . ALA A 1 46 ? -1.233  -1.683  -5.527  1.00 15.47 ? 46   ALA A O   1 
ATOM   366  C  CB  . ALA A 1 46 ? -2.673  -0.504  -2.797  1.00 15.46 ? 46   ALA A CB  1 
ATOM   367  N  N   . LEU A 1 47 ? -1.345  -3.134  -3.798  1.00 15.33 ? 47   LEU A N   1 
ATOM   368  C  CA  . LEU A 1 47 ? -0.134  -3.857  -4.205  1.00 15.25 ? 47   LEU A CA  1 
ATOM   369  C  C   . LEU A 1 47 ? -0.315  -4.577  -5.547  1.00 15.41 ? 47   LEU A C   1 
ATOM   370  O  O   . LEU A 1 47 ? 0.598   -4.602  -6.358  1.00 13.99 ? 47   LEU A O   1 
ATOM   371  C  CB  . LEU A 1 47 ? 0.285   -4.867  -3.143  1.00 16.01 ? 47   LEU A CB  1 
ATOM   372  C  CG  . LEU A 1 47 ? 0.777   -4.290  -1.802  1.00 17.04 ? 47   LEU A CG  1 
ATOM   373  C  CD1 . LEU A 1 47 ? 0.869   -5.409  -0.782  1.00 20.98 ? 47   LEU A CD1 1 
ATOM   374  C  CD2 . LEU A 1 47 ? 2.125   -3.632  -1.989  1.00 19.74 ? 47   LEU A CD2 1 
ATOM   375  N  N   . LYS A 1 48 ? -1.500  -5.130  -5.782  1.00 15.49 ? 48   LYS A N   1 
ATOM   376  C  CA  . LYS A 1 48 ? -1.798  -5.798  -7.051  1.00 16.05 ? 48   LYS A CA  1 
ATOM   377  C  C   . LYS A 1 48 ? -1.816  -4.794  -8.184  1.00 15.70 ? 48   LYS A C   1 
ATOM   378  O  O   . LYS A 1 48 ? -1.300  -5.060  -9.254  1.00 15.71 ? 48   LYS A O   1 
ATOM   379  C  CB  . LYS A 1 48 ? -3.145  -6.484  -6.998  1.00 16.63 ? 48   LYS A CB  1 
ATOM   380  C  CG  . LYS A 1 48 ? -3.162  -7.734  -6.187  1.00 20.97 ? 48   LYS A CG  1 
ATOM   381  C  CD  . LYS A 1 48 ? -4.574  -8.296  -6.108  1.00 24.01 ? 48   LYS A CD  1 
ATOM   382  C  CE  . LYS A 1 48 ? -4.951  -9.059  -7.329  1.00 24.94 ? 48   LYS A CE  1 
ATOM   383  N  NZ  . LYS A 1 48 ? -6.287  -9.674  -7.134  1.00 25.20 ? 48   LYS A NZ  1 
ATOM   384  N  N   . ILE A 1 49 ? -2.410  -3.633  -7.927  1.00 15.35 ? 49   ILE A N   1 
ATOM   385  C  CA  . ILE A 1 49 ? -2.443  -2.546  -8.916  1.00 15.28 ? 49   ILE A CA  1 
ATOM   386  C  C   . ILE A 1 49 ? -1.018  -2.169  -9.302  1.00 15.35 ? 49   ILE A C   1 
ATOM   387  O  O   . ILE A 1 49 ? -0.726  -2.062  -10.486 1.00 16.01 ? 49   ILE A O   1 
ATOM   388  C  CB  . ILE A 1 49 ? -3.242  -1.339  -8.392  1.00 14.38 ? 49   ILE A CB  1 
ATOM   389  C  CG1 . ILE A 1 49 ? -4.732  -1.690  -8.309  1.00 15.92 ? 49   ILE A CG1 1 
ATOM   390  C  CG2 . ILE A 1 49 ? -3.009  -0.063  -9.255  1.00 15.57 ? 49   ILE A CG2 1 
ATOM   391  C  CD1 . ILE A 1 49 ? -5.575  -0.749  -7.465  1.00 17.09 ? 49   ILE A CD1 1 
ATOM   392  N  N   . ALA A 1 50 ? -0.141  -1.949  -8.326  1.00 15.37 ? 50   ALA A N   1 
ATOM   393  C  CA  . ALA A 1 50 ? 1.232   -1.519  -8.594  1.00 15.44 ? 50   ALA A CA  1 
ATOM   394  C  C   . ALA A 1 50 ? 2.012   -2.588  -9.345  1.00 16.04 ? 50   ALA A C   1 
ATOM   395  O  O   . ALA A 1 50 ? 2.858   -2.300  -10.221 1.00 15.50 ? 50   ALA A O   1 
ATOM   396  C  CB  . ALA A 1 50 ? 1.953   -1.162  -7.303  1.00 16.10 ? 50   ALA A CB  1 
ATOM   397  N  N   . TYR A 1 51 ? 1.738   -3.823  -8.980  1.00 15.98 ? 51   TYR A N   1 
ATOM   398  C  CA  . TYR A 1 51 ? 2.407   -4.958  -9.581  1.00 16.45 ? 51   TYR A CA  1 
ATOM   399  C  C   . TYR A 1 51 ? 2.094   -4.996  -11.084 1.00 15.99 ? 51   TYR A C   1 
ATOM   400  O  O   . TYR A 1 51 ? 3.004   -4.992  -11.928 1.00 16.58 ? 51   TYR A O   1 
ATOM   401  C  CB  . TYR A 1 51 ? 1.934   -6.228  -8.876  1.00 16.56 ? 51   TYR A CB  1 
ATOM   402  C  CG  . TYR A 1 51 ? 2.535   -7.512  -9.388  1.00 18.49 ? 51   TYR A CG  1 
ATOM   403  C  CD1 . TYR A 1 51 ? 1.987   -8.175  -10.485 1.00 21.89 ? 51   TYR A CD1 1 
ATOM   404  C  CD2 . TYR A 1 51 ? 3.622   -8.094  -8.738  1.00 21.43 ? 51   TYR A CD2 1 
ATOM   405  C  CE1 . TYR A 1 51 ? 2.543   -9.381  -10.957 1.00 23.17 ? 51   TYR A CE1 1 
ATOM   406  C  CE2 . TYR A 1 51 ? 4.171   -9.289  -9.179  1.00 23.91 ? 51   TYR A CE2 1 
ATOM   407  C  CZ  . TYR A 1 51 ? 3.632   -9.928  -10.288 1.00 24.34 ? 51   TYR A CZ  1 
ATOM   408  O  OH  . TYR A 1 51 ? 4.187   -11.109 -10.705 1.00 24.91 ? 51   TYR A OH  1 
ATOM   409  N  N   . TYR A 1 52 ? 0.819   -5.003  -11.418 1.00 15.73 ? 52   TYR A N   1 
ATOM   410  C  CA  . TYR A 1 52 ? 0.420   -5.182  -12.812 1.00 16.09 ? 52   TYR A CA  1 
ATOM   411  C  C   . TYR A 1 52 ? 0.667   -3.929  -13.639 1.00 16.90 ? 52   TYR A C   1 
ATOM   412  O  O   . TYR A 1 52 ? 1.053   -4.021  -14.804 1.00 16.72 ? 52   TYR A O   1 
ATOM   413  C  CB  . TYR A 1 52 ? -1.026  -5.631  -12.905 1.00 15.34 ? 52   TYR A CB  1 
ATOM   414  C  CG  . TYR A 1 52 ? -1.178  -7.120  -12.655 1.00 15.68 ? 52   TYR A CG  1 
ATOM   415  C  CD1 . TYR A 1 52 ? -1.804  -7.593  -11.509 1.00 15.33 ? 52   TYR A CD1 1 
ATOM   416  C  CD2 . TYR A 1 52 ? -0.638  -8.049  -13.545 1.00 16.04 ? 52   TYR A CD2 1 
ATOM   417  C  CE1 . TYR A 1 52 ? -1.928  -8.945  -11.252 1.00 16.06 ? 52   TYR A CE1 1 
ATOM   418  C  CE2 . TYR A 1 52 ? -0.767  -9.417  -13.313 1.00 17.01 ? 52   TYR A CE2 1 
ATOM   419  C  CZ  . TYR A 1 52 ? -1.402  -9.859  -12.153 1.00 16.97 ? 52   TYR A CZ  1 
ATOM   420  O  OH  . TYR A 1 52 ? -1.538  -11.190 -11.893 1.00 19.18 ? 52   TYR A OH  1 
ATOM   421  N  N   . LEU A 1 53 ? 0.501   -2.758  -13.022 1.00 17.40 ? 53   LEU A N   1 
ATOM   422  C  CA  . LEU A 1 53 ? 0.809   -1.519  -13.720 1.00 18.21 ? 53   LEU A CA  1 
ATOM   423  C  C   . LEU A 1 53 ? 2.309   -1.204  -13.796 1.00 19.04 ? 53   LEU A C   1 
ATOM   424  O  O   . LEU A 1 53 ? 2.692   -0.187  -14.370 1.00 18.80 ? 53   LEU A O   1 
ATOM   425  C  CB  . LEU A 1 53 ? 0.029   -0.362  -13.107 1.00 18.16 ? 53   LEU A CB  1 
ATOM   426  C  CG  . LEU A 1 53 ? -1.491  -0.459  -13.225 1.00 18.36 ? 53   LEU A CG  1 
ATOM   427  C  CD1 . LEU A 1 53 ? -2.088  0.841   -12.695 1.00 20.16 ? 53   LEU A CD1 1 
ATOM   428  C  CD2 . LEU A 1 53 ? -1.973  -0.720  -14.636 1.00 18.64 ? 53   LEU A CD2 1 
ATOM   429  N  N   . ASN A 1 54 ? 3.149   -2.079  -13.250 1.00 20.13 ? 54   ASN A N   1 
ATOM   430  C  CA  . ASN A 1 54 ? 4.599   -1.934  -13.311 1.00 21.48 ? 54   ASN A CA  1 
ATOM   431  C  C   . ASN A 1 54 ? 5.045   -0.511  -12.999 1.00 21.80 ? 54   ASN A C   1 
ATOM   432  O  O   . ASN A 1 54 ? 5.826   0.113   -13.731 1.00 20.81 ? 54   ASN A O   1 
ATOM   433  C  CB  . ASN A 1 54 ? 5.105   -2.401  -14.661 1.00 22.91 ? 54   ASN A CB  1 
ATOM   434  C  CG  . ASN A 1 54 ? 6.622   -2.530  -14.713 1.00 26.98 ? 54   ASN A CG  1 
ATOM   435  O  OD1 . ASN A 1 54 ? 7.260   -3.019  -13.776 1.00 30.64 ? 54   ASN A OD1 1 
ATOM   436  N  ND2 . ASN A 1 54 ? 7.198   -2.085  -15.817 1.00 30.25 ? 54   ASN A ND2 1 
ATOM   437  N  N   . THR A 1 55 ? 4.497   -0.001  -11.897 1.00 21.59 ? 55   THR A N   1 
ATOM   438  C  CA  . THR A 1 55 ? 4.723   1.367   -11.454 1.00 21.60 ? 55   THR A CA  1 
ATOM   439  C  C   . THR A 1 55 ? 4.928   1.329   -9.937  1.00 21.68 ? 55   THR A C   1 
ATOM   440  O  O   . THR A 1 55 ? 4.157   0.648   -9.244  1.00 20.57 ? 55   THR A O   1 
ATOM   441  C  CB  . THR A 1 55 ? 3.468   2.209   -11.772 1.00 21.68 ? 55   THR A CB  1 
ATOM   442  O  OG1 . THR A 1 55 ? 3.242   2.258   -13.188 1.00 21.64 ? 55   THR A OG1 1 
ATOM   443  C  CG2 . THR A 1 55 ? 3.659   3.651   -11.387 1.00 22.02 ? 55   THR A CG2 1 
ATOM   444  N  N   . PRO A 1 56 ? 5.935   2.040   -9.405  1.00 21.82 ? 56   PRO A N   1 
ATOM   445  C  CA  . PRO A 1 56 ? 6.100   2.102   -7.949  1.00 21.67 ? 56   PRO A CA  1 
ATOM   446  C  C   . PRO A 1 56 ? 4.791   2.522   -7.332  1.00 20.59 ? 56   PRO A C   1 
ATOM   447  O  O   . PRO A 1 56 ? 4.137   3.446   -7.831  1.00 20.12 ? 56   PRO A O   1 
ATOM   448  C  CB  . PRO A 1 56 ? 7.164   3.174   -7.757  1.00 22.23 ? 56   PRO A CB  1 
ATOM   449  C  CG  . PRO A 1 56 ? 7.999   3.082   -8.996  1.00 22.44 ? 56   PRO A CG  1 
ATOM   450  C  CD  . PRO A 1 56 ? 6.997   2.796   -10.094 1.00 22.23 ? 56   PRO A CD  1 
ATOM   451  N  N   . LEU A 1 57 ? 4.399   1.814   -6.287  1.00 19.35 ? 57   LEU A N   1 
ATOM   452  C  CA  . LEU A 1 57 ? 3.133   2.040   -5.623  1.00 19.88 ? 57   LEU A CA  1 
ATOM   453  C  C   . LEU A 1 57 ? 2.957   3.503   -5.235  1.00 20.62 ? 57   LEU A C   1 
ATOM   454  O  O   . LEU A 1 57 ? 1.875   4.049   -5.363  1.00 19.92 ? 57   LEU A O   1 
ATOM   455  C  CB  . LEU A 1 57 ? 3.002   1.129   -4.396  1.00 19.32 ? 57   LEU A CB  1 
ATOM   456  C  CG  . LEU A 1 57 ? 1.618   1.129   -3.737  1.00 20.52 ? 57   LEU A CG  1 
ATOM   457  C  CD1 . LEU A 1 57 ? 1.298   -0.221  -3.188  1.00 20.03 ? 57   LEU A CD1 1 
ATOM   458  C  CD2 . LEU A 1 57 ? 1.521   2.198   -2.619  1.00 21.35 ? 57   LEU A CD2 1 
ATOM   459  N  N   . GLU A 1 58 ? 4.028   4.149   -4.793  1.00 21.95 ? 58   GLU A N   1 
ATOM   460  C  CA  . GLU A 1 58 ? 3.919   5.529   -4.344  1.00 23.50 ? 58   GLU A CA  1 
ATOM   461  C  C   . GLU A 1 58 ? 3.761   6.546   -5.458  1.00 23.74 ? 58   GLU A C   1 
ATOM   462  O  O   . GLU A 1 58 ? 3.336   7.655   -5.196  1.00 25.07 ? 58   GLU A O   1 
ATOM   463  C  CB  . GLU A 1 58 ? 5.080   5.892   -3.443  1.00 23.89 ? 58   GLU A CB  1 
ATOM   464  C  CG  . GLU A 1 58 ? 5.072   5.011   -2.239  1.00 25.65 ? 58   GLU A CG  1 
ATOM   465  C  CD  . GLU A 1 58 ? 6.093   3.893   -2.322  1.00 28.03 ? 58   GLU A CD  1 
ATOM   466  O  OE1 . GLU A 1 58 ? 6.692   3.733   -1.252  1.00 23.62 ? 58   GLU A OE1 1 
ATOM   467  O  OE2 . GLU A 1 58 ? 6.283   3.190   -3.420  1.00 24.29 ? 58   GLU A OE2 1 
ATOM   468  N  N   . ASP A 1 59 ? 4.027   6.154   -6.697  1.00 23.96 ? 59   ASP A N   1 
ATOM   469  C  CA  . ASP A 1 59 ? 3.649   6.961   -7.853  1.00 23.31 ? 59   ASP A CA  1 
ATOM   470  C  C   . ASP A 1 59 ? 2.147   6.904   -8.115  1.00 22.34 ? 59   ASP A C   1 
ATOM   471  O  O   . ASP A 1 59 ? 1.601   7.802   -8.751  1.00 22.51 ? 59   ASP A O   1 
ATOM   472  C  CB  . ASP A 1 59 ? 4.388   6.504   -9.105  1.00 24.22 ? 59   ASP A CB  1 
ATOM   473  C  CG  . ASP A 1 59 ? 5.874   6.742   -9.027  1.00 27.50 ? 59   ASP A CG  1 
ATOM   474  O  OD1 . ASP A 1 59 ? 6.344   7.379   -8.053  1.00 30.31 ? 59   ASP A OD1 1 
ATOM   475  O  OD2 . ASP A 1 59 ? 6.651   6.329   -9.919  1.00 33.12 ? 59   ASP A OD2 1 
ATOM   476  N  N   . ILE A 1 60 ? 1.477   5.867   -7.620  1.00 19.61 ? 60   ILE A N   1 
ATOM   477  C  CA  . ILE A 1 60 ? 0.047   5.726   -7.809  1.00 18.91 ? 60   ILE A CA  1 
ATOM   478  C  C   . ILE A 1 60 ? -0.758  6.233   -6.618  1.00 18.23 ? 60   ILE A C   1 
ATOM   479  O  O   . ILE A 1 60 ? -1.810  6.824   -6.798  1.00 18.35 ? 60   ILE A O   1 
ATOM   480  C  CB  . ILE A 1 60 ? -0.347  4.246   -8.072  1.00 19.06 ? 60   ILE A CB  1 
ATOM   481  C  CG1 . ILE A 1 60 ? 0.596   3.593   -9.086  1.00 20.08 ? 60   ILE A CG1 1 
ATOM   482  C  CG2 . ILE A 1 60 ? -1.840  4.170   -8.482  1.00 18.56 ? 60   ILE A CG2 1 
ATOM   483  C  CD1 . ILE A 1 60 ? 0.426   2.064   -9.225  1.00 22.56 ? 60   ILE A CD1 1 
ATOM   484  N  N   . PHE A 1 61 ? -0.316  5.923   -5.407  1.00 17.84 ? 61   PHE A N   1 
ATOM   485  C  CA  . PHE A 1 61 ? -1.038  6.307   -4.190  1.00 17.11 ? 61   PHE A CA  1 
ATOM   486  C  C   . PHE A 1 61 ? -0.041  7.080   -3.347  1.00 17.42 ? 61   PHE A C   1 
ATOM   487  O  O   . PHE A 1 61 ? 0.965   6.537   -2.903  1.00 17.55 ? 61   PHE A O   1 
ATOM   488  C  CB  . PHE A 1 61 ? -1.548  5.074   -3.436  1.00 17.66 ? 61   PHE A CB  1 
ATOM   489  C  CG  . PHE A 1 61 ? -2.514  4.229   -4.243  1.00 15.35 ? 61   PHE A CG  1 
ATOM   490  C  CD1 . PHE A 1 61 ? -3.834  4.583   -4.327  1.00 15.87 ? 61   PHE A CD1 1 
ATOM   491  C  CD2 . PHE A 1 61 ? -2.073  3.098   -4.929  1.00 18.27 ? 61   PHE A CD2 1 
ATOM   492  C  CE1 . PHE A 1 61 ? -4.758  3.806   -5.078  1.00 17.58 ? 61   PHE A CE1 1 
ATOM   493  C  CE2 . PHE A 1 61 ? -2.972  2.309   -5.682  1.00 17.72 ? 61   PHE A CE2 1 
ATOM   494  C  CZ  . PHE A 1 61 ? -4.304  2.661   -5.758  1.00 17.73 ? 61   PHE A CZ  1 
ATOM   495  N  N   . GLN A 1 62 ? -0.289  8.370   -3.225  1.00 17.83 ? 62   GLN A N   1 
ATOM   496  C  CA  . GLN A 1 62 ? 0.615   9.282   -2.540  1.00 18.58 ? 62   GLN A CA  1 
ATOM   497  C  C   . GLN A 1 62 ? -0.014  9.820   -1.256  1.00 17.48 ? 62   GLN A C   1 
ATOM   498  O  O   . GLN A 1 62 ? -0.907  10.634  -1.308  1.00 18.42 ? 62   GLN A O   1 
ATOM   499  C  CB  . GLN A 1 62 ? 0.953   10.443  -3.467  1.00 19.23 ? 62   GLN A CB  1 
ATOM   500  C  CG  . GLN A 1 62 ? 1.396   9.997   -4.853  1.00 22.24 ? 62   GLN A CG  1 
ATOM   501  C  CD  . GLN A 1 62 ? 1.936   11.124  -5.686  0.50 23.81 ? 62   GLN A CD  1 
ATOM   502  O  OE1 . GLN A 1 62 ? 1.336   12.199  -5.748  0.50 23.88 ? 62   GLN A OE1 1 
ATOM   503  N  NE2 . GLN A 1 62 ? 3.069   10.889  -6.337  0.50 26.06 ? 62   GLN A NE2 1 
ATOM   504  N  N   . TRP A 1 63 ? 0.485   9.372   -0.121  1.00 17.02 ? 63   TRP A N   1 
ATOM   505  C  CA  . TRP A 1 63 ? 0.107   9.935   1.164   1.00 17.91 ? 63   TRP A CA  1 
ATOM   506  C  C   . TRP A 1 63 ? 0.676   11.347  1.289   1.00 17.65 ? 63   TRP A C   1 
ATOM   507  O  O   . TRP A 1 63 ? 1.837   11.581  1.002   1.00 17.06 ? 63   TRP A O   1 
ATOM   508  C  CB  . TRP A 1 63 ? 0.638   9.067   2.306   1.00 17.81 ? 63   TRP A CB  1 
ATOM   509  C  CG  . TRP A 1 63 ? 0.279   9.600   3.672   1.00 15.97 ? 63   TRP A CG  1 
ATOM   510  C  CD1 . TRP A 1 63 ? -0.977  9.837   4.163   1.00 18.01 ? 63   TRP A CD1 1 
ATOM   511  C  CD2 . TRP A 1 63 ? 1.187   9.969   4.708   1.00 14.85 ? 63   TRP A CD2 1 
ATOM   512  N  NE1 . TRP A 1 63 ? -0.906  10.323  5.447   1.00 16.27 ? 63   TRP A NE1 1 
ATOM   513  C  CE2 . TRP A 1 63 ? 0.419   10.427  5.801   1.00 15.19 ? 63   TRP A CE2 1 
ATOM   514  C  CE3 . TRP A 1 63 ? 2.578   9.950   4.829   1.00 14.56 ? 63   TRP A CE3 1 
ATOM   515  C  CZ2 . TRP A 1 63 ? 0.994   10.857  6.983   1.00 14.68 ? 63   TRP A CZ2 1 
ATOM   516  C  CZ3 . TRP A 1 63 ? 3.151   10.366  6.009   1.00 14.63 ? 63   TRP A CZ3 1 
ATOM   517  C  CH2 . TRP A 1 63 ? 2.359   10.826  7.071   1.00 14.75 ? 63   TRP A CH2 1 
ATOM   518  N  N   . GLN A 1 64 ? -0.155  12.284  1.699   1.00 18.35 ? 64   GLN A N   1 
ATOM   519  C  CA  . GLN A 1 64 ? 0.295   13.655  1.899   1.00 18.91 ? 64   GLN A CA  1 
ATOM   520  C  C   . GLN A 1 64 ? 0.785   13.725  3.340   1.00 18.90 ? 64   GLN A C   1 
ATOM   521  O  O   . GLN A 1 64 ? -0.028  13.592  4.264   1.00 18.34 ? 64   GLN A O   1 
ATOM   522  C  CB  . GLN A 1 64 ? -0.869  14.625  1.660   1.00 19.11 ? 64   GLN A CB  1 
ATOM   523  C  CG  . GLN A 1 64 ? -1.446  14.542  0.239   1.00 21.59 ? 64   GLN A CG  1 
ATOM   524  C  CD  . GLN A 1 64 ? -0.366  14.680  -0.799  1.00 23.56 ? 64   GLN A CD  1 
ATOM   525  O  OE1 . GLN A 1 64 ? 0.212   15.759  -0.945  1.00 27.31 ? 64   GLN A OE1 1 
ATOM   526  N  NE2 . GLN A 1 64 ? -0.059  13.590  -1.501  1.00 20.83 ? 64   GLN A NE2 1 
ATOM   527  N  N   . PRO A 1 65 ? 2.089   13.864  3.556   1.00 19.23 ? 65   PRO A N   1 
ATOM   528  C  CA  . PRO A 1 65 ? 2.608   13.748  4.911   1.00 20.14 ? 65   PRO A CA  1 
ATOM   529  C  C   . PRO A 1 65 ? 2.006   14.797  5.846   1.00 21.01 ? 65   PRO A C   1 
ATOM   530  O  O   . PRO A 1 65 ? 1.864   15.955  5.472   1.00 21.59 ? 65   PRO A O   1 
ATOM   531  C  CB  . PRO A 1 65 ? 4.100   13.910  4.720   1.00 20.26 ? 65   PRO A CB  1 
ATOM   532  C  CG  . PRO A 1 65 ? 4.312   13.424  3.331   1.00 19.66 ? 65   PRO A CG  1 
ATOM   533  C  CD  . PRO A 1 65 ? 3.185   14.057  2.591   1.00 19.68 ? 65   PRO A CD  1 
ATOM   534  N  N   . GLU A 1 66 ? 1.590   14.318  7.002   1.00 21.85 ? 66   GLU A N   1 
ATOM   535  C  CA  . GLU A 1 66 ? 0.916   15.093  8.029   1.00 23.20 ? 66   GLU A CA  1 
ATOM   536  C  C   . GLU A 1 66 ? 1.320   14.462  9.346   1.00 23.20 ? 66   GLU A C   1 
ATOM   537  O  O   . GLU A 1 66 ? 1.054   13.257  9.539   1.00 23.04 ? 66   GLU A O   1 
ATOM   538  C  CB  . GLU A 1 66 ? -0.606  15.027  7.851   1.00 23.41 ? 66   GLU A CB  1 
ATOM   539  C  CG  . GLU A 1 66 ? -1.365  15.917  8.824   1.00 26.10 ? 66   GLU A CG  1 
ATOM   540  C  CD  . GLU A 1 66 ? -2.876  15.841  8.644   0.50 27.65 ? 66   GLU A CD  1 
ATOM   541  O  OE1 . GLU A 1 66 ? -3.424  16.634  7.854   0.50 31.02 ? 66   GLU A OE1 1 
ATOM   542  O  OE2 . GLU A 1 66 ? -3.514  14.997  9.296   0.50 27.68 ? 66   GLU A OE2 1 
ATOM   543  O  OXT . GLU A 1 66 ? 1.929   15.141  10.170  1.00 22.48 ? 66   GLU A OXT 1 
ATOM   544  N  N   . MET B 1 1  ? -0.360  -14.025 -1.988  1.00 38.67 ? 1    MET B N   1 
ATOM   545  C  CA  . MET B 1 1  ? 0.364   -13.975 -0.678  1.00 38.83 ? 1    MET B CA  1 
ATOM   546  C  C   . MET B 1 1  ? 1.097   -12.638 -0.516  1.00 38.32 ? 1    MET B C   1 
ATOM   547  O  O   . MET B 1 1  ? 1.506   -12.047 -1.511  1.00 38.71 ? 1    MET B O   1 
ATOM   548  C  CB  . MET B 1 1  ? 1.368   -15.129 -0.591  1.00 38.78 ? 1    MET B CB  1 
ATOM   549  N  N   . ILE B 1 2  ? 1.263   -12.181 0.731   1.00 37.87 ? 2    ILE B N   1 
ATOM   550  C  CA  . ILE B 1 2  ? 2.048   -10.970 1.063   1.00 37.10 ? 2    ILE B CA  1 
ATOM   551  C  C   . ILE B 1 2  ? 3.247   -11.334 1.954   1.00 35.96 ? 2    ILE B C   1 
ATOM   552  O  O   . ILE B 1 2  ? 3.072   -11.760 3.082   1.00 36.67 ? 2    ILE B O   1 
ATOM   553  C  CB  . ILE B 1 2  ? 1.171   -9.872  1.771   1.00 36.81 ? 2    ILE B CB  1 
ATOM   554  C  CG1 . ILE B 1 2  ? 0.078   -9.356  0.827   1.00 37.01 ? 2    ILE B CG1 1 
ATOM   555  C  CG2 . ILE B 1 2  ? 2.046   -8.672  2.243   1.00 36.91 ? 2    ILE B CG2 1 
ATOM   556  C  CD1 . ILE B 1 2  ? -0.816  -8.249  1.402   1.00 36.81 ? 2    ILE B CD1 1 
ATOM   557  N  N   . ILE B 1 3  ? 4.458   -11.180 1.433   1.00 34.61 ? 3    ILE B N   1 
ATOM   558  C  CA  . ILE B 1 3  ? 5.660   -11.237 2.258   1.00 33.17 ? 3    ILE B CA  1 
ATOM   559  C  C   . ILE B 1 3  ? 5.790   -9.905  3.037   1.00 30.97 ? 3    ILE B C   1 
ATOM   560  O  O   . ILE B 1 3  ? 5.642   -8.832  2.484   1.00 30.37 ? 3    ILE B O   1 
ATOM   561  C  CB  . ILE B 1 3  ? 6.901   -11.482 1.373   1.00 33.75 ? 3    ILE B CB  1 
ATOM   562  C  CG1 . ILE B 1 3  ? 6.752   -12.793 0.589   1.00 35.25 ? 3    ILE B CG1 1 
ATOM   563  C  CG2 . ILE B 1 3  ? 8.199   -11.482 2.201   1.00 34.15 ? 3    ILE B CG2 1 
ATOM   564  C  CD1 . ILE B 1 3  ? 6.900   -12.607 -0.899  1.00 37.15 ? 3    ILE B CD1 1 
ATOM   565  N  N   . ASN B 1 4  ? 6.117   -10.011 4.316   1.00 28.37 ? 4    ASN B N   1 
ATOM   566  C  CA  . ASN B 1 4  ? 6.198   -8.897  5.222   1.00 26.08 ? 4    ASN B CA  1 
ATOM   567  C  C   . ASN B 1 4  ? 7.621   -8.803  5.777   1.00 24.77 ? 4    ASN B C   1 
ATOM   568  O  O   . ASN B 1 4  ? 8.049   -9.711  6.473   1.00 23.18 ? 4    ASN B O   1 
ATOM   569  C  CB  . ASN B 1 4  ? 5.187   -9.212  6.328   1.00 26.88 ? 4    ASN B CB  1 
ATOM   570  C  CG  . ASN B 1 4  ? 5.155   -8.178  7.430   1.00 25.43 ? 4    ASN B CG  1 
ATOM   571  O  OD1 . ASN B 1 4  ? 6.144   -7.513  7.729   1.00 24.14 ? 4    ASN B OD1 1 
ATOM   572  N  ND2 . ASN B 1 4  ? 4.002   -8.067  8.065   1.00 24.88 ? 4    ASN B ND2 1 
ATOM   573  N  N   . ASN B 1 5  ? 8.341   -7.725  5.458   1.00 23.11 ? 5    ASN B N   1 
ATOM   574  C  CA  . ASN B 1 5  ? 9.706   -7.480  5.926   1.00 22.83 ? 5    ASN B CA  1 
ATOM   575  C  C   . ASN B 1 5  ? 9.819   -6.367  6.959   1.00 21.61 ? 5    ASN B C   1 
ATOM   576  O  O   . ASN B 1 5  ? 10.890  -5.814  7.171   1.00 21.79 ? 5    ASN B O   1 
ATOM   577  C  CB  . ASN B 1 5  ? 10.599  -7.109  4.739   1.00 22.98 ? 5    ASN B CB  1 
ATOM   578  C  CG  . ASN B 1 5  ? 10.656  -8.186  3.711   1.00 24.09 ? 5    ASN B CG  1 
ATOM   579  O  OD1 . ASN B 1 5  ? 10.830  -9.366  4.045   1.00 23.39 ? 5    ASN B OD1 1 
ATOM   580  N  ND2 . ASN B 1 5  ? 10.488  -7.807  2.449   1.00 25.99 ? 5    ASN B ND2 1 
ATOM   581  N  N   . LEU B 1 6  ? 8.722   -6.030  7.616   1.00 21.01 ? 6    LEU B N   1 
ATOM   582  C  CA  . LEU B 1 6  ? 8.719   -4.846  8.468   1.00 20.68 ? 6    LEU B CA  1 
ATOM   583  C  C   . LEU B 1 6  ? 9.727   -4.941  9.596   1.00 21.06 ? 6    LEU B C   1 
ATOM   584  O  O   . LEU B 1 6  ? 10.472  -3.991  9.841   1.00 20.71 ? 6    LEU B O   1 
ATOM   585  C  CB  . LEU B 1 6  ? 7.316   -4.583  9.009   1.00 20.55 ? 6    LEU B CB  1 
ATOM   586  C  CG  . LEU B 1 6  ? 7.109   -3.399  9.943   1.00 21.01 ? 6    LEU B CG  1 
ATOM   587  C  CD1 . LEU B 1 6  ? 7.628   -2.140  9.357   1.00 21.90 ? 6    LEU B CD1 1 
ATOM   588  C  CD2 . LEU B 1 6  ? 5.604   -3.242  10.264  1.00 22.80 ? 6    LEU B CD2 1 
ATOM   589  N  N   . LYS B 1 7  ? 9.769   -6.078  10.284  1.00 21.83 ? 7    LYS B N   1 
ATOM   590  C  CA  . LYS B 1 7  ? 10.699  -6.260  11.400  1.00 23.31 ? 7    LYS B CA  1 
ATOM   591  C  C   . LYS B 1 7  ? 12.152  -6.126  10.955  1.00 23.88 ? 7    LYS B C   1 
ATOM   592  O  O   . LYS B 1 7  ? 12.929  -5.442  11.595  1.00 23.23 ? 7    LYS B O   1 
ATOM   593  C  CB  . LYS B 1 7  ? 10.493  -7.625  12.069  1.00 23.86 ? 7    LYS B CB  1 
ATOM   594  C  CG  . LYS B 1 7  ? 11.368  -7.841  13.288  1.00 25.88 ? 7    LYS B CG  1 
ATOM   595  C  CD  . LYS B 1 7  ? 10.863  -9.006  14.114  1.00 29.72 ? 7    LYS B CD  1 
ATOM   596  C  CE  . LYS B 1 7  ? 11.727  -9.229  15.344  1.00 32.33 ? 7    LYS B CE  1 
ATOM   597  N  NZ  . LYS B 1 7  ? 12.929  -9.981  14.937  1.00 33.31 ? 7    LYS B NZ  1 
ATOM   598  N  N   . LEU B 1 8  ? 12.504  -6.797  9.869   1.00 25.25 ? 8    LEU B N   1 
ATOM   599  C  CA  . LEU B 1 8  ? 13.871  -6.749  9.326   1.00 26.53 ? 8    LEU B CA  1 
ATOM   600  C  C   . LEU B 1 8  ? 14.285  -5.319  8.989   1.00 26.28 ? 8    LEU B C   1 
ATOM   601  O  O   . LEU B 1 8  ? 15.375  -4.874  9.357   1.00 26.52 ? 8    LEU B O   1 
ATOM   602  C  CB  . LEU B 1 8  ? 13.978  -7.604  8.049   1.00 27.06 ? 8    LEU B CB  1 
ATOM   603  C  CG  . LEU B 1 8  ? 14.902  -8.832  7.934   1.00 31.11 ? 8    LEU B CG  1 
ATOM   604  C  CD1 . LEU B 1 8  ? 15.379  -9.424  9.278   1.00 33.22 ? 8    LEU B CD1 1 
ATOM   605  C  CD2 . LEU B 1 8  ? 14.198  -9.900  7.075   1.00 33.92 ? 8    LEU B CD2 1 
ATOM   606  N  N   . ILE B 1 9  ? 13.412  -4.597  8.302   1.00 26.48 ? 9    ILE B N   1 
ATOM   607  C  CA  . ILE B 1 9  ? 13.727  -3.236  7.871   1.00 26.78 ? 9    ILE B CA  1 
ATOM   608  C  C   . ILE B 1 9  ? 13.811  -2.282  9.052   1.00 27.44 ? 9    ILE B C   1 
ATOM   609  O  O   . ILE B 1 9  ? 14.754  -1.488  9.133   1.00 27.38 ? 9    ILE B O   1 
ATOM   610  C  CB  . ILE B 1 9  ? 12.727  -2.758  6.813   1.00 26.82 ? 9    ILE B CB  1 
ATOM   611  C  CG1 . ILE B 1 9  ? 12.952  -3.546  5.519   1.00 26.98 ? 9    ILE B CG1 1 
ATOM   612  C  CG2 . ILE B 1 9  ? 12.871  -1.238  6.535   1.00 27.64 ? 9    ILE B CG2 1 
ATOM   613  C  CD1 . ILE B 1 9  ? 11.759  -3.627  4.674   1.00 27.00 ? 9    ILE B CD1 1 
ATOM   614  N  N   . ARG B 1 10 ? 12.832  -2.350  9.956   1.00 27.35 ? 10   ARG B N   1 
ATOM   615  C  CA  . ARG B 1 10 ? 12.850  -1.542  11.170  1.00 28.24 ? 10   ARG B CA  1 
ATOM   616  C  C   . ARG B 1 10 ? 14.127  -1.790  11.977  1.00 29.56 ? 10   ARG B C   1 
ATOM   617  O  O   . ARG B 1 10 ? 14.767  -0.851  12.445  1.00 30.42 ? 10   ARG B O   1 
ATOM   618  C  CB  . ARG B 1 10 ? 11.617  -1.836  12.031  1.00 27.59 ? 10   ARG B CB  1 
ATOM   619  C  CG  . ARG B 1 10 ? 11.481  -0.905  13.235  1.00 27.24 ? 10   ARG B CG  1 
ATOM   620  C  CD  . ARG B 1 10 ? 10.390  -1.272  14.229  1.00 25.23 ? 10   ARG B CD  1 
ATOM   621  N  NE  . ARG B 1 10 ? 10.396  -2.680  14.581  1.00 24.27 ? 10   ARG B NE  1 
ATOM   622  C  CZ  . ARG B 1 10 ? 11.230  -3.259  15.439  1.00 26.07 ? 10   ARG B CZ  1 
ATOM   623  N  NH1 . ARG B 1 10 ? 12.171  -2.569  16.062  1.00 26.63 ? 10   ARG B NH1 1 
ATOM   624  N  NH2 . ARG B 1 10 ? 11.132  -4.558  15.654  1.00 25.68 ? 10   ARG B NH2 1 
ATOM   625  N  N   . GLU B 1 11 ? 14.508  -3.052  12.118  1.00 30.98 ? 11   GLU B N   1 
ATOM   626  C  CA  . GLU B 1 11 ? 15.671  -3.424  12.921  1.00 32.60 ? 11   GLU B CA  1 
ATOM   627  C  C   . GLU B 1 11 ? 17.000  -2.930  12.360  1.00 33.19 ? 11   GLU B C   1 
ATOM   628  O  O   . GLU B 1 11 ? 17.874  -2.536  13.135  1.00 33.90 ? 11   GLU B O   1 
ATOM   629  C  CB  . GLU B 1 11 ? 15.746  -4.938  13.116  1.00 32.68 ? 11   GLU B CB  1 
ATOM   630  C  CG  . GLU B 1 11 ? 14.951  -5.395  14.320  1.00 34.09 ? 11   GLU B CG  1 
ATOM   631  C  CD  . GLU B 1 11 ? 14.921  -6.905  14.482  1.00 36.24 ? 11   GLU B CD  1 
ATOM   632  O  OE1 . GLU B 1 11 ? 14.398  -7.345  15.516  1.00 37.71 ? 11   GLU B OE1 1 
ATOM   633  O  OE2 . GLU B 1 11 ? 15.397  -7.644  13.584  1.00 39.56 ? 11   GLU B OE2 1 
ATOM   634  N  N   . LYS B 1 12 ? 17.149  -2.967  11.041  1.00 34.02 ? 12   LYS B N   1 
ATOM   635  C  CA  . LYS B 1 12 ? 18.372  -2.508  10.390  1.00 34.76 ? 12   LYS B CA  1 
ATOM   636  C  C   . LYS B 1 12 ? 18.549  -1.013  10.605  0.50 35.15 ? 12   LYS B C   1 
ATOM   637  O  O   . LYS B 1 12 ? 19.664  -0.530  10.747  0.50 34.81 ? 12   LYS B O   1 
ATOM   638  C  CB  . LYS B 1 12 ? 18.335  -2.803  8.890   1.00 35.09 ? 12   LYS B CB  1 
ATOM   639  N  N   . LYS B 1 13 ? 17.427  -0.297  10.658  0.50 35.69 ? 13   LYS B N   1 
ATOM   640  C  CA  . LYS B 1 13 ? 17.423  1.154   10.816  1.00 36.26 ? 13   LYS B CA  1 
ATOM   641  C  C   . LYS B 1 13 ? 17.476  1.585   12.265  1.00 36.75 ? 13   LYS B C   1 
ATOM   642  O  O   . LYS B 1 13 ? 17.459  2.781   12.553  1.00 37.78 ? 13   LYS B O   1 
ATOM   643  C  CB  . LYS B 1 13 ? 16.202  1.731   10.122  1.00 36.24 ? 13   LYS B CB  1 
ATOM   644  C  CG  . LYS B 1 13 ? 16.224  1.368   8.681   1.00 36.69 ? 13   LYS B CG  1 
ATOM   645  C  CD  . LYS B 1 13 ? 15.110  1.925   7.894   1.00 36.33 ? 13   LYS B CD  1 
ATOM   646  C  CE  . LYS B 1 13 ? 15.435  1.768   6.430   1.00 36.87 ? 13   LYS B CE  1 
ATOM   647  N  NZ  . LYS B 1 13 ? 16.408  2.787   5.996   1.00 39.68 ? 13   LYS B NZ  1 
ATOM   648  N  N   . LYS B 1 14 ? 17.560  0.608   13.162  1.00 36.16 ? 14   LYS B N   1 
ATOM   649  C  CA  . LYS B 1 14 ? 17.659  0.830   14.599  1.00 36.37 ? 14   LYS B CA  1 
ATOM   650  C  C   . LYS B 1 14 ? 16.584  1.770   15.147  1.00 35.85 ? 14   LYS B C   1 
ATOM   651  O  O   . LYS B 1 14 ? 16.879  2.681   15.919  1.00 36.29 ? 14   LYS B O   1 
ATOM   652  C  CB  . LYS B 1 14 ? 19.068  1.298   14.985  1.00 36.61 ? 14   LYS B CB  1 
ATOM   653  C  CG  . LYS B 1 14 ? 20.138  0.262   14.668  1.00 37.56 ? 14   LYS B CG  1 
ATOM   654  N  N   . ILE B 1 15 ? 15.340  1.539   14.716  1.00 34.97 ? 15   ILE B N   1 
ATOM   655  C  CA  . ILE B 1 15 ? 14.168  2.238   15.229  1.00 33.82 ? 15   ILE B CA  1 
ATOM   656  C  C   . ILE B 1 15 ? 13.405  1.212   16.061  1.00 32.80 ? 15   ILE B C   1 
ATOM   657  O  O   . ILE B 1 15 ? 13.132  0.117   15.570  1.00 32.39 ? 15   ILE B O   1 
ATOM   658  C  CB  . ILE B 1 15 ? 13.329  2.792   14.041  1.00 34.16 ? 15   ILE B CB  1 
ATOM   659  C  CG1 . ILE B 1 15 ? 14.165  3.819   13.270  1.00 35.15 ? 15   ILE B CG1 1 
ATOM   660  C  CG2 . ILE B 1 15 ? 11.995  3.425   14.538  1.00 34.75 ? 15   ILE B CG2 1 
ATOM   661  C  CD1 . ILE B 1 15 ? 13.670  4.210   11.876  1.00 36.03 ? 15   ILE B CD1 1 
ATOM   662  N  N   . SER B 1 16 ? 13.117  1.521   17.329  1.00 30.87 ? 16   SER B N   1 
ATOM   663  C  CA  . SER B 1 16 ? 12.378  0.585   18.177  1.00 30.01 ? 16   SER B CA  1 
ATOM   664  C  C   . SER B 1 16 ? 10.923  0.552   17.737  1.00 28.51 ? 16   SER B C   1 
ATOM   665  O  O   . SER B 1 16 ? 10.468  1.469   17.067  1.00 27.94 ? 16   SER B O   1 
ATOM   666  C  CB  . SER B 1 16 ? 12.459  0.962   19.663  1.00 30.01 ? 16   SER B CB  1 
ATOM   667  O  OG  . SER B 1 16 ? 11.939  2.253   19.923  1.00 30.71 ? 16   SER B OG  1 
ATOM   668  N  N   . GLN B 1 17 ? 10.216  -0.505  18.098  1.00 27.70 ? 17   GLN B N   1 
ATOM   669  C  CA  . GLN B 1 17 ? 8.765   -0.561  17.898  1.00 27.42 ? 17   GLN B CA  1 
ATOM   670  C  C   . GLN B 1 17 ? 8.092   0.645   18.544  1.00 26.75 ? 17   GLN B C   1 
ATOM   671  O  O   . GLN B 1 17 ? 7.161   1.215   17.997  1.00 25.23 ? 17   GLN B O   1 
ATOM   672  C  CB  . GLN B 1 17 ? 8.177   -1.835  18.498  1.00 27.62 ? 17   GLN B CB  1 
ATOM   673  C  CG  . GLN B 1 17 ? 8.170   -3.015  17.572  1.00 28.27 ? 17   GLN B CG  1 
ATOM   674  C  CD  . GLN B 1 17 ? 7.557   -4.250  18.194  1.00 27.44 ? 17   GLN B CD  1 
ATOM   675  O  OE1 . GLN B 1 17 ? 7.079   -4.208  19.324  1.00 30.68 ? 17   GLN B OE1 1 
ATOM   676  N  NE2 . GLN B 1 17 ? 7.584   -5.343  17.477  1.00 25.20 ? 17   GLN B NE2 1 
ATOM   677  N  N   . SER B 1 18 ? 8.595   1.043   19.711  1.00 26.24 ? 18   SER B N   1 
ATOM   678  C  CA  . SER B 1 18 ? 7.986   2.136   20.463  1.00 25.30 ? 18   SER B CA  1 
ATOM   679  C  C   . SER B 1 18 ? 8.128   3.456   19.738  1.00 24.29 ? 18   SER B C   1 
ATOM   680  O  O   . SER B 1 18 ? 7.196   4.241   19.678  1.00 24.05 ? 18   SER B O   1 
ATOM   681  C  CB  . SER B 1 18 ? 8.599   2.258   21.861  0.50 25.28 ? 18   SER B CB  1 
ATOM   682  O  OG  . SER B 1 18 ? 7.736   1.666   22.805  0.50 25.38 ? 18   SER B OG  1 
ATOM   683  N  N   . GLU B 1 19 ? 9.297   3.688   19.173  1.00 23.16 ? 19   GLU B N   1 
ATOM   684  C  CA  . GLU B 1 19 ? 9.541   4.913   18.452  1.00 22.87 ? 19   GLU B CA  1 
ATOM   685  C  C   . GLU B 1 19 ? 8.731   4.967   17.137  1.00 21.35 ? 19   GLU B C   1 
ATOM   686  O  O   . GLU B 1 19 ? 8.164   5.997   16.810  1.00 20.22 ? 19   GLU B O   1 
ATOM   687  C  CB  . GLU B 1 19 ? 11.046  5.104   18.238  1.00 23.53 ? 19   GLU B CB  1 
ATOM   688  C  CG  . GLU B 1 19 ? 11.793  5.266   19.572  0.50 24.19 ? 19   GLU B CG  1 
ATOM   689  C  CD  . GLU B 1 19 ? 13.252  4.809   19.570  0.50 26.13 ? 19   GLU B CD  1 
ATOM   690  O  OE1 . GLU B 1 19 ? 13.724  4.174   18.596  0.50 25.20 ? 19   GLU B OE1 1 
ATOM   691  O  OE2 . GLU B 1 19 ? 13.937  5.091   20.580  0.50 26.58 ? 19   GLU B OE2 1 
ATOM   692  N  N   . LEU B 1 20 ? 8.648   3.849   16.415  1.00 20.69 ? 20   LEU B N   1 
ATOM   693  C  CA  . LEU B 1 20 ? 7.859   3.806   15.177  1.00 19.43 ? 20   LEU B CA  1 
ATOM   694  C  C   . LEU B 1 20 ? 6.386   4.000   15.503  1.00 18.84 ? 20   LEU B C   1 
ATOM   695  O  O   . LEU B 1 20 ? 5.696   4.804   14.874  1.00 18.11 ? 20   LEU B O   1 
ATOM   696  C  CB  . LEU B 1 20 ? 8.102   2.486   14.421  1.00 20.01 ? 20   LEU B CB  1 
ATOM   697  C  CG  . LEU B 1 20 ? 7.344   2.279   13.103  1.00 18.50 ? 20   LEU B CG  1 
ATOM   698  C  CD1 . LEU B 1 20 ? 7.605   3.441   12.122  1.00 18.97 ? 20   LEU B CD1 1 
ATOM   699  C  CD2 . LEU B 1 20 ? 7.675   0.923   12.451  1.00 19.32 ? 20   LEU B CD2 1 
ATOM   700  N  N   . ALA B 1 21 ? 5.910   3.305   16.530  1.00 18.57 ? 21   ALA B N   1 
ATOM   701  C  CA  . ALA B 1 21 ? 4.512   3.443   16.942  1.00 19.00 ? 21   ALA B CA  1 
ATOM   702  C  C   . ALA B 1 21 ? 4.160   4.877   17.281  1.00 19.60 ? 21   ALA B C   1 
ATOM   703  O  O   . ALA B 1 21 ? 3.072   5.354   16.933  1.00 19.46 ? 21   ALA B O   1 
ATOM   704  C  CB  . ALA B 1 21 ? 4.201   2.530   18.135  1.00 19.52 ? 21   ALA B CB  1 
ATOM   705  N  N   . ALA B 1 22 ? 5.074   5.573   17.953  1.00 19.62 ? 22   ALA B N   1 
ATOM   706  C  CA  . ALA B 1 22 ? 4.851   6.964   18.302  1.00 19.97 ? 22   ALA B CA  1 
ATOM   707  C  C   . ALA B 1 22 ? 4.761   7.892   17.097  1.00 19.50 ? 22   ALA B C   1 
ATOM   708  O  O   . ALA B 1 22 ? 3.924   8.789   17.079  1.00 20.15 ? 22   ALA B O   1 
ATOM   709  C  CB  . ALA B 1 22 ? 5.918   7.450   19.259  1.00 20.72 ? 22   ALA B CB  1 
ATOM   710  N  N   . LEU B 1 23 ? 5.636   7.708   16.103  1.00 19.03 ? 23   LEU B N   1 
ATOM   711  C  CA  . LEU B 1 23 ? 5.561   8.487   14.877  1.00 18.50 ? 23   LEU B CA  1 
ATOM   712  C  C   . LEU B 1 23 ? 4.253   8.247   14.152  1.00 17.80 ? 23   LEU B C   1 
ATOM   713  O  O   . LEU B 1 23 ? 3.685   9.159   13.557  1.00 16.05 ? 23   LEU B O   1 
ATOM   714  C  CB  . LEU B 1 23 ? 6.715   8.148   13.946  1.00 18.63 ? 23   LEU B CB  1 
ATOM   715  C  CG  . LEU B 1 23 ? 8.113   8.561   14.441  1.00 20.62 ? 23   LEU B CG  1 
ATOM   716  C  CD1 . LEU B 1 23 ? 9.194   7.796   13.701  1.00 21.98 ? 23   LEU B CD1 1 
ATOM   717  C  CD2 . LEU B 1 23 ? 8.334   10.051  14.346  1.00 23.99 ? 23   LEU B CD2 1 
ATOM   718  N  N   . LEU B 1 24 ? 3.761   7.009   14.228  1.00 17.53 ? 24   LEU B N   1 
ATOM   719  C  CA  . LEU B 1 24 ? 2.556   6.612   13.511  1.00 17.81 ? 24   LEU B CA  1 
ATOM   720  C  C   . LEU B 1 24 ? 1.286   6.877   14.295  1.00 18.27 ? 24   LEU B C   1 
ATOM   721  O  O   . LEU B 1 24 ? 0.205   6.790   13.740  1.00 18.40 ? 24   LEU B O   1 
ATOM   722  C  CB  . LEU B 1 24 ? 2.610   5.112   13.175  1.00 18.08 ? 24   LEU B CB  1 
ATOM   723  C  CG  . LEU B 1 24 ? 3.720   4.652   12.234  1.00 17.83 ? 24   LEU B CG  1 
ATOM   724  C  CD1 . LEU B 1 24 ? 3.847   3.160   12.282  1.00 18.12 ? 24   LEU B CD1 1 
ATOM   725  C  CD2 . LEU B 1 24 ? 3.500   5.157   10.813  1.00 17.87 ? 24   LEU B CD2 1 
ATOM   726  N  N   . GLU B 1 25 ? 1.419   7.182   15.582  1.00 19.27 ? 25   GLU B N   1 
ATOM   727  C  CA  . GLU B 1 25 ? 0.278   7.350   16.484  1.00 20.31 ? 25   GLU B CA  1 
ATOM   728  C  C   . GLU B 1 25 ? -0.622  6.112   16.500  1.00 20.34 ? 25   GLU B C   1 
ATOM   729  O  O   . GLU B 1 25 ? -1.833  6.198   16.336  1.00 20.85 ? 25   GLU B O   1 
ATOM   730  C  CB  . GLU B 1 25 ? -0.518  8.611   16.123  1.00 20.95 ? 25   GLU B CB  1 
ATOM   731  C  CG  . GLU B 1 25 ? 0.303   9.895   16.179  1.00 23.52 ? 25   GLU B CG  1 
ATOM   732  C  CD  . GLU B 1 25 ? -0.470  11.065  15.589  1.00 28.10 ? 25   GLU B CD  1 
ATOM   733  O  OE1 . GLU B 1 25 ? -1.340  11.624  16.293  1.00 30.11 ? 25   GLU B OE1 1 
ATOM   734  O  OE2 . GLU B 1 25 ? -0.245  11.401  14.411  1.00 28.29 ? 25   GLU B OE2 1 
ATOM   735  N  N   . VAL B 1 26 ? 0.008   4.955   16.653  1.00 20.32 ? 26   VAL B N   1 
ATOM   736  C  CA  . VAL B 1 26 ? -0.688  3.690   16.873  1.00 20.56 ? 26   VAL B CA  1 
ATOM   737  C  C   . VAL B 1 26 ? -0.087  3.009   18.085  1.00 20.47 ? 26   VAL B C   1 
ATOM   738  O  O   . VAL B 1 26 ? 1.002   3.348   18.531  1.00 20.98 ? 26   VAL B O   1 
ATOM   739  C  CB  . VAL B 1 26 ? -0.584  2.720   15.648  1.00 20.28 ? 26   VAL B CB  1 
ATOM   740  C  CG1 . VAL B 1 26 ? -1.229  3.326   14.418  1.00 20.53 ? 26   VAL B CG1 1 
ATOM   741  C  CG2 . VAL B 1 26 ? 0.867   2.319   15.369  1.00 20.16 ? 26   VAL B CG2 1 
ATOM   742  N  N   . SER B 1 27 ? -0.788  2.012   18.597  1.00 20.82 ? 27   SER B N   1 
ATOM   743  C  CA  . SER B 1 27 ? -0.267  1.190   19.673  1.00 20.86 ? 27   SER B CA  1 
ATOM   744  C  C   . SER B 1 27 ? 0.984   0.407   19.245  1.00 19.83 ? 27   SER B C   1 
ATOM   745  O  O   . SER B 1 27 ? 1.065   -0.090  18.125  1.00 19.11 ? 27   SER B O   1 
ATOM   746  C  CB  . SER B 1 27 ? -1.349  0.205   20.120  1.00 20.93 ? 27   SER B CB  1 
ATOM   747  O  OG  . SER B 1 27 ? -0.788  -0.739  20.979  1.00 23.87 ? 27   SER B OG  1 
ATOM   748  N  N   . ARG B 1 28 ? 1.935   0.243   20.161  1.00 19.68 ? 28   ARG B N   1 
ATOM   749  C  CA  . ARG B 1 28 ? 3.051   -0.659  19.920  1.00 19.77 ? 28   ARG B CA  1 
ATOM   750  C  C   . ARG B 1 28 ? 2.574   -2.078  19.612  1.00 19.13 ? 28   ARG B C   1 
ATOM   751  O  O   . ARG B 1 28 ? 3.182   -2.770  18.810  1.00 19.24 ? 28   ARG B O   1 
ATOM   752  C  CB  . ARG B 1 28 ? 4.020   -0.663  21.103  1.00 20.29 ? 28   ARG B CB  1 
ATOM   753  C  CG  . ARG B 1 28 ? 5.358   -1.334  20.827  1.00 23.12 ? 28   ARG B CG  1 
ATOM   754  C  CD  . ARG B 1 28 ? 6.145   -1.735  22.093  1.00 27.36 ? 28   ARG B CD  1 
ATOM   755  N  NE  . ARG B 1 28 ? 5.264   -2.504  22.984  1.00 30.61 ? 28   ARG B NE  1 
ATOM   756  C  CZ  . ARG B 1 28 ? 4.901   -3.777  22.806  1.00 31.44 ? 28   ARG B CZ  1 
ATOM   757  N  NH1 . ARG B 1 28 ? 5.388   -4.516  21.795  1.00 32.38 ? 28   ARG B NH1 1 
ATOM   758  N  NH2 . ARG B 1 28 ? 4.068   -4.318  23.671  1.00 32.85 ? 28   ARG B NH2 1 
ATOM   759  N  N   . GLN B 1 29 ? 1.499   -2.517  20.252  1.00 18.84 ? 29   GLN B N   1 
ATOM   760  C  CA  . GLN B 1 29 ? 0.919   -3.832  19.956  1.00 18.84 ? 29   GLN B CA  1 
ATOM   761  C  C   . GLN B 1 29 ? 0.530   -3.992  18.487  1.00 18.47 ? 29   GLN B C   1 
ATOM   762  O  O   . GLN B 1 29 ? 0.641   -5.085  17.922  1.00 17.45 ? 29   GLN B O   1 
ATOM   763  C  CB  . GLN B 1 29 ? -0.322  -4.057  20.806  1.00 19.34 ? 29   GLN B CB  1 
ATOM   764  C  CG  . GLN B 1 29 ? -0.031  -4.272  22.253  1.00 18.50 ? 29   GLN B CG  1 
ATOM   765  C  CD  . GLN B 1 29 ? -1.165  -4.967  22.960  1.00 19.28 ? 29   GLN B CD  1 
ATOM   766  O  OE1 . GLN B 1 29 ? -1.992  -4.318  23.606  1.00 21.08 ? 29   GLN B OE1 1 
ATOM   767  N  NE2 . GLN B 1 29 ? -1.197  -6.280  22.860  1.00 17.94 ? 29   GLN B NE2 1 
ATOM   768  N  N   . THR B 1 30 ? 0.041   -2.905  17.889  1.00 18.08 ? 30   THR B N   1 
ATOM   769  C  CA  . THR B 1 30 ? -0.348  -2.905  16.469  1.00 18.42 ? 30   THR B CA  1 
ATOM   770  C  C   . THR B 1 30 ? 0.842   -3.054  15.540  1.00 18.47 ? 30   THR B C   1 
ATOM   771  O  O   . THR B 1 30 ? 0.791   -3.798  14.563  1.00 18.10 ? 30   THR B O   1 
ATOM   772  C  CB  . THR B 1 30 ? -1.125  -1.610  16.154  1.00 18.17 ? 30   THR B CB  1 
ATOM   773  O  OG1 . THR B 1 30 ? -2.292  -1.556  16.982  1.00 17.77 ? 30   THR B OG1 1 
ATOM   774  C  CG2 . THR B 1 30 ? -1.655  -1.574  14.718  1.00 18.72 ? 30   THR B CG2 1 
ATOM   775  N  N   . ILE B 1 31 ? 1.929   -2.348  15.832  1.00 19.65 ? 31   ILE B N   1 
ATOM   776  C  CA  . ILE B 1 31 ? 3.157   -2.553  15.070  1.00 20.13 ? 31   ILE B CA  1 
ATOM   777  C  C   . ILE B 1 31 ? 3.662   -3.955  15.241  1.00 19.56 ? 31   ILE B C   1 
ATOM   778  O  O   . ILE B 1 31 ? 4.048   -4.595  14.275  1.00 18.98 ? 31   ILE B O   1 
ATOM   779  C  CB  . ILE B 1 31 ? 4.270   -1.551  15.473  1.00 21.15 ? 31   ILE B CB  1 
ATOM   780  C  CG1 . ILE B 1 31 ? 3.878   -0.145  15.078  1.00 21.88 ? 31   ILE B CG1 1 
ATOM   781  C  CG2 . ILE B 1 31 ? 5.617   -1.947  14.767  1.00 22.52 ? 31   ILE B CG2 1 
ATOM   782  C  CD1 . ILE B 1 31 ? 3.686   0.033   13.568  1.00 26.95 ? 31   ILE B CD1 1 
ATOM   783  N  N   . ASN B 1 32 ? 3.659   -4.456  16.474  1.00 19.42 ? 32   ASN B N   1 
ATOM   784  C  CA  . ASN B 1 32 ? 4.115   -5.810  16.719  1.00 19.49 ? 32   ASN B CA  1 
ATOM   785  C  C   . ASN B 1 32 ? 3.262   -6.809  15.967  1.00 18.82 ? 32   ASN B C   1 
ATOM   786  O  O   . ASN B 1 32 ? 3.762   -7.720  15.349  1.00 18.93 ? 32   ASN B O   1 
ATOM   787  C  CB  . ASN B 1 32 ? 4.094   -6.140  18.217  1.00 19.92 ? 32   ASN B CB  1 
ATOM   788  C  CG  . ASN B 1 32 ? 4.764   -7.447  18.517  1.00 22.15 ? 32   ASN B CG  1 
ATOM   789  O  OD1 . ASN B 1 32 ? 5.955   -7.625  18.230  1.00 25.21 ? 32   ASN B OD1 1 
ATOM   790  N  ND2 . ASN B 1 32 ? 4.002   -8.401  19.068  1.00 22.24 ? 32   ASN B ND2 1 
ATOM   791  N  N   . GLY B 1 33 ? 1.957   -6.607  15.982  1.00 18.80 ? 33   GLY B N   1 
ATOM   792  C  CA  . GLY B 1 33 ? 1.052   -7.501  15.287  1.00 18.30 ? 33   GLY B CA  1 
ATOM   793  C  C   . GLY B 1 33 ? 1.323   -7.549  13.788  1.00 18.36 ? 33   GLY B C   1 
ATOM   794  O  O   . GLY B 1 33 ? 1.324   -8.620  13.208  1.00 18.38 ? 33   GLY B O   1 
ATOM   795  N  N   . ILE B 1 34 ? 1.538   -6.386  13.175  1.00 18.34 ? 34   ILE B N   1 
ATOM   796  C  CA  . ILE B 1 34 ? 1.844   -6.322  11.745  1.00 19.06 ? 34   ILE B CA  1 
ATOM   797  C  C   . ILE B 1 34 ? 3.172   -7.042  11.486  1.00 19.46 ? 34   ILE B C   1 
ATOM   798  O  O   . ILE B 1 34 ? 3.277   -7.834  10.557  1.00 19.01 ? 34   ILE B O   1 
ATOM   799  C  CB  . ILE B 1 34 ? 1.858   -4.840  11.244  1.00 19.33 ? 34   ILE B CB  1 
ATOM   800  C  CG1 . ILE B 1 34 ? 0.458   -4.236  11.342  1.00 18.87 ? 34   ILE B CG1 1 
ATOM   801  C  CG2 . ILE B 1 34 ? 2.429   -4.741  9.802   1.00 20.38 ? 34   ILE B CG2 1 
ATOM   802  C  CD1 . ILE B 1 34 ? 0.387   -2.708  11.409  1.00 20.29 ? 34   ILE B CD1 1 
ATOM   803  N  N   . GLU B 1 35 ? 4.178   -6.806  12.330  1.00 21.05 ? 35   GLU B N   1 
ATOM   804  C  CA  . GLU B 1 35 ? 5.500   -7.481  12.184  1.00 21.87 ? 35   GLU B CA  1 
ATOM   805  C  C   . GLU B 1 35 ? 5.454   -8.978  12.264  1.00 22.94 ? 35   GLU B C   1 
ATOM   806  O  O   . GLU B 1 35 ? 6.222   -9.668  11.566  1.00 23.51 ? 35   GLU B O   1 
ATOM   807  C  CB  . GLU B 1 35 ? 6.479   -7.000  13.262  1.00 22.69 ? 35   GLU B CB  1 
ATOM   808  C  CG  . GLU B 1 35 ? 6.915   -5.594  13.019  1.00 23.86 ? 35   GLU B CG  1 
ATOM   809  C  CD  . GLU B 1 35 ? 8.045   -5.150  13.919  1.00 25.62 ? 35   GLU B CD  1 
ATOM   810  O  OE1 . GLU B 1 35 ? 8.525   -5.910  14.792  1.00 28.00 ? 35   GLU B OE1 1 
ATOM   811  O  OE2 . GLU B 1 35 ? 8.439   -4.008  13.727  1.00 27.34 ? 35   GLU B OE2 1 
ATOM   812  N  N   . LYS B 1 36 ? 4.539   -9.501  13.092  1.00 22.42 ? 36   LYS B N   1 
ATOM   813  C  CA  . LYS B 1 36 ? 4.373   -10.936 13.246  1.00 22.85 ? 36   LYS B CA  1 
ATOM   814  C  C   . LYS B 1 36 ? 3.324   -11.519 12.289  1.00 22.99 ? 36   LYS B C   1 
ATOM   815  O  O   . LYS B 1 36 ? 2.909   -12.656 12.437  1.00 23.30 ? 36   LYS B O   1 
ATOM   816  C  CB  . LYS B 1 36 ? 4.030   -11.261 14.708  1.00 22.82 ? 36   LYS B CB  1 
ATOM   817  C  CG  . LYS B 1 36 ? 5.066   -10.709 15.685  1.00 23.79 ? 36   LYS B CG  1 
ATOM   818  C  CD  . LYS B 1 36 ? 4.922   -11.323 17.069  1.00 26.19 ? 36   LYS B CD  1 
ATOM   819  N  N   . ASN B 1 37 ? 2.891   -10.721 11.326  1.00 23.22 ? 37   ASN B N   1 
ATOM   820  C  CA  . ASN B 1 37 ? 1.964   -11.158 10.291  1.00 23.68 ? 37   ASN B CA  1 
ATOM   821  C  C   . ASN B 1 37 ? 0.587   -11.628 10.811  1.00 22.53 ? 37   ASN B C   1 
ATOM   822  O  O   . ASN B 1 37 ? -0.072  -12.469 10.208  1.00 22.61 ? 37   ASN B O   1 
ATOM   823  C  CB  . ASN B 1 37 ? 2.652   -12.205 9.390   1.00 25.31 ? 37   ASN B CB  1 
ATOM   824  C  CG  . ASN B 1 37 ? 2.313   -12.026 7.896   1.00 28.67 ? 37   ASN B CG  1 
ATOM   825  O  OD1 . ASN B 1 37 ? 2.141   -10.912 7.402   1.00 33.34 ? 37   ASN B OD1 1 
ATOM   826  N  ND2 . ASN B 1 37 ? 2.216   -13.136 7.189   1.00 31.79 ? 37   ASN B ND2 1 
ATOM   827  N  N   . LYS B 1 38 ? 0.123   -11.026 11.904  1.00 21.18 ? 38   LYS B N   1 
ATOM   828  C  CA  . LYS B 1 38 ? -1.197  -11.351 12.446  1.00 20.12 ? 38   LYS B CA  1 
ATOM   829  C  C   . LYS B 1 38 ? -2.315  -10.696 11.655  1.00 19.41 ? 38   LYS B C   1 
ATOM   830  O  O   . LYS B 1 38 ? -3.425  -11.217 11.582  1.00 19.17 ? 38   LYS B O   1 
ATOM   831  C  CB  . LYS B 1 38 ? -1.302  -10.897 13.892  1.00 20.32 ? 38   LYS B CB  1 
ATOM   832  C  CG  . LYS B 1 38 ? -0.266  -11.502 14.843  1.00 20.68 ? 38   LYS B CG  1 
ATOM   833  C  CD  . LYS B 1 38 ? -0.680  -11.197 16.290  1.00 19.33 ? 38   LYS B CD  1 
ATOM   834  C  CE  . LYS B 1 38 ? 0.513   -11.120 17.222  1.00 21.44 ? 38   LYS B CE  1 
ATOM   835  N  NZ  . LYS B 1 38 ? 0.112   -10.913 18.634  1.00 18.89 ? 38   LYS B NZ  1 
ATOM   836  N  N   . TYR B 1 39 ? -2.024  -9.526  11.093  1.00 18.66 ? 39   TYR B N   1 
ATOM   837  C  CA  . TYR B 1 39 ? -2.993  -8.767  10.303  1.00 18.44 ? 39   TYR B CA  1 
ATOM   838  C  C   . TYR B 1 39 ? -2.250  -7.688  9.508   1.00 18.82 ? 39   TYR B C   1 
ATOM   839  O  O   . TYR B 1 39 ? -1.098  -7.364  9.801   1.00 18.17 ? 39   TYR B O   1 
ATOM   840  C  CB  . TYR B 1 39 ? -4.049  -8.100  11.203  1.00 17.92 ? 39   TYR B CB  1 
ATOM   841  C  CG  . TYR B 1 39 ? -3.518  -7.594  12.525  1.00 17.90 ? 39   TYR B CG  1 
ATOM   842  C  CD1 . TYR B 1 39 ? -3.776  -8.284  13.712  1.00 17.18 ? 39   TYR B CD1 1 
ATOM   843  C  CD2 . TYR B 1 39 ? -2.773  -6.430  12.596  1.00 17.91 ? 39   TYR B CD2 1 
ATOM   844  C  CE1 . TYR B 1 39 ? -3.291  -7.833  14.917  1.00 16.54 ? 39   TYR B CE1 1 
ATOM   845  C  CE2 . TYR B 1 39 ? -2.262  -5.980  13.795  1.00 18.56 ? 39   TYR B CE2 1 
ATOM   846  C  CZ  . TYR B 1 39 ? -2.531  -6.681  14.960  1.00 16.98 ? 39   TYR B CZ  1 
ATOM   847  O  OH  . TYR B 1 39 ? -2.056  -6.211  16.164  1.00 15.92 ? 39   TYR B OH  1 
ATOM   848  N  N   . ASN B 1 40 ? -2.935  -7.143  8.510   1.00 18.70 ? 40   ASN B N   1 
ATOM   849  C  CA  . ASN B 1 40 ? -2.378  -6.123  7.658   1.00 19.02 ? 40   ASN B CA  1 
ATOM   850  C  C   . ASN B 1 40 ? -2.883  -4.740  8.046   1.00 17.88 ? 40   ASN B C   1 
ATOM   851  O  O   . ASN B 1 40 ? -4.012  -4.599  8.475   1.00 17.90 ? 40   ASN B O   1 
ATOM   852  C  CB  . ASN B 1 40 ? -2.780  -6.416  6.199   1.00 19.69 ? 40   ASN B CB  1 
ATOM   853  C  CG  . ASN B 1 40 ? -2.054  -7.629  5.620   1.00 22.31 ? 40   ASN B CG  1 
ATOM   854  O  OD1 . ASN B 1 40 ? -2.655  -8.438  4.910   1.00 29.13 ? 40   ASN B OD1 1 
ATOM   855  N  ND2 . ASN B 1 40 ? -0.760  -7.735  5.890   1.00 25.77 ? 40   ASN B ND2 1 
ATOM   856  N  N   . PRO B 1 41 ? -2.066  -3.711  7.845   1.00 16.96 ? 41   PRO B N   1 
ATOM   857  C  CA  . PRO B 1 41 ? -2.527  -2.335  8.023   1.00 16.83 ? 41   PRO B CA  1 
ATOM   858  C  C   . PRO B 1 41 ? -3.436  -1.896  6.878   1.00 16.51 ? 41   PRO B C   1 
ATOM   859  O  O   . PRO B 1 41 ? -3.437  -2.508  5.805   1.00 17.10 ? 41   PRO B O   1 
ATOM   860  C  CB  . PRO B 1 41 ? -1.222  -1.544  7.995   1.00 16.45 ? 41   PRO B CB  1 
ATOM   861  C  CG  . PRO B 1 41 ? -0.325  -2.345  7.158   1.00 16.70 ? 41   PRO B CG  1 
ATOM   862  C  CD  . PRO B 1 41 ? -0.662  -3.762  7.403   1.00 16.83 ? 41   PRO B CD  1 
ATOM   863  N  N   . SER B 1 42 ? -4.202  -0.832  7.094   1.00 16.60 ? 42   SER B N   1 
ATOM   864  C  CA  . SER B 1 42 ? -4.823  -0.136  5.984   1.00 16.17 ? 42   SER B CA  1 
ATOM   865  C  C   . SER B 1 42 ? -3.728  0.386   5.040   1.00 15.97 ? 42   SER B C   1 
ATOM   866  O  O   . SER B 1 42 ? -2.543  0.446   5.393   1.00 15.20 ? 42   SER B O   1 
ATOM   867  C  CB  . SER B 1 42 ? -5.642  1.042   6.480   1.00 16.18 ? 42   SER B CB  1 
ATOM   868  O  OG  . SER B 1 42 ? -4.760  2.000   7.045   1.00 17.08 ? 42   SER B OG  1 
ATOM   869  N  N   . LEU B 1 43 ? -4.125  0.765   3.838   1.00 16.00 ? 43   LEU B N   1 
ATOM   870  C  CA  . LEU B 1 43 ? -3.183  1.369   2.897   1.00 15.98 ? 43   LEU B CA  1 
ATOM   871  C  C   . LEU B 1 43 ? -2.537  2.637   3.469   1.00 15.64 ? 43   LEU B C   1 
ATOM   872  O  O   . LEU B 1 43 ? -1.336  2.825   3.342   1.00 16.37 ? 43   LEU B O   1 
ATOM   873  C  CB  . LEU B 1 43 ? -3.870  1.701   1.573   1.00 16.52 ? 43   LEU B CB  1 
ATOM   874  C  CG  . LEU B 1 43 ? -3.021  2.419   0.529   1.00 17.09 ? 43   LEU B CG  1 
ATOM   875  C  CD1 . LEU B 1 43 ? -1.767  1.615   0.185   1.00 20.13 ? 43   LEU B CD1 1 
ATOM   876  C  CD2 . LEU B 1 43 ? -3.837  2.741   -0.750  1.00 19.99 ? 43   LEU B CD2 1 
ATOM   877  N  N   . GLN B 1 44 ? -3.322  3.507   4.070   1.00 15.94 ? 44   GLN B N   1 
ATOM   878  C  CA  . GLN B 1 44 ? -2.764  4.741   4.605   1.00 16.40 ? 44   GLN B CA  1 
ATOM   879  C  C   . GLN B 1 44 ? -1.729  4.466   5.690   1.00 15.73 ? 44   GLN B C   1 
ATOM   880  O  O   . GLN B 1 44 ? -0.668  5.080   5.697   1.00 15.48 ? 44   GLN B O   1 
ATOM   881  C  CB  . GLN B 1 44 ? -3.836  5.685   5.140   1.00 17.00 ? 44   GLN B CB  1 
ATOM   882  C  CG  . GLN B 1 44 ? -3.234  7.026   5.585   1.00 19.82 ? 44   GLN B CG  1 
ATOM   883  C  CD  . GLN B 1 44 ? -4.220  8.168   5.604   1.00 23.69 ? 44   GLN B CD  1 
ATOM   884  O  OE1 . GLN B 1 44 ? -4.254  8.974   4.684   1.00 25.24 ? 44   GLN B OE1 1 
ATOM   885  N  NE2 . GLN B 1 44 ? -5.001  8.262   6.670   1.00 28.05 ? 44   GLN B NE2 1 
ATOM   886  N  N   . LEU B 1 45 ? -2.008  3.520   6.585   1.00 16.21 ? 45   LEU B N   1 
ATOM   887  C  CA  . LEU B 1 45 ? -1.053  3.199   7.633   1.00 15.07 ? 45   LEU B CA  1 
ATOM   888  C  C   . LEU B 1 45 ? 0.196   2.587   7.016   1.00 14.91 ? 45   LEU B C   1 
ATOM   889  O  O   . LEU B 1 45 ? 1.317   2.875   7.448   1.00 14.47 ? 45   LEU B O   1 
ATOM   890  C  CB  . LEU B 1 45 ? -1.684  2.291   8.705   1.00 15.79 ? 45   LEU B CB  1 
ATOM   891  C  CG  . LEU B 1 45 ? -0.757  1.792   9.827   1.00 16.25 ? 45   LEU B CG  1 
ATOM   892  C  CD1 . LEU B 1 45 ? -0.061  2.933   10.543  1.00 16.64 ? 45   LEU B CD1 1 
ATOM   893  C  CD2 . LEU B 1 45 ? -1.530  0.880   10.820  1.00 16.88 ? 45   LEU B CD2 1 
ATOM   894  N  N   . ALA B 1 46 ? 0.018   1.774   5.975   1.00 14.22 ? 46   ALA B N   1 
ATOM   895  C  CA  . ALA B 1 46 ? 1.158   1.174   5.294   1.00 14.21 ? 46   ALA B CA  1 
ATOM   896  C  C   . ALA B 1 46 ? 2.035   2.245   4.634   1.00 14.00 ? 46   ALA B C   1 
ATOM   897  O  O   . ALA B 1 46 ? 3.250   2.166   4.694   1.00 13.39 ? 46   ALA B O   1 
ATOM   898  C  CB  . ALA B 1 46 ? 0.712   0.152   4.268   1.00 14.69 ? 46   ALA B CB  1 
ATOM   899  N  N   . LEU B 1 47 ? 1.398   3.246   4.044   1.00 14.19 ? 47   LEU B N   1 
ATOM   900  C  CA  . LEU B 1 47 ? 2.111   4.361   3.413   1.00 14.21 ? 47   LEU B CA  1 
ATOM   901  C  C   . LEU B 1 47 ? 2.867   5.192   4.454   1.00 13.73 ? 47   LEU B C   1 
ATOM   902  O  O   . LEU B 1 47 ? 3.985   5.647   4.199   1.00 14.50 ? 47   LEU B O   1 
ATOM   903  C  CB  . LEU B 1 47 ? 1.142   5.223   2.618   1.00 13.60 ? 47   LEU B CB  1 
ATOM   904  C  CG  . LEU B 1 47 ? 0.658   4.610   1.276   1.00 15.61 ? 47   LEU B CG  1 
ATOM   905  C  CD1 . LEU B 1 47 ? -0.536  5.352   0.731   1.00 16.53 ? 47   LEU B CD1 1 
ATOM   906  C  CD2 . LEU B 1 47 ? 1.765   4.579   0.215   1.00 16.57 ? 47   LEU B CD2 1 
ATOM   907  N  N   . LYS B 1 48 ? 2.274   5.355   5.625   1.00 13.59 ? 48   LYS B N   1 
ATOM   908  C  CA  . LYS B 1 48 ? 2.940   6.036   6.746   1.00 14.38 ? 48   LYS B CA  1 
ATOM   909  C  C   . LYS B 1 48 ? 4.148   5.265   7.281   1.00 14.66 ? 48   LYS B C   1 
ATOM   910  O  O   . LYS B 1 48 ? 5.160   5.862   7.632   1.00 14.64 ? 48   LYS B O   1 
ATOM   911  C  CB  . LYS B 1 48 ? 1.947   6.278   7.884   1.00 14.65 ? 48   LYS B CB  1 
ATOM   912  C  CG  . LYS B 1 48 ? 0.965   7.343   7.550   1.00 16.09 ? 48   LYS B CG  1 
ATOM   913  C  CD  . LYS B 1 48 ? -0.010  7.576   8.670   1.00 20.39 ? 48   LYS B CD  1 
ATOM   914  C  CE  . LYS B 1 48 ? 0.587   8.363   9.794   1.00 22.30 ? 48   LYS B CE  1 
ATOM   915  N  NZ  . LYS B 1 48 ? -0.441  8.720   10.857  1.00 19.39 ? 48   LYS B NZ  1 
ATOM   916  N  N   . ILE B 1 49 ? 4.032   3.942   7.353   1.00 13.91 ? 49   ILE B N   1 
ATOM   917  C  CA  . ILE B 1 49 ? 5.140   3.099   7.760   1.00 14.64 ? 49   ILE B CA  1 
ATOM   918  C  C   . ILE B 1 49 ? 6.285   3.280   6.776   1.00 14.98 ? 49   ILE B C   1 
ATOM   919  O  O   . ILE B 1 49 ? 7.434   3.453   7.189   1.00 15.49 ? 49   ILE B O   1 
ATOM   920  C  CB  . ILE B 1 49 ? 4.717   1.601   7.848   1.00 14.32 ? 49   ILE B CB  1 
ATOM   921  C  CG1 . ILE B 1 49 ? 3.810   1.375   9.059   1.00 15.46 ? 49   ILE B CG1 1 
ATOM   922  C  CG2 . ILE B 1 49 ? 5.925   0.685   7.897   1.00 14.27 ? 49   ILE B CG2 1 
ATOM   923  C  CD1 . ILE B 1 49 ? 3.028   0.030   9.072   1.00 15.16 ? 49   ILE B CD1 1 
ATOM   924  N  N   . ALA B 1 50 ? 5.959   3.248   5.490   1.00 14.84 ? 50   ALA B N   1 
ATOM   925  C  CA  . ALA B 1 50 ? 6.957   3.376   4.436   1.00 15.66 ? 50   ALA B CA  1 
ATOM   926  C  C   . ALA B 1 50 ? 7.650   4.750   4.508   1.00 16.06 ? 50   ALA B C   1 
ATOM   927  O  O   . ALA B 1 50 ? 8.867   4.838   4.359   1.00 16.12 ? 50   ALA B O   1 
ATOM   928  C  CB  . ALA B 1 50 ? 6.316   3.161   3.095   1.00 15.74 ? 50   ALA B CB  1 
ATOM   929  N  N   . TYR B 1 51 ? 6.869   5.787   4.807   1.00 16.55 ? 51   TYR B N   1 
ATOM   930  C  CA  . TYR B 1 51 ? 7.362   7.152   4.972   1.00 16.78 ? 51   TYR B CA  1 
ATOM   931  C  C   . TYR B 1 51 ? 8.356   7.270   6.137   1.00 17.00 ? 51   TYR B C   1 
ATOM   932  O  O   . TYR B 1 51 ? 9.467   7.771   5.965   1.00 16.28 ? 51   TYR B O   1 
ATOM   933  C  CB  . TYR B 1 51 ? 6.182   8.115   5.180   1.00 17.28 ? 51   TYR B CB  1 
ATOM   934  C  CG  . TYR B 1 51 ? 6.622   9.524   5.499   1.00 16.51 ? 51   TYR B CG  1 
ATOM   935  C  CD1 . TYR B 1 51 ? 6.714   9.960   6.807   1.00 16.10 ? 51   TYR B CD1 1 
ATOM   936  C  CD2 . TYR B 1 51 ? 6.965   10.410  4.484   1.00 17.50 ? 51   TYR B CD2 1 
ATOM   937  C  CE1 . TYR B 1 51 ? 7.116   11.254  7.111   1.00 16.66 ? 51   TYR B CE1 1 
ATOM   938  C  CE2 . TYR B 1 51 ? 7.383   11.699  4.781   1.00 16.13 ? 51   TYR B CE2 1 
ATOM   939  C  CZ  . TYR B 1 51 ? 7.444   12.113  6.095   1.00 16.11 ? 51   TYR B CZ  1 
ATOM   940  O  OH  . TYR B 1 51 ? 7.861   13.385  6.404   1.00 17.56 ? 51   TYR B OH  1 
ATOM   941  N  N   . TYR B 1 52 ? 7.969   6.766   7.306   1.00 17.25 ? 52   TYR B N   1 
ATOM   942  C  CA  . TYR B 1 52 ? 8.801   6.854   8.494   1.00 17.93 ? 52   TYR B CA  1 
ATOM   943  C  C   . TYR B 1 52 ? 9.992   5.909   8.457   1.00 18.11 ? 52   TYR B C   1 
ATOM   944  O  O   . TYR B 1 52 ? 10.996  6.166   9.119   1.00 18.70 ? 52   TYR B O   1 
ATOM   945  C  CB  . TYR B 1 52 ? 7.959   6.705   9.773   1.00 17.60 ? 52   TYR B CB  1 
ATOM   946  C  CG  . TYR B 1 52 ? 7.203   7.978   10.056  1.00 16.95 ? 52   TYR B CG  1 
ATOM   947  C  CD1 . TYR B 1 52 ? 5.817   8.040   9.935   1.00 16.70 ? 52   TYR B CD1 1 
ATOM   948  C  CD2 . TYR B 1 52 ? 7.882   9.153   10.382  1.00 18.12 ? 52   TYR B CD2 1 
ATOM   949  C  CE1 . TYR B 1 52 ? 5.126   9.220   10.154  1.00 17.79 ? 52   TYR B CE1 1 
ATOM   950  C  CE2 . TYR B 1 52 ? 7.201   10.330  10.596  1.00 17.24 ? 52   TYR B CE2 1 
ATOM   951  C  CZ  . TYR B 1 52 ? 5.820   10.364  10.492  1.00 17.73 ? 52   TYR B CZ  1 
ATOM   952  O  OH  . TYR B 1 52 ? 5.139   11.542  10.699  1.00 19.05 ? 52   TYR B OH  1 
ATOM   953  N  N   . LEU B 1 53 ? 9.926   4.869   7.637   1.00 18.26 ? 53   LEU B N   1 
ATOM   954  C  CA  . LEU B 1 53 ? 11.081  3.991   7.461   1.00 19.04 ? 53   LEU B CA  1 
ATOM   955  C  C   . LEU B 1 53 ? 11.940  4.331   6.249   1.00 19.61 ? 53   LEU B C   1 
ATOM   956  O  O   . LEU B 1 53 ? 12.900  3.627   5.956   1.00 21.25 ? 53   LEU B O   1 
ATOM   957  C  CB  . LEU B 1 53 ? 10.631  2.534   7.409   1.00 18.80 ? 53   LEU B CB  1 
ATOM   958  C  CG  . LEU B 1 53 ? 10.122  1.955   8.737   1.00 18.26 ? 53   LEU B CG  1 
ATOM   959  C  CD1 . LEU B 1 53 ? 9.761   0.503   8.511   1.00 19.47 ? 53   LEU B CD1 1 
ATOM   960  C  CD2 . LEU B 1 53 ? 11.152  2.089   9.860   1.00 20.28 ? 53   LEU B CD2 1 
ATOM   961  N  N   . ASN B 1 54 ? 11.571  5.388   5.539   1.00 20.70 ? 54   ASN B N   1 
ATOM   962  C  CA  . ASN B 1 54 ? 12.275  5.854   4.347   1.00 21.51 ? 54   ASN B CA  1 
ATOM   963  C  C   . ASN B 1 54 ? 12.583  4.735   3.370   1.00 21.90 ? 54   ASN B C   1 
ATOM   964  O  O   . ASN B 1 54 ? 13.695  4.640   2.856   1.00 21.33 ? 54   ASN B O   1 
ATOM   965  C  CB  . ASN B 1 54 ? 13.545  6.596   4.745   1.00 22.05 ? 54   ASN B CB  1 
ATOM   966  C  CG  . ASN B 1 54 ? 13.258  7.731   5.692   1.00 24.05 ? 54   ASN B CG  1 
ATOM   967  O  OD1 . ASN B 1 54 ? 12.715  8.754   5.283   1.00 28.91 ? 54   ASN B OD1 1 
ATOM   968  N  ND2 . ASN B 1 54 ? 13.601  7.554   6.971   1.00 28.98 ? 54   ASN B ND2 1 
ATOM   969  N  N   . THR B 1 55 ? 11.574  3.907   3.121   1.00 21.23 ? 55   THR B N   1 
ATOM   970  C  CA  . THR B 1 55 ? 11.701  2.703   2.311   1.00 21.92 ? 55   THR B CA  1 
ATOM   971  C  C   . THR B 1 55 ? 10.489  2.582   1.408   1.00 22.22 ? 55   THR B C   1 
ATOM   972  O  O   . THR B 1 55 ? 9.360   2.768   1.872   1.00 22.19 ? 55   THR B O   1 
ATOM   973  C  CB  . THR B 1 55 ? 11.735  1.456   3.237   1.00 21.66 ? 55   THR B CB  1 
ATOM   974  O  OG1 . THR B 1 55 ? 12.850  1.538   4.118   1.00 23.40 ? 55   THR B OG1 1 
ATOM   975  C  CG2 . THR B 1 55 ? 11.989  0.175   2.473   1.00 22.35 ? 55   THR B CG2 1 
ATOM   976  N  N   . PRO B 1 56 ? 10.686  2.242   0.136   1.00 22.79 ? 56   PRO B N   1 
ATOM   977  C  CA  . PRO B 1 56 ? 9.551   1.993   -0.753  1.00 22.39 ? 56   PRO B CA  1 
ATOM   978  C  C   . PRO B 1 56 ? 8.603   0.972   -0.138  1.00 22.08 ? 56   PRO B C   1 
ATOM   979  O  O   . PRO B 1 56 ? 9.059   -0.006  0.455   1.00 21.61 ? 56   PRO B O   1 
ATOM   980  C  CB  . PRO B 1 56 ? 10.220  1.461   -2.032  1.00 22.59 ? 56   PRO B CB  1 
ATOM   981  C  CG  . PRO B 1 56 ? 11.558  2.018   -2.010  1.00 23.27 ? 56   PRO B CG  1 
ATOM   982  C  CD  . PRO B 1 56 ? 11.972  2.064   -0.568  1.00 23.55 ? 56   PRO B CD  1 
ATOM   983  N  N   . LEU B 1 57 ? 7.302   1.202   -0.254  1.00 21.87 ? 57   LEU B N   1 
ATOM   984  C  CA  . LEU B 1 57 ? 6.327   0.366   0.411   1.00 22.22 ? 57   LEU B CA  1 
ATOM   985  C  C   . LEU B 1 57 ? 6.492   -1.101  -0.012  1.00 23.09 ? 57   LEU B C   1 
ATOM   986  O  O   . LEU B 1 57 ? 6.364   -1.988  0.814   1.00 22.25 ? 57   LEU B O   1 
ATOM   987  C  CB  . LEU B 1 57 ? 4.906   0.862   0.139   1.00 22.10 ? 57   LEU B CB  1 
ATOM   988  C  CG  . LEU B 1 57 ? 3.796   0.131   0.893   1.00 22.43 ? 57   LEU B CG  1 
ATOM   989  C  CD1 . LEU B 1 57 ? 2.598   1.032   1.106   1.00 23.94 ? 57   LEU B CD1 1 
ATOM   990  C  CD2 . LEU B 1 57 ? 3.378   -1.124  0.149   1.00 23.33 ? 57   LEU B CD2 1 
ATOM   991  N  N   . GLU B 1 58 ? 6.793   -1.342  -1.296  1.00 23.87 ? 58   GLU B N   1 
ATOM   992  C  CA  . GLU B 1 58 ? 6.901   -2.702  -1.843  1.00 24.61 ? 58   GLU B CA  1 
ATOM   993  C  C   . GLU B 1 58 ? 8.121   -3.466  -1.351  1.00 24.79 ? 58   GLU B C   1 
ATOM   994  O  O   . GLU B 1 58 ? 8.169   -4.673  -1.486  1.00 26.32 ? 58   GLU B O   1 
ATOM   995  C  CB  . GLU B 1 58 ? 6.865   -2.691  -3.389  1.00 25.45 ? 58   GLU B CB  1 
ATOM   996  C  CG  . GLU B 1 58 ? 5.485   -2.357  -3.939  1.00 26.37 ? 58   GLU B CG  1 
ATOM   997  C  CD  . GLU B 1 58 ? 5.510   -1.658  -5.298  1.00 30.00 ? 58   GLU B CD  1 
ATOM   998  O  OE1 . GLU B 1 58 ? 6.027   -0.509  -5.410  1.00 26.09 ? 58   GLU B OE1 1 
ATOM   999  O  OE2 . GLU B 1 58 ? 5.007   -2.282  -6.279  1.00 34.84 ? 58   GLU B OE2 1 
ATOM   1000 N  N   . ASP B 1 59 ? 9.108   -2.790  -0.783  1.00 24.55 ? 59   ASP B N   1 
ATOM   1001 C  CA  . ASP B 1 59 ? 10.185  -3.493  -0.116  1.00 24.60 ? 59   ASP B CA  1 
ATOM   1002 C  C   . ASP B 1 59 ? 9.758   -3.988  1.270   1.00 23.55 ? 59   ASP B C   1 
ATOM   1003 O  O   . ASP B 1 59 ? 10.414  -4.866  1.822   1.00 23.85 ? 59   ASP B O   1 
ATOM   1004 C  CB  . ASP B 1 59 ? 11.426  -2.624  0.010   1.00 25.07 ? 59   ASP B CB  1 
ATOM   1005 C  CG  . ASP B 1 59 ? 12.056  -2.268  -1.343  1.00 27.91 ? 59   ASP B CG  1 
ATOM   1006 O  OD1 . ASP B 1 59 ? 12.999  -1.484  -1.381  1.00 32.63 ? 59   ASP B OD1 1 
ATOM   1007 O  OD2 . ASP B 1 59 ? 11.533  -2.819  -2.441  1.00 30.55 ? 59   ASP B OD2 1 
ATOM   1008 N  N   . ILE B 1 60 ? 8.677   -3.423  1.828   1.00 21.90 ? 60   ILE B N   1 
ATOM   1009 C  CA  . ILE B 1 60 ? 8.172   -3.821  3.158   1.00 20.49 ? 60   ILE B CA  1 
ATOM   1010 C  C   . ILE B 1 60 ? 7.079   -4.879  3.045   1.00 20.42 ? 60   ILE B C   1 
ATOM   1011 O  O   . ILE B 1 60 ? 7.080   -5.859  3.798   1.00 19.27 ? 60   ILE B O   1 
ATOM   1012 C  CB  . ILE B 1 60 ? 7.634   -2.596  3.956   1.00 20.40 ? 60   ILE B CB  1 
ATOM   1013 C  CG1 . ILE B 1 60 ? 8.667   -1.460  3.952   1.00 19.89 ? 60   ILE B CG1 1 
ATOM   1014 C  CG2 . ILE B 1 60 ? 7.291   -3.008  5.416   1.00 21.28 ? 60   ILE B CG2 1 
ATOM   1015 C  CD1 . ILE B 1 60 ? 8.150   -0.147  4.471   1.00 20.31 ? 60   ILE B CD1 1 
ATOM   1016 N  N   . PHE B 1 61 ? 6.144   -4.661  2.121   1.00 19.94 ? 61   PHE B N   1 
ATOM   1017 C  CA  . PHE B 1 61 ? 5.041   -5.575  1.864   1.00 21.06 ? 61   PHE B CA  1 
ATOM   1018 C  C   . PHE B 1 61 ? 5.094   -6.002  0.384   1.00 22.38 ? 61   PHE B C   1 
ATOM   1019 O  O   . PHE B 1 61 ? 4.852   -5.187  -0.493  1.00 21.46 ? 61   PHE B O   1 
ATOM   1020 C  CB  . PHE B 1 61 ? 3.706   -4.899  2.163   1.00 20.06 ? 61   PHE B CB  1 
ATOM   1021 C  CG  . PHE B 1 61 ? 3.584   -4.369  3.570   1.00 21.62 ? 61   PHE B CG  1 
ATOM   1022 C  CD1 . PHE B 1 61 ? 3.821   -3.037  3.839   1.00 22.45 ? 61   PHE B CD1 1 
ATOM   1023 C  CD2 . PHE B 1 61 ? 3.215   -5.205  4.608   1.00 22.34 ? 61   PHE B CD2 1 
ATOM   1024 C  CE1 . PHE B 1 61 ? 3.701   -2.521  5.119   1.00 22.99 ? 61   PHE B CE1 1 
ATOM   1025 C  CE2 . PHE B 1 61 ? 3.095   -4.693  5.920   1.00 25.00 ? 61   PHE B CE2 1 
ATOM   1026 C  CZ  . PHE B 1 61 ? 3.341   -3.354  6.162   1.00 23.82 ? 61   PHE B CZ  1 
ATOM   1027 N  N   . GLN B 1 62 ? 5.413   -7.267  0.131   1.00 24.35 ? 62   GLN B N   1 
ATOM   1028 C  CA  . GLN B 1 62 ? 5.645   -7.771  -1.227  1.00 26.26 ? 62   GLN B CA  1 
ATOM   1029 C  C   . GLN B 1 62 ? 4.506   -8.736  -1.559  1.00 27.63 ? 62   GLN B C   1 
ATOM   1030 O  O   . GLN B 1 62 ? 4.414   -9.794  -0.951  1.00 29.24 ? 62   GLN B O   1 
ATOM   1031 C  CB  . GLN B 1 62 ? 7.024   -8.474  -1.355  0.50 26.21 ? 62   GLN B CB  1 
ATOM   1032 C  CG  . GLN B 1 62 ? 8.122   -7.972  -0.405  0.50 27.19 ? 62   GLN B CG  1 
ATOM   1033 C  CD  . GLN B 1 62 ? 9.560   -8.345  -0.830  0.50 28.41 ? 62   GLN B CD  1 
ATOM   1034 O  OE1 . GLN B 1 62 ? 10.153  -9.307  -0.304  0.50 27.14 ? 62   GLN B OE1 1 
ATOM   1035 N  NE2 . GLN B 1 62 ? 10.132  -7.556  -1.738  0.50 28.14 ? 62   GLN B NE2 1 
ATOM   1036 N  N   . TRP B 1 63 ? 3.611   -8.350  -2.470  1.00 28.14 ? 63   TRP B N   1 
ATOM   1037 C  CA  . TRP B 1 63 ? 2.552   -9.236  -2.941  1.00 28.68 ? 63   TRP B CA  1 
ATOM   1038 C  C   . TRP B 1 63 ? 3.058   -10.003 -4.169  1.00 29.65 ? 63   TRP B C   1 
ATOM   1039 O  O   . TRP B 1 63 ? 3.753   -9.443  -5.038  1.00 29.63 ? 63   TRP B O   1 
ATOM   1040 C  CB  . TRP B 1 63 ? 1.273   -8.460  -3.278  1.00 28.52 ? 63   TRP B CB  1 
ATOM   1041 C  CG  . TRP B 1 63 ? 0.155   -9.313  -3.823  1.00 27.59 ? 63   TRP B CG  1 
ATOM   1042 C  CD1 . TRP B 1 63 ? -0.776  -10.016 -3.113  1.00 28.09 ? 63   TRP B CD1 1 
ATOM   1043 C  CD2 . TRP B 1 63 ? -0.124  -9.560  -5.197  1.00 24.40 ? 63   TRP B CD2 1 
ATOM   1044 N  NE1 . TRP B 1 63 ? -1.623  -10.681 -3.969  1.00 27.52 ? 63   TRP B NE1 1 
ATOM   1045 C  CE2 . TRP B 1 63 ? -1.236  -10.423 -5.256  1.00 24.77 ? 63   TRP B CE2 1 
ATOM   1046 C  CE3 . TRP B 1 63 ? 0.474   -9.154  -6.397  1.00 24.84 ? 63   TRP B CE3 1 
ATOM   1047 C  CZ2 . TRP B 1 63 ? -1.780  -10.864 -6.463  1.00 24.07 ? 63   TRP B CZ2 1 
ATOM   1048 C  CZ3 . TRP B 1 63 ? -0.072  -9.599  -7.598  1.00 24.08 ? 63   TRP B CZ3 1 
ATOM   1049 C  CH2 . TRP B 1 63 ? -1.190  -10.440 -7.615  1.00 21.88 ? 63   TRP B CH2 1 
ATOM   1050 N  N   . GLN B 1 64 ? 2.716   -11.281 -4.202  1.00 30.59 ? 64   GLN B N   1 
ATOM   1051 C  CA  . GLN B 1 64 ? 3.045   -12.190 -5.298  1.00 32.53 ? 64   GLN B CA  1 
ATOM   1052 C  C   . GLN B 1 64 ? 1.742   -12.889 -5.712  1.00 32.36 ? 64   GLN B C   1 
ATOM   1053 O  O   . GLN B 1 64 ? 0.998   -13.359 -4.834  1.00 33.31 ? 64   GLN B O   1 
ATOM   1054 C  CB  . GLN B 1 64 ? 4.034   -13.270 -4.837  1.00 33.01 ? 64   GLN B CB  1 
ATOM   1055 C  CG  . GLN B 1 64 ? 5.168   -12.810 -3.914  1.00 35.78 ? 64   GLN B CG  1 
ATOM   1056 C  CD  . GLN B 1 64 ? 6.397   -12.392 -4.679  1.00 39.72 ? 64   GLN B CD  1 
ATOM   1057 O  OE1 . GLN B 1 64 ? 6.878   -13.136 -5.542  1.00 45.10 ? 64   GLN B OE1 1 
ATOM   1058 N  NE2 . GLN B 1 64 ? 6.907   -11.204 -4.389  1.00 42.18 ? 64   GLN B NE2 1 
ATOM   1059 N  N   . PRO B 1 65 ? 1.426   -12.953 -7.000  1.00 32.34 ? 65   PRO B N   1 
ATOM   1060 C  CA  . PRO B 1 65 ? 0.259   -13.741 -7.431  1.00 32.82 ? 65   PRO B CA  1 
ATOM   1061 C  C   . PRO B 1 65 ? 0.463   -15.237 -7.157  1.00 33.39 ? 65   PRO B C   1 
ATOM   1062 O  O   . PRO B 1 65 ? 1.598   -15.692 -7.134  1.00 33.32 ? 65   PRO B O   1 
ATOM   1063 C  CB  . PRO B 1 65 ? 0.154   -13.469 -8.944  1.00 32.74 ? 65   PRO B CB  1 
ATOM   1064 C  CG  . PRO B 1 65 ? 1.177   -12.451 -9.290  1.00 32.61 ? 65   PRO B CG  1 
ATOM   1065 C  CD  . PRO B 1 65 ? 2.081   -12.257 -8.115  1.00 32.44 ? 65   PRO B CD  1 
ATOM   1066 N  N   . GLU B 1 66 ? -0.622  -15.988 -7.005  1.00 34.20 ? 66   GLU B N   1 
ATOM   1067 C  CA  . GLU B 1 66 ? -0.565  -17.433 -6.715  1.00 34.14 ? 66   GLU B CA  1 
ATOM   1068 C  C   . GLU B 1 66 ? 0.001   -17.679 -5.317  0.10 34.17 ? 66   GLU B C   1 
ATOM   1069 O  O   . GLU B 1 66 ? -0.374  -17.005 -4.356  0.10 34.19 ? 66   GLU B O   1 
ATOM   1070 C  CB  . GLU B 1 66 ? 0.233   -18.260 -7.776  1.00 34.25 ? 66   GLU B CB  1 
ATOM   1071 C  CG  . GLU B 1 66 ? 0.500   -17.611 -9.138  1.00 32.25 ? 66   GLU B CG  1 
ATOM   1072 C  CD  . GLU B 1 66 ? 1.983   -17.434 -9.401  1.00 30.39 ? 66   GLU B CD  1 
ATOM   1073 O  OE1 . GLU B 1 66 ? 2.422   -17.419 -10.546 1.00 22.49 ? 66   GLU B OE1 1 
ATOM   1074 O  OE2 . GLU B 1 66 ? 2.742   -17.294 -8.422  0.50 33.37 ? 66   GLU B OE2 1 
HETATM 1075 I  I   . IOD C 2 .  ? -18.550 4.073   -8.246  0.30 46.09 ? 1067 IOD A I   1 
HETATM 1076 I  I   . IOD D 2 .  ? -18.867 1.319   -12.857 0.30 37.49 ? 1068 IOD A I   1 
HETATM 1077 I  I   A IOD E 2 .  ? -7.056  -8.010  -4.116  0.20 26.34 ? 1069 IOD A I   1 
HETATM 1078 I  I   B IOD E 2 .  ? -7.932  -7.721  -3.856  0.50 27.17 ? 1069 IOD A I   1 
HETATM 1079 I  I   . IOD F 2 .  ? 2.299   5.506   -17.368 0.30 37.70 ? 1070 IOD A I   1 
HETATM 1080 I  I   A IOD G 2 .  ? 8.597   10.741  1.073   0.20 36.15 ? 1072 IOD A I   1 
HETATM 1081 I  I   B IOD G 2 .  ? 10.402  11.831  1.707   0.30 38.14 ? 1072 IOD A I   1 
HETATM 1082 I  I   A IOD H 2 .  ? 12.219  -2.500  19.838  0.30 40.59 ? 1067 IOD B I   1 
HETATM 1083 I  I   B IOD H 2 .  ? 11.799  -3.761  19.746  0.30 36.01 ? 1067 IOD B I   1 
HETATM 1084 I  I   C IOD H 2 .  ? 10.622  -4.932  19.973  0.20 40.85 ? 1067 IOD B I   1 
HETATM 1085 I  I   A IOD I 2 .  ? 16.176  -1.649  16.336  0.30 41.74 ? 1068 IOD B I   1 
HETATM 1086 I  I   B IOD I 2 .  ? 16.174  -0.161  18.902  0.20 46.03 ? 1068 IOD B I   1 
HETATM 1087 I  I   C IOD I 2 .  ? 15.715  -1.484  17.717  0.30 47.38 ? 1068 IOD B I   1 
HETATM 1088 I  I   . IOD J 2 .  ? -3.883  5.877   9.192   0.50 39.69 ? 1069 IOD B I   1 
HETATM 1089 NA NA  . NA  K 3 .  ? 6.761   0.652   -3.537  1.00 35.62 ? 1074 NA  B NA  1 
HETATM 1090 I  I   . IOD L 2 .  ? 2.217   -14.954 16.158  0.40 33.56 ? 1075 IOD B I   1 
HETATM 1091 O  O   . HOH M 4 .  ? -7.430  10.935  5.786   1.00 49.02 ? 2001 HOH A O   1 
HETATM 1092 O  O   . HOH M 4 .  ? -6.212  13.282  6.141   1.00 49.11 ? 2002 HOH A O   1 
HETATM 1093 O  O   . HOH M 4 .  ? -6.861  8.609   -3.262  1.00 33.13 ? 2003 HOH A O   1 
HETATM 1094 O  O   . HOH M 4 .  ? -7.566  9.593   1.447   1.00 26.53 ? 2004 HOH A O   1 
HETATM 1095 O  O   . HOH M 4 .  ? -8.032  12.405  -15.762 1.00 66.29 ? 2005 HOH A O   1 
HETATM 1096 O  O   . HOH M 4 .  ? -7.279  8.700   -10.293 1.00 20.66 ? 2006 HOH A O   1 
HETATM 1097 O  O   . HOH M 4 .  ? -5.618  12.876  -8.247  1.00 40.99 ? 2007 HOH A O   1 
HETATM 1098 O  O   . HOH M 4 .  ? -6.951  12.224  -12.933 1.00 38.88 ? 2008 HOH A O   1 
HETATM 1099 O  O   . HOH M 4 .  ? -5.965  13.223  -20.019 1.00 51.12 ? 2009 HOH A O   1 
HETATM 1100 O  O   . HOH M 4 .  ? 2.279   2.759   -21.955 1.00 44.47 ? 2010 HOH A O   1 
HETATM 1101 O  O   . HOH M 4 .  ? -1.972  9.860   -23.829 1.00 42.32 ? 2011 HOH A O   1 
HETATM 1102 O  O   . HOH M 4 .  ? 1.638   8.480   -23.350 1.00 62.66 ? 2012 HOH A O   1 
HETATM 1103 O  O   . HOH M 4 .  ? 6.278   0.724   -18.434 1.00 61.49 ? 2013 HOH A O   1 
HETATM 1104 O  O   . HOH M 4 .  ? 3.170   4.671   -19.301 1.00 37.25 ? 2014 HOH A O   1 
HETATM 1105 O  O   . HOH M 4 .  ? -16.500 -5.175  -15.985 1.00 33.23 ? 2015 HOH A O   1 
HETATM 1106 O  O   . HOH M 4 .  ? -5.493  10.343  -12.021 1.00 18.01 ? 2016 HOH A O   1 
HETATM 1107 O  O   . HOH M 4 .  ? -3.354  9.754   -18.936 1.00 25.77 ? 2017 HOH A O   1 
HETATM 1108 O  O   . HOH M 4 .  ? 0.697   9.414   -15.825 1.00 40.27 ? 2018 HOH A O   1 
HETATM 1109 O  O   . HOH M 4 .  ? -13.448 -10.472 -12.992 1.00 49.91 ? 2019 HOH A O   1 
HETATM 1110 O  O   . HOH M 4 .  ? -4.008  -14.068 -13.727 1.00 37.37 ? 2020 HOH A O   1 
HETATM 1111 O  O   . HOH M 4 .  ? -10.789 10.440  -19.228 1.00 35.23 ? 2021 HOH A O   1 
HETATM 1112 O  O   . HOH M 4 .  ? -5.788  10.592  -19.902 1.00 36.80 ? 2022 HOH A O   1 
HETATM 1113 O  O   . HOH M 4 .  ? -10.761 6.966   -17.799 1.00 31.81 ? 2023 HOH A O   1 
HETATM 1114 O  O   . HOH M 4 .  ? -20.643 -4.663  -10.020 1.00 35.89 ? 2024 HOH A O   1 
HETATM 1115 O  O   . HOH M 4 .  ? -19.839 -0.708  -13.457 1.00 44.11 ? 2025 HOH A O   1 
HETATM 1116 O  O   . HOH M 4 .  ? 0.675   3.104   -24.087 1.00 43.08 ? 2026 HOH A O   1 
HETATM 1117 O  O   . HOH M 4 .  ? -0.817  7.096   -23.934 1.00 37.19 ? 2027 HOH A O   1 
HETATM 1118 O  O   . HOH M 4 .  ? 4.971   1.249   -16.162 1.00 22.07 ? 2028 HOH A O   1 
HETATM 1119 O  O   . HOH M 4 .  ? 0.195   0.092   -22.310 1.00 26.85 ? 2029 HOH A O   1 
HETATM 1120 O  O   . HOH M 4 .  ? 4.216   -0.315  -20.042 1.00 52.95 ? 2030 HOH A O   1 
HETATM 1121 O  O   . HOH M 4 .  ? 3.537   2.517   -19.667 1.00 26.67 ? 2031 HOH A O   1 
HETATM 1122 O  O   . HOH M 4 .  ? -9.229  12.562  -11.900 1.00 45.43 ? 2032 HOH A O   1 
HETATM 1123 O  O   . HOH M 4 .  ? -4.810  7.521   -23.443 1.00 25.79 ? 2033 HOH A O   1 
HETATM 1124 O  O   . HOH M 4 .  ? -19.525 4.575   -3.194  1.00 39.23 ? 2034 HOH A O   1 
HETATM 1125 O  O   . HOH M 4 .  ? -8.600  -6.875  3.369   1.00 62.85 ? 2035 HOH A O   1 
HETATM 1126 O  O   . HOH M 4 .  ? -14.241 -6.732  -16.210 1.00 28.28 ? 2036 HOH A O   1 
HETATM 1127 O  O   . HOH M 4 .  ? -16.110 -2.142  -20.783 1.00 24.01 ? 2037 HOH A O   1 
HETATM 1128 O  O   . HOH M 4 .  ? 3.914   6.993   -13.272 1.00 49.78 ? 2038 HOH A O   1 
HETATM 1129 O  O   . HOH M 4 .  ? 0.382   10.017  -12.848 1.00 44.28 ? 2039 HOH A O   1 
HETATM 1130 O  O   . HOH M 4 .  ? 3.961   10.921  -9.956  1.00 57.99 ? 2040 HOH A O   1 
HETATM 1131 O  O   . HOH M 4 .  ? -11.359 -11.688 -13.770 1.00 31.43 ? 2041 HOH A O   1 
HETATM 1132 O  O   . HOH M 4 .  ? -8.048  -13.269 -14.798 1.00 34.68 ? 2042 HOH A O   1 
HETATM 1133 O  O   . HOH M 4 .  ? -5.887  -12.221 -13.883 1.00 40.92 ? 2043 HOH A O   1 
HETATM 1134 O  O   . HOH M 4 .  ? -5.618  -10.856 -10.206 1.00 24.49 ? 2044 HOH A O   1 
HETATM 1135 O  O   . HOH M 4 .  ? -5.928  -14.644 -12.652 1.00 51.35 ? 2045 HOH A O   1 
HETATM 1136 O  O   . HOH M 4 .  ? -12.524 -14.054 -9.998  1.00 55.37 ? 2046 HOH A O   1 
HETATM 1137 O  O   . HOH M 4 .  ? -14.044 -7.894  -13.273 1.00 35.76 ? 2047 HOH A O   1 
HETATM 1138 O  O   . HOH M 4 .  ? -18.487 -4.039  -6.568  1.00 31.95 ? 2048 HOH A O   1 
HETATM 1139 O  O   . HOH M 4 .  ? -18.600 -2.885  -17.893 1.00 50.95 ? 2049 HOH A O   1 
HETATM 1140 O  O   . HOH M 4 .  ? -17.454 -5.518  -13.271 1.00 29.54 ? 2050 HOH A O   1 
HETATM 1141 O  O   . HOH M 4 .  ? -22.203 0.048   -10.210 1.00 46.04 ? 2051 HOH A O   1 
HETATM 1142 O  O   . HOH M 4 .  ? -20.767 -3.826  -7.597  1.00 39.17 ? 2052 HOH A O   1 
HETATM 1143 O  O   . HOH M 4 .  ? -19.033 -3.296  -11.629 1.00 22.44 ? 2053 HOH A O   1 
HETATM 1144 O  O   . HOH M 4 .  ? -14.654 -5.940  -6.148  1.00 28.24 ? 2054 HOH A O   1 
HETATM 1145 O  O   . HOH M 4 .  ? -19.443 2.691   -10.149 1.00 54.06 ? 2055 HOH A O   1 
HETATM 1146 O  O   . HOH M 4 .  ? -12.389 7.486   -13.871 1.00 27.60 ? 2056 HOH A O   1 
HETATM 1147 O  O   . HOH M 4 .  ? -9.260  10.611  -10.367 1.00 38.63 ? 2057 HOH A O   1 
HETATM 1148 O  O   . HOH M 4 .  ? -12.929 12.870  -9.475  1.00 51.30 ? 2058 HOH A O   1 
HETATM 1149 O  O   . HOH M 4 .  ? -12.851 10.338  -13.007 1.00 52.19 ? 2059 HOH A O   1 
HETATM 1150 O  O   . HOH M 4 .  ? -16.199 11.734  -6.680  1.00 45.74 ? 2060 HOH A O   1 
HETATM 1151 O  O   . HOH M 4 .  ? -8.111  12.151  -8.645  1.00 61.76 ? 2061 HOH A O   1 
HETATM 1152 O  O   . HOH M 4 .  ? -6.951  11.414  -5.327  1.00 27.87 ? 2062 HOH A O   1 
HETATM 1153 O  O   . HOH M 4 .  ? -16.576 9.289   -0.310  1.00 57.97 ? 2063 HOH A O   1 
HETATM 1154 O  O   . HOH M 4 .  ? -18.092 2.940   -5.041  1.00 27.18 ? 2064 HOH A O   1 
HETATM 1155 O  O   . HOH M 4 .  ? -17.246 1.403   -5.209  1.00 33.72 ? 2065 HOH A O   1 
HETATM 1156 O  O   . HOH M 4 .  ? -16.861 -0.881  -4.943  1.00 45.08 ? 2066 HOH A O   1 
HETATM 1157 O  O   . HOH M 4 .  ? -9.465  6.587   -3.892  1.00 33.96 ? 2067 HOH A O   1 
HETATM 1158 O  O   . HOH M 4 .  ? -11.448 4.832   2.137   1.00 33.77 ? 2068 HOH A O   1 
HETATM 1159 O  O   . HOH M 4 .  ? -6.945  5.996   -3.141  1.00 34.76 ? 2069 HOH A O   1 
HETATM 1160 O  O   . HOH M 4 .  ? -9.329  8.676   -2.414  1.00 48.03 ? 2070 HOH A O   1 
HETATM 1161 O  O   . HOH M 4 .  ? -6.898  0.449   2.917   1.00 17.31 ? 2071 HOH A O   1 
HETATM 1162 O  O   . HOH M 4 .  ? -8.484  -6.745  -0.501  1.00 42.99 ? 2072 HOH A O   1 
HETATM 1163 O  O   . HOH M 4 .  ? -10.335 -2.916  -1.756  1.00 19.43 ? 2073 HOH A O   1 
HETATM 1164 O  O   . HOH M 4 .  ? -4.455  -10.063 2.081   1.00 53.87 ? 2074 HOH A O   1 
HETATM 1165 O  O   . HOH M 4 .  ? -5.132  -6.176  2.730   1.00 21.05 ? 2075 HOH A O   1 
HETATM 1166 O  O   . HOH M 4 .  ? -2.653  -12.337 -0.704  1.00 28.54 ? 2076 HOH A O   1 
HETATM 1167 O  O   . HOH M 4 .  ? 3.189   -4.575  -5.673  1.00 21.09 ? 2077 HOH A O   1 
HETATM 1168 O  O   . HOH M 4 .  ? 5.305   -12.338 -8.557  1.00 34.63 ? 2078 HOH A O   1 
HETATM 1169 O  O   . HOH M 4 .  ? 4.888   -6.654  -13.597 1.00 48.16 ? 2079 HOH A O   1 
HETATM 1170 O  O   . HOH M 4 .  ? 5.650   -5.000  -11.426 1.00 45.21 ? 2080 HOH A O   1 
HETATM 1171 O  O   . HOH M 4 .  ? 2.838   -5.867  -15.721 1.00 17.34 ? 2081 HOH A O   1 
HETATM 1172 O  O   . HOH M 4 .  ? -3.179  -11.958 -10.079 1.00 19.57 ? 2082 HOH A O   1 
HETATM 1173 O  O   . HOH M 4 .  ? -1.742  -12.931 -14.169 1.00 17.11 ? 2083 HOH A O   1 
HETATM 1174 O  O   . HOH M 4 .  ? 9.018   -1.659  -18.143 1.00 62.57 ? 2084 HOH A O   1 
HETATM 1175 O  O   . HOH M 4 .  ? 8.470   1.502   -13.184 1.00 50.14 ? 2085 HOH A O   1 
HETATM 1176 O  O   . HOH M 4 .  ? 4.996   -1.753  -18.279 1.00 40.14 ? 2086 HOH A O   1 
HETATM 1177 O  O   . HOH M 4 .  ? 3.520   4.532   -14.705 1.00 31.66 ? 2087 HOH A O   1 
HETATM 1178 O  O   . HOH M 4 .  ? 9.517   5.532   -2.028  1.00 47.24 ? 2088 HOH A O   1 
HETATM 1179 O  O   . HOH M 4 .  ? 8.660   4.264   -4.407  1.00 28.32 ? 2089 HOH A O   1 
HETATM 1180 O  O   . HOH M 4 .  ? 6.313   5.510   0.268   1.00 34.19 ? 2090 HOH A O   1 
HETATM 1181 O  O   . HOH M 4 .  ? 8.089   6.791   -5.805  1.00 58.42 ? 2091 HOH A O   1 
HETATM 1182 O  O   . HOH M 4 .  ? 2.324   9.091   -10.946 1.00 39.67 ? 2092 HOH A O   1 
HETATM 1183 O  O   . HOH M 4 .  ? 6.277   6.475   -12.242 1.00 40.42 ? 2093 HOH A O   1 
HETATM 1184 O  O   . HOH M 4 .  ? 1.795   13.878  -3.679  1.00 28.21 ? 2094 HOH A O   1 
HETATM 1185 O  O   . HOH M 4 .  ? 5.404   10.270  -4.910  1.00 60.05 ? 2095 HOH A O   1 
HETATM 1186 O  O   . HOH M 4 .  ? 3.158   8.035   -0.225  1.00 25.07 ? 2096 HOH A O   1 
HETATM 1187 O  O   . HOH M 4 .  ? 4.006   10.967  -0.527  1.00 32.21 ? 2097 HOH A O   1 
HETATM 1188 O  O   . HOH M 4 .  ? -2.947  11.355  7.395   1.00 23.64 ? 2098 HOH A O   1 
HETATM 1189 O  O   . HOH M 4 .  ? -2.496  13.712  4.855   1.00 26.79 ? 2099 HOH A O   1 
HETATM 1190 O  O   . HOH M 4 .  ? 3.150   14.439  12.276  1.00 19.18 ? 2100 HOH A O   1 
HETATM 1191 O  O   . HOH M 4 .  ? -1.117  11.521  9.918   1.00 33.88 ? 2101 HOH A O   1 
HETATM 1192 O  O   . HOH M 4 .  ? 2.507   11.466  10.787  1.00 16.94 ? 2102 HOH A O   1 
HETATM 1193 O  O   . HOH N 4 .  ? 4.091   -14.207 -1.154  1.00 61.80 ? 2001 HOH B O   1 
HETATM 1194 O  O   . HOH N 4 .  ? -0.801  -13.647 2.325   1.00 48.36 ? 2002 HOH B O   1 
HETATM 1195 O  O   . HOH N 4 .  ? 16.668  -5.181  5.532   1.00 32.43 ? 2003 HOH B O   1 
HETATM 1196 O  O   . HOH N 4 .  ? 5.972   -12.630 5.743   1.00 38.59 ? 2004 HOH B O   1 
HETATM 1197 O  O   . HOH N 4 .  ? 11.374  -10.999 10.841  1.00 45.48 ? 2005 HOH B O   1 
HETATM 1198 O  O   . HOH N 4 .  ? 18.301  -7.009  6.720   1.00 51.96 ? 2006 HOH B O   1 
HETATM 1199 O  O   . HOH N 4 .  ? 9.128   10.221  18.264  1.00 51.42 ? 2007 HOH B O   1 
HETATM 1200 O  O   . HOH N 4 .  ? -1.779  4.810   20.964  1.00 55.25 ? 2008 HOH B O   1 
HETATM 1201 O  O   . HOH N 4 .  ? -0.859  2.153   25.673  1.00 57.02 ? 2009 HOH B O   1 
HETATM 1202 O  O   . HOH N 4 .  ? 11.013  -10.835 6.154   1.00 41.77 ? 2010 HOH B O   1 
HETATM 1203 O  O   . HOH N 4 .  ? 17.033  -1.886  5.043   1.00 47.18 ? 2011 HOH B O   1 
HETATM 1204 O  O   . HOH N 4 .  ? 9.751   8.331   20.614  1.00 47.63 ? 2012 HOH B O   1 
HETATM 1205 O  O   . HOH N 4 .  ? 10.621  -9.081  8.859   1.00 23.81 ? 2013 HOH B O   1 
HETATM 1206 O  O   . HOH N 4 .  ? 17.532  -6.605  10.041  1.00 39.52 ? 2014 HOH B O   1 
HETATM 1207 O  O   . HOH N 4 .  ? 1.411   7.697   20.142  1.00 50.59 ? 2015 HOH B O   1 
HETATM 1208 O  O   . HOH N 4 .  ? 6.699   11.538  17.835  1.00 37.16 ? 2016 HOH B O   1 
HETATM 1209 O  O   . HOH N 4 .  ? 1.321   -1.214  23.948  1.00 30.45 ? 2017 HOH B O   1 
HETATM 1210 O  O   . HOH N 4 .  ? -0.262  3.241   23.311  1.00 60.81 ? 2018 HOH B O   1 
HETATM 1211 O  O   . HOH N 4 .  ? 13.370  -5.948  17.189  1.00 59.88 ? 2019 HOH B O   1 
HETATM 1212 O  O   . HOH N 4 .  ? 18.116  -3.025  16.169  1.00 47.39 ? 2020 HOH B O   1 
HETATM 1213 O  O   . HOH N 4 .  ? 8.934   -10.889 17.261  1.00 62.66 ? 2021 HOH B O   1 
HETATM 1214 O  O   . HOH N 4 .  ? 18.238  5.244   12.992  1.00 42.50 ? 2022 HOH B O   1 
HETATM 1215 O  O   . HOH N 4 .  ? 17.326  5.948   6.182   1.00 48.70 ? 2023 HOH B O   1 
HETATM 1216 O  O   . HOH N 4 .  ? 16.753  4.472   3.933   1.00 49.12 ? 2024 HOH B O   1 
HETATM 1217 O  O   . HOH N 4 .  ? 19.153  0.814   5.894   1.00 43.72 ? 2025 HOH B O   1 
HETATM 1218 O  O   . HOH N 4 .  ? 11.558  3.355   22.686  1.00 74.25 ? 2026 HOH B O   1 
HETATM 1219 O  O   . HOH N 4 .  ? 9.195   -5.557  21.259  1.00 36.20 ? 2027 HOH B O   1 
HETATM 1220 O  O   . HOH N 4 .  ? 5.186   9.758   1.552   1.00 37.53 ? 2028 HOH B O   1 
HETATM 1221 O  O   . HOH N 4 .  ? -3.180  4.960   11.088  1.00 37.15 ? 2029 HOH B O   1 
HETATM 1222 O  O   . HOH N 4 .  ? 4.938   4.051   21.433  1.00 34.45 ? 2030 HOH B O   1 
HETATM 1223 O  O   . HOH N 4 .  ? 4.998   1.916   23.498  1.00 48.17 ? 2031 HOH B O   1 
HETATM 1224 O  O   . HOH N 4 .  ? 9.320   6.385   22.075  1.00 55.16 ? 2032 HOH B O   1 
HETATM 1225 O  O   . HOH N 4 .  ? 13.635  7.988   20.351  1.00 58.34 ? 2033 HOH B O   1 
HETATM 1226 O  O   . HOH N 4 .  ? 15.060  5.520   17.042  1.00 50.78 ? 2034 HOH B O   1 
HETATM 1227 O  O   . HOH N 4 .  ? 12.737  7.697   0.227   1.00 52.60 ? 2035 HOH B O   1 
HETATM 1228 O  O   . HOH N 4 .  ? 7.663   -1.193  -10.311 1.00 50.90 ? 2036 HOH B O   1 
HETATM 1229 O  O   . HOH N 4 .  ? 10.453  2.618   -5.833  1.00 49.35 ? 2037 HOH B O   1 
HETATM 1230 O  O   . HOH N 4 .  ? 14.298  -6.706  3.938   1.00 30.08 ? 2038 HOH B O   1 
HETATM 1231 O  O   . HOH N 4 .  ? 4.177   11.532  16.268  1.00 45.60 ? 2039 HOH B O   1 
HETATM 1232 O  O   . HOH N 4 .  ? 2.733   9.608   19.290  1.00 31.77 ? 2040 HOH B O   1 
HETATM 1233 O  O   . HOH N 4 .  ? -2.909  13.650  15.637  1.00 47.63 ? 2041 HOH B O   1 
HETATM 1234 O  O   . HOH N 4 .  ? -2.314  12.308  12.317  1.00 34.67 ? 2042 HOH B O   1 
HETATM 1235 O  O   . HOH N 4 .  ? 1.236   9.996   12.683  1.00 17.69 ? 2043 HOH B O   1 
HETATM 1236 O  O   . HOH N 4 .  ? -4.611  4.979   16.322  1.00 52.70 ? 2044 HOH B O   1 
HETATM 1237 O  O   . HOH N 4 .  ? -2.251  10.865  18.488  1.00 44.32 ? 2045 HOH B O   1 
HETATM 1238 O  O   . HOH N 4 .  ? 2.291   4.881   20.394  1.00 33.05 ? 2046 HOH B O   1 
HETATM 1239 O  O   . HOH N 4 .  ? -1.606  -1.127  23.501  1.00 44.32 ? 2047 HOH B O   1 
HETATM 1240 O  O   . HOH N 4 .  ? 3.746   -0.859  25.457  1.00 27.67 ? 2048 HOH B O   1 
HETATM 1241 O  O   . HOH N 4 .  ? 1.674   1.647   22.648  1.00 28.03 ? 2049 HOH B O   1 
HETATM 1242 O  O   . HOH N 4 .  ? 0.027   -8.320  21.627  1.00 21.98 ? 2050 HOH B O   1 
HETATM 1243 O  O   . HOH N 4 .  ? -3.185  -4.007  17.486  1.00 19.91 ? 2051 HOH B O   1 
HETATM 1244 O  O   . HOH N 4 .  ? -3.278  0.970   17.368  1.00 23.28 ? 2052 HOH B O   1 
HETATM 1245 O  O   . HOH N 4 .  ? 7.956   -8.378  16.385  1.00 41.15 ? 2053 HOH B O   1 
HETATM 1246 O  O   . HOH N 4 .  ? 1.219   -7.685  19.316  1.00 23.67 ? 2054 HOH B O   1 
HETATM 1247 O  O   . HOH N 4 .  ? 7.854   -8.513  9.725   1.00 20.30 ? 2055 HOH B O   1 
HETATM 1248 O  O   . HOH N 4 .  ? 8.637   -11.375 12.102  1.00 53.10 ? 2056 HOH B O   1 
HETATM 1249 O  O   . HOH N 4 .  ? 0.701   -14.824 13.251  1.00 51.72 ? 2057 HOH B O   1 
HETATM 1250 O  O   . HOH N 4 .  ? -0.857  -15.136 9.314   1.00 50.13 ? 2058 HOH B O   1 
HETATM 1251 O  O   . HOH N 4 .  ? -1.632  -10.902 7.957   1.00 42.01 ? 2059 HOH B O   1 
HETATM 1252 O  O   . HOH N 4 .  ? -5.785  -11.530 10.411  1.00 18.78 ? 2060 HOH B O   1 
HETATM 1253 O  O   . HOH N 4 .  ? -3.549  -14.036 11.558  1.00 22.70 ? 2061 HOH B O   1 
HETATM 1254 O  O   . HOH N 4 .  ? 2.458   -11.077 19.987  1.00 24.54 ? 2062 HOH B O   1 
HETATM 1255 O  O   . HOH N 4 .  ? 0.875   -8.426  8.317   1.00 51.67 ? 2063 HOH B O   1 
HETATM 1256 O  O   . HOH N 4 .  ? 1.728   -8.850  5.632   1.00 51.16 ? 2064 HOH B O   1 
HETATM 1257 O  O   . HOH N 4 .  ? -6.166  -5.927  7.051   1.00 36.01 ? 2065 HOH B O   1 
HETATM 1258 O  O   . HOH N 4 .  ? -2.126  -11.431 3.872   1.00 41.78 ? 2066 HOH B O   1 
HETATM 1259 O  O   . HOH N 4 .  ? -5.393  -3.193  4.100   1.00 18.69 ? 2067 HOH B O   1 
HETATM 1260 O  O   . HOH N 4 .  ? -6.440  4.192   8.093   1.00 34.75 ? 2068 HOH B O   1 
HETATM 1261 O  O   . HOH N 4 .  ? 4.623   6.738   1.792   1.00 19.20 ? 2069 HOH B O   1 
HETATM 1262 O  O   . HOH N 4 .  ? -1.150  6.337   11.494  1.00 42.63 ? 2070 HOH B O   1 
HETATM 1263 O  O   . HOH N 4 .  ? 10.344  10.159  7.389   1.00 21.94 ? 2071 HOH B O   1 
HETATM 1264 O  O   . HOH N 4 .  ? 10.281  8.721   3.415   1.00 31.36 ? 2072 HOH B O   1 
HETATM 1265 O  O   . HOH N 4 .  ? 11.807  8.664   9.488   1.00 32.27 ? 2073 HOH B O   1 
HETATM 1266 O  O   . HOH N 4 .  ? 12.468  9.501   2.333   1.00 37.32 ? 2074 HOH B O   1 
HETATM 1267 O  O   . HOH N 4 .  ? 13.816  5.484   8.793   1.00 46.96 ? 2075 HOH B O   1 
HETATM 1268 O  O   . HOH N 4 .  ? 8.460   5.495   1.046   1.00 28.03 ? 2076 HOH B O   1 
HETATM 1269 O  O   . HOH N 4 .  ? 11.614  5.598   -0.734  1.00 55.42 ? 2077 HOH B O   1 
HETATM 1270 O  O   . HOH N 4 .  ? 7.394   -6.425  -4.079  1.00 61.93 ? 2078 HOH B O   1 
HETATM 1271 O  O   . HOH N 4 .  ? 9.214   0.327   -5.688  1.00 48.23 ? 2079 HOH B O   1 
HETATM 1272 O  O   . HOH N 4 .  ? 5.589   -1.703  -8.462  1.00 37.06 ? 2080 HOH B O   1 
HETATM 1273 O  O   . HOH N 4 .  ? 13.278  -5.312  1.759   1.00 37.55 ? 2081 HOH B O   1 
HETATM 1274 O  O   . HOH N 4 .  ? 11.156  -1.239  -4.953  1.00 54.75 ? 2082 HOH B O   1 
HETATM 1275 O  O   . HOH N 4 .  ? 14.291  -0.744  -3.320  1.00 48.87 ? 2083 HOH B O   1 
HETATM 1276 O  O   . HOH N 4 .  ? 10.584  -5.739  -3.577  1.00 53.08 ? 2084 HOH B O   1 
HETATM 1277 O  O   . HOH N 4 .  ? 6.298   -8.310  -5.999  1.00 48.71 ? 2085 HOH B O   1 
HETATM 1278 O  O   . HOH N 4 .  ? -4.228  -12.943 -4.050  1.00 47.80 ? 2086 HOH B O   1 
HETATM 1279 O  O   . HOH N 4 .  ? 4.305   -6.152  -4.032  1.00 31.13 ? 2087 HOH B O   1 
HETATM 1280 O  O   . HOH N 4 .  ? 7.209   -10.332 -7.389  1.00 52.67 ? 2088 HOH B O   1 
HETATM 1281 O  O   . HOH N 4 .  ? -2.058  -14.597 -4.691  1.00 63.44 ? 2089 HOH B O   1 
HETATM 1282 O  O   . HOH N 4 .  ? 3.682   -15.003 -8.450  1.00 43.50 ? 2090 HOH B O   1 
HETATM 1283 O  O   . HOH N 4 .  ? -3.295  -14.372 -8.630  1.00 35.00 ? 2091 HOH B O   1 
# 
